data_8G0T
#
_entry.id   8G0T
#
_cell.length_a   62.682
_cell.length_b   84.785
_cell.length_c   105.471
_cell.angle_alpha   113.29
_cell.angle_beta   106.90
_cell.angle_gamma   90.96
#
_symmetry.space_group_name_H-M   'P 1'
#
loop_
_entity.id
_entity.type
_entity.pdbx_description
1 polymer 'Acetyl-coenzyme A synthetase'
2 non-polymer 1,2-ETHANEDIOL
3 non-polymer "5'-O-[(R)-(cyclopropyloxy)(hydroxy)phosphoryl]adenosine"
4 water water
#
_entity_poly.entity_id   1
_entity_poly.type   'polypeptide(L)'
_entity_poly.pdbx_seq_one_letter_code
;MHHHHHHHHENLYFQGKTEVAPGVHHVHPLPDSVPESEDLFAPPPRMQGKEGRPKPHIGPNYESYVKEWAKTVGPNSDEW
WAAKARETLDWYDDFKTVRAGGFEHGDVQWFPEGTLNAAYNCLDRHYYKNPKKTAIIYEADEPSESREVSYEELMQETCR
VANVLKSYGVKKGDAVSIYLPMTWQAAAAFLACARIGAIHSAVFAGFSAESLRDRVNDCECKVLITTDEGRRGGKTIATK
QIVDAALQQCPLVENVLVLRRTGNKVPMTEGRDKWWDEECAKMPAYCPCERMASEDPLFILYTSGSTGKPKGVVHSTAGY
LLGTALTLKYVFDAHPDDRFACMADIGWITGHSYIIYGPLANGITTAVFESTPVYPTPSRYWDFVDKWKATQLYTAPTAI
RLLRRMGEDHVKNHDLSSLRVLGSVGEPINPEAWHWYNDFAGKNQCAIVDTYWMTETGSISIAPLPGAISTKPGSATFPF
FGMDVDIIDPQTGQVLEGNDVEGVLVARRPWPSIARTVYRDHKRYLETYMKPYPGYFFFGDGAARDYDGYMWIKGRVDDV
INVSGHRLSTAEVESALILHKGVAETAVVGCADDLTGQAVYAFVTMKPEFDLKATKEADLSKELAIQVRKVIGPFAAPKK
IYLVSDLPKTRSGKIMRRVLRKIVAGEGDQLGDLSSIADPQIVEEVKQKVTGSA
;
_entity_poly.pdbx_strand_id   A,B,C
#
loop_
_chem_comp.id
_chem_comp.type
_chem_comp.name
_chem_comp.formula
EDO non-polymer 1,2-ETHANEDIOL 'C2 H6 O2'
YHK non-polymer 5'-O-[(R)-(cyclopropyloxy)(hydroxy)phosphoryl]adenosine 'C13 H18 N5 O7 P'
#
# COMPACT_ATOMS: atom_id res chain seq x y z
N HIS A 25 24.28 28.48 -48.11
CA HIS A 25 23.52 27.59 -47.22
C HIS A 25 22.03 27.71 -47.50
N HIS A 26 21.31 26.59 -47.33
CA HIS A 26 19.87 26.55 -47.56
C HIS A 26 19.07 26.93 -46.32
N VAL A 27 19.46 26.42 -45.16
CA VAL A 27 18.79 26.77 -43.90
C VAL A 27 19.33 28.11 -43.42
N HIS A 28 18.44 29.07 -43.23
CA HIS A 28 18.84 30.42 -42.85
C HIS A 28 18.37 30.75 -41.44
N PRO A 29 19.14 31.52 -40.67
CA PRO A 29 18.66 31.95 -39.35
C PRO A 29 17.42 32.81 -39.49
N LEU A 30 16.67 32.91 -38.41
CA LEU A 30 15.45 33.70 -38.44
C LEU A 30 15.78 35.15 -38.74
N PRO A 31 15.00 35.82 -39.59
CA PRO A 31 15.32 37.20 -39.99
C PRO A 31 15.58 38.11 -38.80
N ASP A 32 16.74 38.76 -38.82
CA ASP A 32 17.14 39.69 -37.77
C ASP A 32 17.77 40.92 -38.41
N SER A 33 17.67 42.06 -37.72
CA SER A 33 18.27 43.29 -38.20
C SER A 33 19.76 43.36 -37.94
N VAL A 34 20.30 42.48 -37.10
CA VAL A 34 21.70 42.49 -36.73
C VAL A 34 22.47 41.62 -37.72
N PRO A 35 23.67 42.02 -38.14
CA PRO A 35 24.48 41.13 -38.99
C PRO A 35 24.85 39.85 -38.24
N GLU A 36 25.05 38.77 -39.00
CA GLU A 36 25.34 37.48 -38.39
C GLU A 36 26.65 37.51 -37.61
N SER A 37 27.65 38.21 -38.15
CA SER A 37 28.95 38.25 -37.47
C SER A 37 28.87 38.94 -36.12
N GLU A 38 27.86 39.79 -35.90
CA GLU A 38 27.61 40.41 -34.62
C GLU A 38 26.45 39.78 -33.88
N ASP A 39 25.98 38.61 -34.32
CA ASP A 39 24.78 37.97 -33.79
C ASP A 39 25.08 36.67 -33.06
N LEU A 40 26.34 36.41 -32.73
CA LEU A 40 26.72 35.23 -31.96
C LEU A 40 27.05 35.69 -30.54
N PHE A 41 26.21 35.31 -29.59
CA PHE A 41 26.31 35.78 -28.21
C PHE A 41 26.83 34.64 -27.35
N ALA A 42 28.13 34.68 -27.04
CA ALA A 42 28.73 33.68 -26.17
C ALA A 42 28.30 33.93 -24.73
N PRO A 43 28.41 32.91 -23.88
CA PRO A 43 28.04 33.07 -22.47
C PRO A 43 28.68 34.31 -21.87
N PRO A 44 27.90 35.18 -21.23
CA PRO A 44 28.45 36.44 -20.71
C PRO A 44 29.28 36.19 -19.46
N PRO A 45 29.91 37.24 -18.91
CA PRO A 45 30.72 37.04 -17.70
C PRO A 45 29.95 36.47 -16.53
N ARG A 46 28.67 36.85 -16.35
CA ARG A 46 27.90 36.32 -15.23
C ARG A 46 27.78 34.79 -15.32
N MET A 47 27.82 34.25 -16.53
CA MET A 47 27.78 32.80 -16.74
C MET A 47 29.16 32.20 -16.93
N GLN A 48 30.21 32.94 -16.59
CA GLN A 48 31.58 32.45 -16.67
C GLN A 48 32.20 32.20 -15.31
N GLY A 49 31.45 32.39 -14.23
CA GLY A 49 32.01 32.27 -12.91
C GLY A 49 32.62 33.54 -12.36
N LYS A 50 32.41 34.67 -13.02
CA LYS A 50 32.96 35.94 -12.58
C LYS A 50 31.89 36.74 -11.86
N GLU A 51 32.26 37.95 -11.44
CA GLU A 51 31.35 38.83 -10.69
C GLU A 51 30.80 38.11 -9.45
N GLY A 52 31.59 37.19 -8.89
CA GLY A 52 31.14 36.44 -7.73
C GLY A 52 29.92 35.60 -8.00
N ARG A 53 29.71 35.18 -9.26
CA ARG A 53 28.55 34.38 -9.62
C ARG A 53 28.96 32.91 -9.75
N PRO A 54 28.05 31.98 -9.52
CA PRO A 54 28.44 30.56 -9.51
C PRO A 54 28.91 30.11 -10.88
N LYS A 55 29.98 29.32 -10.88
CA LYS A 55 30.45 28.72 -12.12
C LYS A 55 29.38 27.78 -12.67
N PRO A 56 29.07 27.84 -13.96
CA PRO A 56 28.02 26.96 -14.50
C PRO A 56 28.41 25.49 -14.42
N HIS A 57 27.39 24.65 -14.26
CA HIS A 57 27.63 23.21 -14.18
C HIS A 57 28.19 22.66 -15.49
N ILE A 58 27.89 23.32 -16.61
CA ILE A 58 28.37 22.93 -17.92
C ILE A 58 29.08 24.13 -18.54
N GLY A 59 30.32 23.94 -18.98
CA GLY A 59 31.09 24.99 -19.59
C GLY A 59 32.50 24.57 -19.90
N PRO A 60 33.28 25.47 -20.53
CA PRO A 60 32.91 26.84 -20.93
C PRO A 60 32.49 26.96 -22.38
N ASN A 61 32.51 25.87 -23.16
CA ASN A 61 32.31 25.94 -24.60
C ASN A 61 31.32 24.88 -25.05
N TYR A 62 31.03 24.89 -26.35
CA TYR A 62 30.08 23.95 -26.92
C TYR A 62 30.55 22.51 -26.77
N GLU A 63 31.85 22.27 -26.94
CA GLU A 63 32.36 20.91 -26.80
C GLU A 63 32.12 20.36 -25.40
N SER A 64 32.21 21.23 -24.39
CA SER A 64 31.97 20.78 -23.02
C SER A 64 30.52 20.35 -22.84
N TYR A 65 29.59 20.96 -23.58
CA TYR A 65 28.20 20.51 -23.55
C TYR A 65 28.03 19.18 -24.26
N VAL A 66 28.69 19.00 -25.41
CA VAL A 66 28.56 17.76 -26.16
C VAL A 66 29.22 16.61 -25.40
N LYS A 67 30.33 16.91 -24.72
CA LYS A 67 31.03 15.86 -23.98
C LYS A 67 30.11 15.21 -22.95
N GLU A 68 29.32 16.03 -22.24
CA GLU A 68 28.39 15.49 -21.26
C GLU A 68 27.11 14.99 -21.94
N TRP A 69 26.63 15.71 -22.96
CA TRP A 69 25.38 15.32 -23.60
C TRP A 69 25.46 13.93 -24.23
N ALA A 70 26.57 13.64 -24.90
CA ALA A 70 26.69 12.35 -25.58
C ALA A 70 26.68 11.18 -24.61
N LYS A 71 26.97 11.43 -23.33
CA LYS A 71 26.88 10.36 -22.33
C LYS A 71 25.43 10.02 -22.01
N THR A 72 24.50 10.93 -22.30
CA THR A 72 23.11 10.79 -21.90
C THR A 72 22.23 10.16 -22.98
N VAL A 73 22.79 9.88 -24.15
CA VAL A 73 22.04 9.28 -25.26
C VAL A 73 22.82 8.08 -25.78
N GLY A 74 22.20 7.37 -26.72
CA GLY A 74 22.76 6.16 -27.25
C GLY A 74 22.50 4.98 -26.33
N PRO A 75 22.82 3.77 -26.78
CA PRO A 75 22.58 2.57 -25.98
C PRO A 75 23.60 2.33 -24.87
N ASN A 76 24.51 3.27 -24.60
CA ASN A 76 25.50 3.10 -23.54
C ASN A 76 25.32 4.15 -22.43
N SER A 77 24.12 4.72 -22.32
CA SER A 77 23.84 5.80 -21.38
C SER A 77 23.15 5.33 -20.10
N ASP A 78 22.87 4.03 -19.96
CA ASP A 78 22.14 3.56 -18.79
C ASP A 78 22.88 3.88 -17.49
N GLU A 79 24.21 3.71 -17.48
CA GLU A 79 24.96 3.99 -16.26
C GLU A 79 24.83 5.45 -15.86
N TRP A 80 24.78 6.36 -16.85
CA TRP A 80 24.67 7.78 -16.57
C TRP A 80 23.33 8.11 -15.96
N TRP A 81 22.24 7.61 -16.56
CA TRP A 81 20.92 7.95 -16.05
C TRP A 81 20.69 7.32 -14.68
N ALA A 82 21.22 6.13 -14.44
CA ALA A 82 21.10 5.52 -13.12
C ALA A 82 21.81 6.37 -12.07
N ALA A 83 23.02 6.86 -12.39
CA ALA A 83 23.75 7.67 -11.44
C ALA A 83 23.01 8.97 -11.14
N LYS A 84 22.50 9.62 -12.19
CA LYS A 84 21.79 10.89 -11.99
C LYS A 84 20.53 10.68 -11.16
N ALA A 85 19.76 9.65 -11.49
CA ALA A 85 18.52 9.40 -10.77
C ALA A 85 18.77 9.27 -9.27
N ARG A 86 19.83 8.58 -8.88
CA ARG A 86 20.12 8.38 -7.47
C ARG A 86 20.69 9.63 -6.82
N GLU A 87 21.37 10.47 -7.59
CA GLU A 87 21.89 11.73 -7.04
C GLU A 87 20.79 12.76 -6.88
N THR A 88 19.85 12.81 -7.82
CA THR A 88 18.87 13.88 -7.85
C THR A 88 17.74 13.66 -6.86
N LEU A 89 17.28 12.42 -6.72
CA LEU A 89 16.09 12.12 -5.96
C LEU A 89 16.43 11.28 -4.74
N ASP A 90 15.54 11.35 -3.75
CA ASP A 90 15.57 10.47 -2.58
C ASP A 90 14.55 9.36 -2.82
N TRP A 91 14.99 8.12 -2.78
CA TRP A 91 14.17 6.96 -3.08
C TRP A 91 13.86 6.21 -1.79
N TYR A 92 12.59 5.80 -1.65
CA TYR A 92 12.24 4.88 -0.57
C TYR A 92 12.76 3.47 -0.86
N ASP A 93 12.57 3.00 -2.09
CA ASP A 93 13.11 1.71 -2.53
C ASP A 93 13.89 1.91 -3.81
N ASP A 94 15.08 1.32 -3.86
CA ASP A 94 15.95 1.44 -5.02
C ASP A 94 15.36 0.68 -6.21
N PHE A 95 15.80 1.06 -7.40
CA PHE A 95 15.42 0.42 -8.65
C PHE A 95 16.53 -0.50 -9.14
N LYS A 96 16.15 -1.47 -9.97
CA LYS A 96 17.09 -2.38 -10.61
C LYS A 96 17.28 -2.06 -12.10
N THR A 97 16.19 -1.89 -12.84
CA THR A 97 16.25 -1.57 -14.25
C THR A 97 16.27 -0.06 -14.44
N VAL A 98 17.00 0.39 -15.45
CA VAL A 98 17.08 1.83 -15.76
C VAL A 98 15.97 2.25 -16.71
N ARG A 99 15.86 1.58 -17.85
CA ARG A 99 14.87 1.94 -18.85
C ARG A 99 14.36 0.70 -19.55
N ALA A 100 13.15 0.81 -20.11
CA ALA A 100 12.56 -0.28 -20.88
C ALA A 100 11.37 0.29 -21.66
N GLY A 101 10.86 -0.51 -22.58
CA GLY A 101 9.74 -0.10 -23.40
C GLY A 101 10.16 0.81 -24.55
N GLY A 102 9.16 1.32 -25.25
CA GLY A 102 9.45 2.16 -26.39
C GLY A 102 8.20 2.82 -26.93
N PHE A 103 8.40 3.57 -28.02
CA PHE A 103 7.33 4.34 -28.64
C PHE A 103 6.26 3.44 -29.24
N GLU A 104 6.67 2.30 -29.80
CA GLU A 104 5.80 1.50 -30.66
C GLU A 104 4.42 1.31 -30.04
N HIS A 105 4.36 0.73 -28.84
CA HIS A 105 3.09 0.47 -28.16
C HIS A 105 2.88 1.34 -26.94
N GLY A 106 3.81 2.23 -26.60
CA GLY A 106 3.61 3.11 -25.48
C GLY A 106 3.74 2.40 -24.14
N ASP A 107 4.89 1.77 -23.91
CA ASP A 107 5.18 1.07 -22.66
C ASP A 107 6.47 1.61 -22.05
N VAL A 108 6.70 2.91 -22.19
CA VAL A 108 7.93 3.50 -21.69
C VAL A 108 8.05 3.25 -20.20
N GLN A 109 9.20 2.75 -19.77
CA GLN A 109 9.49 2.49 -18.38
C GLN A 109 10.83 3.11 -18.02
N TRP A 110 10.89 3.78 -16.88
CA TRP A 110 12.14 4.31 -16.35
C TRP A 110 12.21 3.99 -14.87
N PHE A 111 13.27 3.32 -14.44
CA PHE A 111 13.47 2.95 -13.05
C PHE A 111 12.22 2.24 -12.50
N PRO A 112 11.76 1.17 -13.18
CA PRO A 112 10.44 0.62 -12.83
C PRO A 112 10.32 0.18 -11.38
N GLU A 113 11.38 -0.39 -10.80
CA GLU A 113 11.25 -1.02 -9.49
C GLU A 113 11.34 -0.04 -8.33
N GLY A 114 11.86 1.17 -8.56
CA GLY A 114 12.04 2.11 -7.46
C GLY A 114 10.72 2.68 -6.98
N THR A 115 10.71 3.07 -5.70
CA THR A 115 9.58 3.77 -5.12
C THR A 115 10.07 5.11 -4.55
N LEU A 116 9.16 6.08 -4.52
CA LEU A 116 9.48 7.42 -4.04
C LEU A 116 8.17 8.19 -3.95
N ASN A 117 8.27 9.44 -3.45
CA ASN A 117 7.15 10.36 -3.37
C ASN A 117 7.62 11.73 -3.82
N ALA A 118 6.83 12.38 -4.69
CA ALA A 118 7.21 13.69 -5.20
C ALA A 118 7.20 14.74 -4.09
N ALA A 119 6.14 14.75 -3.26
CA ALA A 119 6.07 15.73 -2.20
C ALA A 119 7.22 15.60 -1.22
N TYR A 120 7.80 14.39 -1.09
CA TYR A 120 8.96 14.24 -0.23
C TYR A 120 10.19 14.90 -0.83
N ASN A 121 10.41 14.68 -2.13
CA ASN A 121 11.59 15.25 -2.78
C ASN A 121 11.47 16.75 -3.02
N CYS A 122 10.25 17.29 -2.98
CA CYS A 122 10.04 18.72 -3.18
C CYS A 122 9.86 19.48 -1.88
N LEU A 123 9.46 18.81 -0.79
CA LEU A 123 9.23 19.48 0.48
C LEU A 123 10.07 18.86 1.60
N ASP A 124 9.80 17.62 1.97
CA ASP A 124 10.30 17.07 3.24
C ASP A 124 11.82 17.15 3.33
N ARG A 125 12.53 16.58 2.35
CA ARG A 125 13.97 16.46 2.49
C ARG A 125 14.67 17.81 2.59
N HIS A 126 14.01 18.89 2.15
CA HIS A 126 14.55 20.22 2.33
C HIS A 126 14.13 20.84 3.65
N TYR A 127 12.90 20.55 4.10
CA TYR A 127 12.48 20.98 5.43
C TYR A 127 13.39 20.40 6.51
N TYR A 128 13.77 19.12 6.37
CA TYR A 128 14.63 18.51 7.38
C TYR A 128 16.01 19.14 7.43
N LYS A 129 16.45 19.78 6.36
CA LYS A 129 17.80 20.36 6.30
C LYS A 129 17.81 21.85 6.62
N ASN A 130 16.85 22.62 6.11
CA ASN A 130 16.75 24.06 6.40
C ASN A 130 15.30 24.47 6.29
N PRO A 131 14.55 24.41 7.40
CA PRO A 131 13.10 24.66 7.32
C PRO A 131 12.75 26.11 7.02
N LYS A 132 13.59 27.07 7.39
CA LYS A 132 13.27 28.48 7.21
C LYS A 132 13.64 29.01 5.84
N LYS A 133 14.34 28.24 5.02
CA LYS A 133 14.63 28.66 3.66
C LYS A 133 13.34 28.87 2.89
N THR A 134 13.30 29.94 2.10
CA THR A 134 12.09 30.29 1.37
C THR A 134 11.86 29.31 0.22
N ALA A 135 10.70 28.64 0.24
CA ALA A 135 10.31 27.79 -0.87
C ALA A 135 9.60 28.59 -1.96
N ILE A 136 8.69 29.48 -1.57
CA ILE A 136 7.88 30.24 -2.52
C ILE A 136 7.98 31.72 -2.18
N ILE A 137 8.37 32.52 -3.17
CA ILE A 137 8.17 33.96 -3.11
C ILE A 137 6.80 34.22 -3.71
N TYR A 138 5.83 34.60 -2.87
CA TYR A 138 4.47 34.83 -3.31
C TYR A 138 4.33 36.29 -3.71
N GLU A 139 4.32 36.55 -5.01
CA GLU A 139 4.10 37.89 -5.55
C GLU A 139 2.61 38.04 -5.80
N ALA A 140 1.92 38.72 -4.88
CA ALA A 140 0.48 38.86 -4.98
C ALA A 140 0.09 39.83 -6.09
N ASP A 141 -1.19 39.78 -6.47
CA ASP A 141 -1.69 40.68 -7.51
C ASP A 141 -1.35 42.13 -7.18
N GLU A 142 -1.64 42.56 -5.95
CA GLU A 142 -1.13 43.84 -5.47
C GLU A 142 0.28 43.63 -4.91
N PRO A 143 1.27 44.40 -5.39
CA PRO A 143 2.65 44.13 -4.97
C PRO A 143 2.88 44.21 -3.47
N SER A 144 2.07 44.99 -2.75
CA SER A 144 2.30 45.20 -1.33
C SER A 144 1.98 43.98 -0.49
N GLU A 145 1.22 43.03 -1.02
CA GLU A 145 0.83 41.84 -0.27
C GLU A 145 1.77 40.66 -0.51
N SER A 146 2.92 40.89 -1.15
CA SER A 146 3.86 39.81 -1.43
C SER A 146 4.59 39.39 -0.15
N ARG A 147 4.96 38.11 -0.09
CA ARG A 147 5.66 37.59 1.07
C ARG A 147 6.38 36.30 0.71
N GLU A 148 7.27 35.88 1.59
CA GLU A 148 8.03 34.65 1.42
C GLU A 148 7.35 33.52 2.19
N VAL A 149 7.20 32.36 1.55
CA VAL A 149 6.65 31.17 2.18
C VAL A 149 7.80 30.19 2.39
N SER A 150 8.11 29.90 3.65
CA SER A 150 9.21 29.01 3.95
C SER A 150 8.84 27.57 3.63
N TYR A 151 9.86 26.71 3.55
CA TYR A 151 9.61 25.30 3.31
C TYR A 151 8.76 24.71 4.43
N GLU A 152 8.99 25.15 5.67
CA GLU A 152 8.19 24.69 6.80
C GLU A 152 6.72 24.99 6.56
N GLU A 153 6.38 26.25 6.28
CA GLU A 153 4.99 26.63 6.09
C GLU A 153 4.36 25.86 4.93
N LEU A 154 5.08 25.75 3.81
CA LEU A 154 4.52 25.06 2.66
C LEU A 154 4.32 23.58 2.95
N MET A 155 5.26 22.96 3.68
CA MET A 155 5.11 21.56 4.06
C MET A 155 3.90 21.37 4.94
N GLN A 156 3.74 22.23 5.96
CA GLN A 156 2.61 22.11 6.87
C GLN A 156 1.29 22.32 6.15
N GLU A 157 1.20 23.33 5.29
CA GLU A 157 -0.01 23.53 4.51
C GLU A 157 -0.28 22.33 3.60
N THR A 158 0.77 21.77 3.00
CA THR A 158 0.60 20.62 2.13
C THR A 158 0.06 19.42 2.91
N CYS A 159 0.62 19.16 4.09
CA CYS A 159 0.18 18.01 4.88
C CYS A 159 -1.27 18.17 5.34
N ARG A 160 -1.67 19.38 5.71
CA ARG A 160 -3.05 19.60 6.10
C ARG A 160 -4.00 19.28 4.96
N VAL A 161 -3.73 19.81 3.77
CA VAL A 161 -4.60 19.54 2.62
C VAL A 161 -4.63 18.04 2.35
N ALA A 162 -3.47 17.38 2.42
CA ALA A 162 -3.44 15.94 2.19
C ALA A 162 -4.36 15.20 3.14
N ASN A 163 -4.34 15.58 4.43
CA ASN A 163 -5.22 14.93 5.40
C ASN A 163 -6.68 15.25 5.11
N VAL A 164 -6.97 16.45 4.64
CA VAL A 164 -8.34 16.77 4.23
C VAL A 164 -8.77 15.86 3.08
N LEU A 165 -7.88 15.64 2.12
CA LEU A 165 -8.22 14.76 1.00
C LEU A 165 -8.46 13.33 1.48
N LYS A 166 -7.60 12.83 2.36
CA LYS A 166 -7.82 11.49 2.90
C LYS A 166 -9.17 11.40 3.61
N SER A 167 -9.55 12.45 4.35
CA SER A 167 -10.85 12.45 5.01
C SER A 167 -12.00 12.46 4.02
N TYR A 168 -11.77 12.92 2.79
CA TYR A 168 -12.77 12.84 1.74
C TYR A 168 -12.79 11.49 1.04
N GLY A 169 -11.95 10.55 1.47
CA GLY A 169 -11.88 9.26 0.80
C GLY A 169 -10.96 9.21 -0.39
N VAL A 170 -10.18 10.27 -0.64
CA VAL A 170 -9.24 10.24 -1.76
C VAL A 170 -8.20 9.17 -1.51
N LYS A 171 -8.10 8.22 -2.45
CA LYS A 171 -7.16 7.13 -2.36
C LYS A 171 -6.08 7.27 -3.43
N LYS A 172 -4.95 6.61 -3.19
CA LYS A 172 -3.92 6.49 -4.21
C LYS A 172 -4.53 6.09 -5.55
N GLY A 173 -4.23 6.86 -6.58
CA GLY A 173 -4.74 6.62 -7.91
C GLY A 173 -6.01 7.39 -8.26
N ASP A 174 -6.66 8.01 -7.30
CA ASP A 174 -7.81 8.85 -7.59
C ASP A 174 -7.38 10.18 -8.19
N ALA A 175 -8.24 10.73 -9.04
CA ALA A 175 -7.95 12.01 -9.68
C ALA A 175 -8.59 13.14 -8.88
N VAL A 176 -7.87 14.25 -8.79
CA VAL A 176 -8.33 15.44 -8.08
C VAL A 176 -8.14 16.62 -9.01
N SER A 177 -9.21 17.36 -9.27
CA SER A 177 -9.14 18.54 -10.11
C SER A 177 -8.72 19.73 -9.25
N ILE A 178 -7.77 20.51 -9.75
CA ILE A 178 -7.34 21.75 -9.11
C ILE A 178 -7.69 22.89 -10.07
N TYR A 179 -8.50 23.82 -9.59
CA TYR A 179 -8.95 24.98 -10.36
C TYR A 179 -8.60 26.21 -9.52
N LEU A 180 -7.31 26.54 -9.47
CA LEU A 180 -6.78 27.53 -8.56
C LEU A 180 -6.03 28.63 -9.31
N PRO A 181 -6.22 29.90 -8.92
CA PRO A 181 -5.39 30.96 -9.49
C PRO A 181 -3.97 30.93 -8.94
N MET A 182 -3.13 31.86 -9.37
CA MET A 182 -1.72 31.83 -8.98
C MET A 182 -1.49 32.41 -7.60
N THR A 183 -2.19 31.89 -6.61
CA THR A 183 -1.85 32.10 -5.21
C THR A 183 -0.93 30.96 -4.75
N TRP A 184 -0.13 31.24 -3.71
CA TRP A 184 0.91 30.30 -3.33
C TRP A 184 0.35 28.97 -2.84
N GLN A 185 -0.91 28.94 -2.40
CA GLN A 185 -1.48 27.66 -1.97
C GLN A 185 -1.62 26.67 -3.11
N ALA A 186 -1.55 27.13 -4.36
CA ALA A 186 -1.67 26.22 -5.49
C ALA A 186 -0.59 25.14 -5.44
N ALA A 187 0.62 25.50 -5.02
CA ALA A 187 1.66 24.50 -4.86
C ALA A 187 1.28 23.50 -3.77
N ALA A 188 0.66 23.97 -2.69
CA ALA A 188 0.22 23.06 -1.65
C ALA A 188 -0.81 22.07 -2.17
N ALA A 189 -1.72 22.53 -3.04
CA ALA A 189 -2.74 21.64 -3.58
C ALA A 189 -2.12 20.63 -4.55
N PHE A 190 -1.15 21.07 -5.35
CA PHE A 190 -0.41 20.14 -6.20
C PHE A 190 0.27 19.07 -5.36
N LEU A 191 1.10 19.49 -4.41
CA LEU A 191 1.93 18.57 -3.66
C LEU A 191 1.14 17.74 -2.66
N ALA A 192 -0.01 18.23 -2.20
CA ALA A 192 -0.87 17.41 -1.35
C ALA A 192 -1.37 16.18 -2.10
N CYS A 193 -1.83 16.37 -3.34
CA CYS A 193 -2.23 15.24 -4.17
C CYS A 193 -1.07 14.27 -4.35
N ALA A 194 0.11 14.79 -4.72
CA ALA A 194 1.27 13.93 -4.92
C ALA A 194 1.67 13.22 -3.64
N ARG A 195 1.46 13.84 -2.49
CA ARG A 195 1.88 13.23 -1.23
C ARG A 195 1.11 11.95 -0.95
N ILE A 196 -0.20 11.92 -1.27
CA ILE A 196 -1.02 10.76 -0.99
C ILE A 196 -1.13 9.82 -2.19
N GLY A 197 -0.43 10.11 -3.28
CA GLY A 197 -0.52 9.28 -4.46
C GLY A 197 -1.70 9.57 -5.36
N ALA A 198 -2.46 10.62 -5.08
CA ALA A 198 -3.55 11.01 -5.95
C ALA A 198 -3.00 11.70 -7.19
N ILE A 199 -3.84 11.81 -8.21
CA ILE A 199 -3.46 12.35 -9.51
C ILE A 199 -4.15 13.70 -9.67
N HIS A 200 -3.40 14.79 -9.55
CA HIS A 200 -4.01 16.10 -9.68
C HIS A 200 -4.13 16.49 -11.14
N SER A 201 -5.21 17.18 -11.47
CA SER A 201 -5.49 17.65 -12.82
C SER A 201 -5.77 19.15 -12.73
N ALA A 202 -4.75 19.96 -12.97
CA ALA A 202 -4.85 21.40 -12.81
C ALA A 202 -5.42 22.03 -14.07
N VAL A 203 -6.40 22.93 -13.89
CA VAL A 203 -7.05 23.64 -14.98
C VAL A 203 -6.88 25.13 -14.74
N PHE A 204 -6.50 25.85 -15.79
CA PHE A 204 -6.32 27.30 -15.73
C PHE A 204 -7.50 27.95 -15.02
N ALA A 205 -7.21 28.72 -13.98
CA ALA A 205 -8.25 29.52 -13.35
C ALA A 205 -8.72 30.59 -14.34
N GLY A 206 -10.03 30.67 -14.54
CA GLY A 206 -10.61 31.55 -15.53
C GLY A 206 -11.15 30.82 -16.75
N PHE A 207 -10.87 29.54 -16.90
CA PHE A 207 -11.47 28.76 -17.97
C PHE A 207 -12.99 28.78 -17.83
N SER A 208 -13.68 28.77 -18.97
CA SER A 208 -15.14 28.79 -18.95
C SER A 208 -15.68 27.57 -18.21
N ALA A 209 -16.95 27.67 -17.81
CA ALA A 209 -17.58 26.55 -17.13
C ALA A 209 -17.62 25.31 -18.01
N GLU A 210 -17.77 25.50 -19.32
CA GLU A 210 -17.80 24.36 -20.24
C GLU A 210 -16.43 23.69 -20.33
N SER A 211 -15.37 24.48 -20.45
CA SER A 211 -14.04 23.91 -20.53
C SER A 211 -13.66 23.17 -19.25
N LEU A 212 -13.99 23.76 -18.09
CA LEU A 212 -13.73 23.09 -16.83
C LEU A 212 -14.55 21.82 -16.69
N ARG A 213 -15.82 21.88 -17.10
CA ARG A 213 -16.68 20.69 -17.03
C ARG A 213 -16.05 19.50 -17.75
N ASP A 214 -15.60 19.72 -18.99
CA ASP A 214 -15.07 18.62 -19.78
C ASP A 214 -13.85 18.00 -19.11
N ARG A 215 -12.99 18.83 -18.50
CA ARG A 215 -11.79 18.30 -17.88
C ARG A 215 -12.08 17.61 -16.55
N VAL A 216 -13.10 18.07 -15.82
CA VAL A 216 -13.48 17.37 -14.59
C VAL A 216 -14.10 16.02 -14.91
N ASN A 217 -14.91 15.96 -15.98
CA ASN A 217 -15.57 14.71 -16.32
C ASN A 217 -14.61 13.71 -16.93
N ASP A 218 -13.61 14.17 -17.68
CA ASP A 218 -12.72 13.24 -18.37
C ASP A 218 -11.81 12.51 -17.39
N CYS A 219 -11.32 13.22 -16.38
CA CYS A 219 -10.48 12.58 -15.37
C CYS A 219 -11.28 11.85 -14.32
N GLU A 220 -12.60 11.97 -14.34
CA GLU A 220 -13.49 11.24 -13.42
C GLU A 220 -13.12 11.52 -11.97
N CYS A 221 -12.69 12.74 -11.68
CA CYS A 221 -12.35 13.11 -10.31
C CYS A 221 -13.61 13.18 -9.45
N LYS A 222 -13.43 12.90 -8.17
CA LYS A 222 -14.49 13.03 -7.18
C LYS A 222 -14.29 14.24 -6.26
N VAL A 223 -13.12 14.88 -6.32
CA VAL A 223 -12.80 16.01 -5.46
C VAL A 223 -12.26 17.13 -6.33
N LEU A 224 -12.62 18.37 -5.99
N LEU A 224 -12.60 18.36 -5.98
CA LEU A 224 -12.19 19.55 -6.73
CA LEU A 224 -12.19 19.55 -6.72
C LEU A 224 -11.73 20.61 -5.75
C LEU A 224 -11.73 20.61 -5.75
N ILE A 225 -10.62 21.26 -6.06
CA ILE A 225 -10.03 22.31 -5.24
C ILE A 225 -10.07 23.61 -6.03
N THR A 226 -10.60 24.67 -5.40
CA THR A 226 -10.73 25.95 -6.06
C THR A 226 -10.72 27.05 -5.01
N THR A 227 -10.87 28.29 -5.47
CA THR A 227 -10.95 29.47 -4.62
C THR A 227 -12.35 30.07 -4.72
N ASP A 228 -12.65 30.99 -3.80
CA ASP A 228 -13.85 31.79 -3.94
C ASP A 228 -13.74 32.74 -5.11
N GLU A 229 -12.59 33.39 -5.26
CA GLU A 229 -12.33 34.32 -6.35
C GLU A 229 -10.83 34.36 -6.60
N GLY A 230 -10.47 34.75 -7.81
CA GLY A 230 -9.07 34.94 -8.18
C GLY A 230 -8.77 36.39 -8.45
N ARG A 231 -7.49 36.77 -8.37
CA ARG A 231 -7.08 38.16 -8.58
C ARG A 231 -5.89 38.15 -9.54
N ARG A 232 -6.09 38.68 -10.75
CA ARG A 232 -4.99 38.85 -11.68
C ARG A 232 -5.13 40.20 -12.37
N GLY A 233 -4.04 40.96 -12.40
CA GLY A 233 -4.07 42.25 -13.08
C GLY A 233 -5.15 43.18 -12.57
N GLY A 234 -5.46 43.12 -11.28
CA GLY A 234 -6.51 43.95 -10.72
C GLY A 234 -7.91 43.55 -11.12
N LYS A 235 -8.08 42.39 -11.75
CA LYS A 235 -9.39 41.90 -12.17
C LYS A 235 -9.78 40.71 -11.32
N THR A 236 -11.10 40.57 -11.12
CA THR A 236 -11.65 39.48 -10.33
C THR A 236 -11.95 38.28 -11.22
N ILE A 237 -11.42 37.12 -10.84
CA ILE A 237 -11.75 35.86 -11.49
C ILE A 237 -12.79 35.16 -10.62
N ALA A 238 -14.01 35.04 -11.13
CA ALA A 238 -15.13 34.48 -10.36
C ALA A 238 -15.04 32.96 -10.40
N THR A 239 -14.01 32.43 -9.73
CA THR A 239 -13.74 31.00 -9.78
C THR A 239 -14.94 30.18 -9.27
N LYS A 240 -15.42 30.49 -8.07
CA LYS A 240 -16.51 29.71 -7.51
C LYS A 240 -17.79 29.86 -8.33
N GLN A 241 -17.98 31.01 -8.96
CA GLN A 241 -19.11 31.17 -9.87
C GLN A 241 -19.03 30.18 -11.03
N ILE A 242 -17.84 30.02 -11.61
CA ILE A 242 -17.66 29.11 -12.73
C ILE A 242 -17.78 27.65 -12.27
N VAL A 243 -17.20 27.33 -11.11
CA VAL A 243 -17.25 25.96 -10.61
C VAL A 243 -18.70 25.51 -10.42
N ASP A 244 -19.54 26.40 -9.89
CA ASP A 244 -20.94 26.04 -9.68
C ASP A 244 -21.60 25.64 -10.99
N ALA A 245 -21.42 26.45 -12.04
CA ALA A 245 -22.02 26.14 -13.32
C ALA A 245 -21.50 24.81 -13.87
N ALA A 246 -20.18 24.60 -13.81
CA ALA A 246 -19.61 23.38 -14.37
C ALA A 246 -20.11 22.14 -13.66
N LEU A 247 -20.14 22.17 -12.32
CA LEU A 247 -20.50 20.99 -11.55
C LEU A 247 -21.97 20.63 -11.71
N GLN A 248 -22.79 21.51 -12.29
CA GLN A 248 -24.16 21.12 -12.63
C GLN A 248 -24.18 19.99 -13.65
N GLN A 249 -23.05 19.72 -14.31
CA GLN A 249 -22.95 18.65 -15.29
C GLN A 249 -21.79 17.71 -14.96
N CYS A 250 -21.30 17.75 -13.72
CA CYS A 250 -20.22 16.88 -13.26
C CYS A 250 -20.74 16.10 -12.05
N PRO A 251 -21.45 15.00 -12.27
CA PRO A 251 -22.09 14.30 -11.15
C PRO A 251 -21.12 13.64 -10.19
N LEU A 252 -19.89 13.33 -10.62
CA LEU A 252 -18.98 12.57 -9.79
C LEU A 252 -18.33 13.39 -8.68
N VAL A 253 -18.43 14.72 -8.71
CA VAL A 253 -17.75 15.56 -7.74
C VAL A 253 -18.64 15.70 -6.52
N GLU A 254 -18.16 15.17 -5.38
CA GLU A 254 -18.86 15.19 -4.12
C GLU A 254 -18.29 16.18 -3.12
N ASN A 255 -16.99 16.45 -3.20
CA ASN A 255 -16.32 17.36 -2.27
C ASN A 255 -15.64 18.46 -3.05
N VAL A 256 -15.87 19.70 -2.62
CA VAL A 256 -15.22 20.87 -3.18
C VAL A 256 -14.55 21.64 -2.05
N LEU A 257 -13.25 21.83 -2.15
CA LEU A 257 -12.48 22.59 -1.17
C LEU A 257 -12.29 23.99 -1.72
N VAL A 258 -12.79 24.99 -1.01
CA VAL A 258 -12.81 26.38 -1.46
C VAL A 258 -11.83 27.16 -0.61
N LEU A 259 -10.79 27.68 -1.26
CA LEU A 259 -9.81 28.53 -0.59
C LEU A 259 -10.35 29.97 -0.53
N ARG A 260 -10.32 30.55 0.65
CA ARG A 260 -10.80 31.91 0.87
C ARG A 260 -9.68 32.88 0.49
N ARG A 261 -9.67 33.29 -0.78
CA ARG A 261 -8.64 34.16 -1.30
C ARG A 261 -9.03 35.63 -1.18
N THR A 262 -10.25 35.98 -1.57
CA THR A 262 -10.74 37.35 -1.46
C THR A 262 -11.71 37.53 -0.30
N GLY A 263 -12.52 36.54 0.02
CA GLY A 263 -13.52 36.67 1.05
C GLY A 263 -14.83 37.27 0.58
N ASN A 264 -14.95 37.59 -0.70
CA ASN A 264 -16.19 38.13 -1.24
C ASN A 264 -17.31 37.10 -1.17
N LYS A 265 -18.54 37.61 -1.11
CA LYS A 265 -19.73 36.77 -1.11
C LYS A 265 -19.79 35.88 -2.34
N VAL A 266 -19.64 34.58 -2.16
CA VAL A 266 -19.76 33.62 -3.24
C VAL A 266 -20.70 32.51 -2.79
N PRO A 267 -21.49 31.93 -3.68
CA PRO A 267 -22.38 30.83 -3.26
C PRO A 267 -21.58 29.63 -2.77
N MET A 268 -22.12 28.96 -1.77
CA MET A 268 -21.56 27.73 -1.24
C MET A 268 -22.67 26.70 -1.08
N THR A 269 -22.40 25.46 -1.50
CA THR A 269 -23.36 24.37 -1.43
C THR A 269 -23.07 23.57 -0.16
N GLU A 270 -24.02 23.58 0.77
CA GLU A 270 -23.82 22.95 2.05
C GLU A 270 -23.57 21.46 1.88
N GLY A 271 -22.67 20.92 2.68
CA GLY A 271 -22.27 19.53 2.56
C GLY A 271 -21.18 19.27 1.53
N ARG A 272 -21.41 19.72 0.30
CA ARG A 272 -20.44 19.51 -0.76
C ARG A 272 -19.24 20.45 -0.64
N ASP A 273 -19.48 21.73 -0.37
CA ASP A 273 -18.44 22.74 -0.36
C ASP A 273 -18.02 23.04 1.07
N LYS A 274 -16.71 23.06 1.31
CA LYS A 274 -16.15 23.40 2.61
C LYS A 274 -14.99 24.37 2.41
N TRP A 275 -14.74 25.19 3.43
CA TRP A 275 -13.71 26.20 3.33
C TRP A 275 -12.35 25.59 3.61
N TRP A 276 -11.35 26.01 2.84
CA TRP A 276 -9.99 25.50 2.97
C TRP A 276 -9.49 25.63 4.41
N ASP A 277 -9.55 26.84 4.97
CA ASP A 277 -8.99 27.08 6.29
C ASP A 277 -9.71 26.26 7.35
N GLU A 278 -11.04 26.16 7.27
CA GLU A 278 -11.80 25.43 8.27
C GLU A 278 -11.45 23.94 8.25
N GLU A 279 -11.41 23.35 7.05
CA GLU A 279 -11.07 21.94 6.95
C GLU A 279 -9.66 21.68 7.46
N CYS A 280 -8.70 22.52 7.04
CA CYS A 280 -7.31 22.31 7.44
C CYS A 280 -7.09 22.52 8.93
N ALA A 281 -7.96 23.28 9.60
CA ALA A 281 -7.81 23.50 11.03
C ALA A 281 -8.11 22.25 11.84
N LYS A 282 -8.84 21.30 11.28
CA LYS A 282 -9.15 20.04 11.94
C LYS A 282 -8.09 18.97 11.72
N MET A 283 -7.06 19.25 10.92
CA MET A 283 -6.12 18.20 10.52
C MET A 283 -4.73 18.46 11.08
N PRO A 284 -3.93 17.41 11.27
CA PRO A 284 -2.55 17.62 11.73
C PRO A 284 -1.71 18.31 10.67
N ALA A 285 -0.58 18.85 11.11
CA ALA A 285 0.33 19.57 10.24
C ALA A 285 1.43 18.66 9.67
N TYR A 286 1.32 17.35 9.86
CA TYR A 286 2.14 16.39 9.16
C TYR A 286 1.26 15.26 8.63
N CYS A 287 1.70 14.66 7.53
CA CYS A 287 1.02 13.54 6.89
C CYS A 287 2.09 12.62 6.33
N PRO A 288 1.93 11.30 6.48
CA PRO A 288 2.92 10.40 5.90
C PRO A 288 2.92 10.48 4.38
N CYS A 289 4.08 10.16 3.79
CA CYS A 289 4.24 10.18 2.35
C CYS A 289 3.90 8.79 1.79
N GLU A 290 2.96 8.76 0.84
CA GLU A 290 2.65 7.53 0.13
C GLU A 290 3.85 7.12 -0.72
N ARG A 291 4.25 5.85 -0.62
CA ARG A 291 5.40 5.34 -1.37
C ARG A 291 4.93 4.94 -2.77
N MET A 292 5.27 5.74 -3.76
CA MET A 292 4.78 5.58 -5.12
C MET A 292 5.80 4.83 -5.97
N ALA A 293 5.32 3.89 -6.77
CA ALA A 293 6.16 3.28 -7.78
C ALA A 293 6.54 4.32 -8.82
N SER A 294 7.73 4.16 -9.40
CA SER A 294 8.23 5.14 -10.37
CA SER A 294 8.23 5.14 -10.37
C SER A 294 7.21 5.43 -11.45
N GLU A 295 6.53 4.40 -11.95
CA GLU A 295 5.58 4.54 -13.04
C GLU A 295 4.15 4.80 -12.58
N ASP A 296 3.94 5.02 -11.29
CA ASP A 296 2.63 5.49 -10.87
C ASP A 296 2.38 6.87 -11.50
N PRO A 297 1.17 7.15 -11.96
CA PRO A 297 0.91 8.45 -12.59
C PRO A 297 1.01 9.57 -11.56
N LEU A 298 1.70 10.65 -11.92
CA LEU A 298 1.87 11.78 -11.03
C LEU A 298 0.78 12.84 -11.23
N PHE A 299 0.41 13.13 -12.47
CA PHE A 299 -0.62 14.13 -12.71
C PHE A 299 -1.18 13.97 -14.12
N ILE A 300 -2.36 14.53 -14.32
CA ILE A 300 -2.97 14.70 -15.63
C ILE A 300 -2.97 16.20 -15.91
N LEU A 301 -2.69 16.57 -17.16
CA LEU A 301 -2.69 17.98 -17.57
C LEU A 301 -3.31 18.08 -18.95
N TYR A 302 -4.50 18.65 -19.02
CA TYR A 302 -5.20 18.82 -20.29
C TYR A 302 -4.66 20.04 -21.04
N THR A 303 -4.38 19.85 -22.33
CA THR A 303 -3.85 20.92 -23.17
C THR A 303 -4.97 21.65 -23.87
N SER A 304 -4.85 22.97 -23.93
CA SER A 304 -5.86 23.82 -24.56
C SER A 304 -5.61 23.93 -26.07
N GLY A 308 -10.29 19.22 -30.84
CA GLY A 308 -11.21 18.12 -30.62
C GLY A 308 -11.51 17.88 -29.15
N LYS A 309 -11.34 16.65 -28.71
CA LYS A 309 -11.55 16.33 -27.31
C LYS A 309 -10.38 16.81 -26.46
N PRO A 310 -10.61 17.08 -25.17
CA PRO A 310 -9.51 17.50 -24.29
C PRO A 310 -8.50 16.38 -24.11
N LYS A 311 -7.23 16.71 -24.31
CA LYS A 311 -6.13 15.74 -24.30
C LYS A 311 -5.46 15.79 -22.94
N GLY A 312 -5.74 14.77 -22.11
CA GLY A 312 -5.12 14.69 -20.81
C GLY A 312 -3.78 13.99 -20.81
N VAL A 313 -2.70 14.75 -20.96
CA VAL A 313 -1.36 14.18 -20.99
C VAL A 313 -1.01 13.68 -19.59
N VAL A 314 -0.62 12.42 -19.49
CA VAL A 314 -0.33 11.77 -18.22
C VAL A 314 1.17 11.60 -18.08
N HIS A 315 1.71 11.96 -16.92
CA HIS A 315 3.12 11.81 -16.61
C HIS A 315 3.29 10.89 -15.41
N SER A 316 4.32 10.05 -15.46
CA SER A 316 4.67 9.20 -14.33
C SER A 316 5.34 10.06 -13.26
N THR A 317 5.94 9.41 -12.26
CA THR A 317 6.50 10.10 -11.12
C THR A 317 8.01 10.32 -11.25
N ALA A 318 8.78 9.23 -11.32
CA ALA A 318 10.24 9.35 -11.24
C ALA A 318 10.82 10.00 -12.48
N GLY A 319 10.38 9.56 -13.67
CA GLY A 319 10.92 10.13 -14.89
C GLY A 319 10.65 11.63 -15.00
N TYR A 320 9.41 12.03 -14.78
CA TYR A 320 9.07 13.45 -14.85
C TYR A 320 9.86 14.25 -13.83
N LEU A 321 9.89 13.79 -12.58
CA LEU A 321 10.57 14.54 -11.53
C LEU A 321 12.05 14.67 -11.83
N LEU A 322 12.69 13.59 -12.27
CA LEU A 322 14.11 13.66 -12.62
C LEU A 322 14.32 14.63 -13.78
N GLY A 323 13.47 14.55 -14.81
CA GLY A 323 13.63 15.44 -15.95
C GLY A 323 13.53 16.90 -15.57
N THR A 324 12.45 17.26 -14.86
CA THR A 324 12.27 18.66 -14.46
C THR A 324 13.41 19.12 -13.56
N ALA A 325 13.91 18.22 -12.71
CA ALA A 325 14.97 18.61 -11.79
C ALA A 325 16.27 18.90 -12.54
N LEU A 326 16.65 18.03 -13.48
CA LEU A 326 17.90 18.21 -14.18
C LEU A 326 17.84 19.36 -15.19
N THR A 327 16.75 19.46 -15.95
CA THR A 327 16.61 20.58 -16.88
C THR A 327 16.64 21.90 -16.12
N LEU A 328 15.92 21.99 -15.01
CA LEU A 328 15.96 23.20 -14.20
C LEU A 328 17.38 23.46 -13.70
N LYS A 329 18.10 22.39 -13.32
CA LYS A 329 19.46 22.57 -12.84
C LYS A 329 20.42 22.94 -13.96
N TYR A 330 20.23 22.42 -15.16
CA TYR A 330 21.18 22.61 -16.24
C TYR A 330 20.76 23.66 -17.27
N VAL A 331 19.47 23.73 -17.61
CA VAL A 331 19.06 24.69 -18.63
C VAL A 331 19.10 26.12 -18.08
N PHE A 332 18.89 26.29 -16.77
CA PHE A 332 18.93 27.60 -16.13
C PHE A 332 20.11 27.71 -15.17
N ASP A 333 20.99 26.72 -15.14
CA ASP A 333 22.14 26.70 -14.24
C ASP A 333 21.74 27.10 -12.82
N ALA A 334 20.92 26.24 -12.21
CA ALA A 334 20.40 26.49 -10.88
C ALA A 334 21.44 26.17 -9.82
N HIS A 335 21.52 27.02 -8.81
CA HIS A 335 22.42 26.84 -7.67
C HIS A 335 21.65 27.02 -6.38
N PRO A 336 22.18 26.48 -5.27
CA PRO A 336 21.38 26.37 -4.04
C PRO A 336 20.70 27.65 -3.58
N ASP A 337 21.38 28.79 -3.64
CA ASP A 337 20.84 30.03 -3.10
C ASP A 337 20.06 30.84 -4.14
N ASP A 338 19.90 30.31 -5.35
CA ASP A 338 19.23 31.04 -6.41
C ASP A 338 17.76 31.23 -6.10
N ARG A 339 17.17 32.24 -6.75
CA ARG A 339 15.75 32.55 -6.63
C ARG A 339 15.17 32.50 -8.05
N PHE A 340 14.57 31.36 -8.40
CA PHE A 340 14.07 31.15 -9.75
C PHE A 340 12.71 31.83 -9.89
N ALA A 341 12.57 32.66 -10.91
CA ALA A 341 11.36 33.47 -11.12
C ALA A 341 10.73 33.09 -12.46
N CYS A 342 9.87 32.07 -12.44
CA CYS A 342 9.05 31.73 -13.59
C CYS A 342 7.71 32.42 -13.44
N MET A 343 7.36 33.26 -14.42
CA MET A 343 6.15 34.08 -14.35
C MET A 343 4.94 33.41 -14.97
N ALA A 344 5.07 32.15 -15.38
CA ALA A 344 3.97 31.43 -16.03
C ALA A 344 2.90 31.10 -15.00
N ASP A 345 1.83 30.48 -15.49
CA ASP A 345 0.70 30.01 -14.67
C ASP A 345 0.77 28.50 -14.48
N ILE A 346 0.43 28.05 -13.28
CA ILE A 346 0.49 26.62 -12.97
C ILE A 346 -0.48 25.79 -13.80
N GLY A 347 -1.46 26.42 -14.46
CA GLY A 347 -2.27 25.68 -15.42
C GLY A 347 -1.50 25.22 -16.65
N TRP A 348 -0.25 25.65 -16.78
CA TRP A 348 0.61 25.31 -17.89
C TRP A 348 1.66 24.32 -17.41
N ILE A 349 2.12 23.46 -18.31
CA ILE A 349 3.17 22.52 -17.92
C ILE A 349 4.40 23.29 -17.48
N THR A 350 4.62 24.49 -18.04
CA THR A 350 5.74 25.33 -17.60
C THR A 350 5.62 25.64 -16.12
N GLY A 351 4.41 25.90 -15.64
CA GLY A 351 4.21 26.07 -14.21
C GLY A 351 4.39 24.78 -13.44
N HIS A 352 3.87 23.67 -13.97
CA HIS A 352 4.07 22.37 -13.33
C HIS A 352 5.56 22.10 -13.13
N SER A 353 6.35 22.26 -14.18
CA SER A 353 7.72 21.78 -14.19
C SER A 353 8.72 22.79 -13.65
N TYR A 354 8.51 24.09 -13.87
CA TYR A 354 9.53 25.08 -13.54
C TYR A 354 9.01 26.18 -12.64
N ILE A 355 7.86 25.98 -12.01
CA ILE A 355 7.46 26.76 -10.84
C ILE A 355 7.45 25.88 -9.59
N ILE A 356 6.87 24.68 -9.69
CA ILE A 356 6.63 23.82 -8.53
C ILE A 356 7.66 22.69 -8.47
N TYR A 357 7.53 21.72 -9.38
CA TYR A 357 8.29 20.47 -9.22
C TYR A 357 9.78 20.68 -9.43
N GLY A 358 10.17 21.26 -10.56
CA GLY A 358 11.57 21.47 -10.87
C GLY A 358 12.31 22.23 -9.79
N PRO A 359 11.89 23.47 -9.53
CA PRO A 359 12.61 24.27 -8.52
C PRO A 359 12.59 23.64 -7.14
N LEU A 360 11.40 23.22 -6.66
CA LEU A 360 11.30 22.67 -5.32
C LEU A 360 12.02 21.34 -5.20
N ALA A 361 12.08 20.56 -6.28
CA ALA A 361 12.88 19.34 -6.27
C ALA A 361 14.33 19.66 -5.95
N ASN A 362 14.90 20.66 -6.63
CA ASN A 362 16.28 21.07 -6.37
C ASN A 362 16.43 21.80 -5.05
N GLY A 363 15.33 22.13 -4.37
CA GLY A 363 15.41 22.74 -3.06
C GLY A 363 15.82 24.20 -3.07
N ILE A 364 15.37 24.96 -4.06
CA ILE A 364 15.69 26.39 -4.14
C ILE A 364 14.40 27.18 -3.96
N THR A 365 14.49 28.49 -4.13
CA THR A 365 13.33 29.36 -4.05
C THR A 365 12.70 29.53 -5.43
N THR A 366 11.37 29.49 -5.47
CA THR A 366 10.64 29.68 -6.72
C THR A 366 9.61 30.78 -6.51
N ALA A 367 9.18 31.38 -7.62
CA ALA A 367 8.26 32.50 -7.59
C ALA A 367 6.89 32.08 -8.06
N VAL A 368 5.87 32.53 -7.36
CA VAL A 368 4.48 32.34 -7.76
C VAL A 368 3.92 33.72 -8.07
N PHE A 369 3.82 34.03 -9.35
CA PHE A 369 3.45 35.37 -9.82
C PHE A 369 1.94 35.38 -10.10
N GLU A 370 1.22 36.19 -9.30
CA GLU A 370 -0.24 36.18 -9.34
C GLU A 370 -0.81 37.21 -10.31
N SER A 371 -0.02 38.17 -10.77
CA SER A 371 -0.50 39.27 -11.57
C SER A 371 -0.09 39.08 -13.02
N THR A 372 -0.36 40.07 -13.84
CA THR A 372 0.08 40.12 -15.23
C THR A 372 1.37 40.91 -15.33
N PRO A 373 2.06 40.81 -16.46
CA PRO A 373 3.31 41.58 -16.62
C PRO A 373 3.11 43.09 -16.72
N VAL A 374 1.86 43.58 -16.74
CA VAL A 374 1.60 44.99 -16.97
C VAL A 374 0.74 45.60 -15.88
N TYR A 375 0.60 44.92 -14.74
CA TYR A 375 -0.18 45.46 -13.64
C TYR A 375 0.70 45.64 -12.41
N PRO A 376 0.71 46.83 -11.79
CA PRO A 376 -0.01 48.05 -12.16
C PRO A 376 0.48 48.67 -13.47
N THR A 377 1.77 48.56 -13.77
CA THR A 377 2.37 49.12 -14.96
C THR A 377 3.27 48.07 -15.62
N PRO A 378 3.68 48.32 -16.87
CA PRO A 378 4.61 47.38 -17.54
C PRO A 378 5.99 47.29 -16.91
N SER A 379 6.22 47.96 -15.78
CA SER A 379 7.44 47.79 -15.01
C SER A 379 7.32 46.68 -13.96
N ARG A 380 6.17 46.00 -13.90
CA ARG A 380 5.93 45.06 -12.82
C ARG A 380 7.00 43.96 -12.79
N TYR A 381 7.30 43.36 -13.95
CA TYR A 381 8.33 42.34 -13.99
C TYR A 381 9.61 42.82 -13.31
N TRP A 382 10.05 44.03 -13.65
CA TRP A 382 11.35 44.52 -13.22
C TRP A 382 11.30 45.06 -11.80
N ASP A 383 10.16 45.61 -11.38
CA ASP A 383 9.97 45.90 -9.96
C ASP A 383 10.15 44.64 -9.14
N PHE A 384 9.59 43.53 -9.61
CA PHE A 384 9.73 42.25 -8.92
C PHE A 384 11.18 41.79 -8.89
N VAL A 385 11.87 41.88 -10.02
CA VAL A 385 13.23 41.36 -10.11
C VAL A 385 14.15 42.09 -9.14
N ASP A 386 14.04 43.42 -9.07
CA ASP A 386 14.88 44.19 -8.17
C ASP A 386 14.42 44.10 -6.73
N LYS A 387 13.15 43.77 -6.48
CA LYS A 387 12.66 43.66 -5.11
C LYS A 387 13.19 42.40 -4.44
N TRP A 388 13.07 41.26 -5.11
CA TRP A 388 13.50 39.98 -4.56
C TRP A 388 14.89 39.57 -5.02
N LYS A 389 15.53 40.35 -5.89
CA LYS A 389 16.82 39.99 -6.46
C LYS A 389 16.73 38.64 -7.16
N ALA A 390 15.80 38.55 -8.11
CA ALA A 390 15.61 37.31 -8.85
C ALA A 390 16.88 37.01 -9.65
N THR A 391 17.30 35.75 -9.61
CA THR A 391 18.51 35.33 -10.30
C THR A 391 18.23 34.75 -11.68
N GLN A 392 17.00 34.32 -11.94
CA GLN A 392 16.59 33.90 -13.27
C GLN A 392 15.17 34.39 -13.52
N LEU A 393 14.86 34.64 -14.78
CA LEU A 393 13.51 35.02 -15.19
C LEU A 393 13.09 34.14 -16.37
N TYR A 394 11.89 33.59 -16.29
CA TYR A 394 11.38 32.63 -17.26
C TYR A 394 9.98 33.05 -17.66
N THR A 395 9.76 33.27 -18.96
CA THR A 395 8.46 33.70 -19.43
C THR A 395 8.34 33.35 -20.91
N ALA A 396 7.24 33.79 -21.53
CA ALA A 396 6.85 33.41 -22.87
C ALA A 396 7.18 34.52 -23.87
N PRO A 397 7.36 34.17 -25.14
CA PRO A 397 7.61 35.21 -26.14
C PRO A 397 6.50 36.25 -26.21
N THR A 398 5.25 35.84 -26.02
CA THR A 398 4.13 36.77 -26.06
C THR A 398 4.21 37.82 -24.96
N ALA A 399 4.75 37.46 -23.79
CA ALA A 399 4.92 38.44 -22.72
C ALA A 399 6.02 39.42 -23.06
N ILE A 400 7.12 38.92 -23.64
CA ILE A 400 8.23 39.81 -24.00
C ILE A 400 7.78 40.80 -25.06
N ARG A 401 7.04 40.34 -26.06
CA ARG A 401 6.53 41.24 -27.08
C ARG A 401 5.60 42.28 -26.48
N LEU A 402 4.80 41.88 -25.48
CA LEU A 402 3.91 42.83 -24.82
C LEU A 402 4.72 43.93 -24.14
N LEU A 403 5.78 43.55 -23.43
CA LEU A 403 6.60 44.55 -22.75
C LEU A 403 7.40 45.39 -23.74
N ARG A 404 7.82 44.78 -24.85
CA ARG A 404 8.53 45.54 -25.88
C ARG A 404 7.68 46.68 -26.42
N ARG A 405 6.37 46.46 -26.55
CA ARG A 405 5.49 47.46 -27.16
C ARG A 405 4.97 48.49 -26.16
N MET A 406 5.41 48.44 -24.91
CA MET A 406 4.91 49.35 -23.89
C MET A 406 5.86 50.51 -23.59
N GLY A 407 7.11 50.43 -24.03
CA GLY A 407 8.06 51.49 -23.78
C GLY A 407 9.19 51.08 -22.86
N GLU A 408 10.42 51.45 -23.22
CA GLU A 408 11.59 51.05 -22.45
C GLU A 408 11.76 51.87 -21.18
N ASP A 409 10.94 52.89 -20.96
CA ASP A 409 11.00 53.63 -19.70
C ASP A 409 10.72 52.73 -18.51
N HIS A 410 9.88 51.72 -18.69
CA HIS A 410 9.49 50.83 -17.62
C HIS A 410 10.57 49.82 -17.24
N VAL A 411 11.67 49.78 -17.99
CA VAL A 411 12.74 48.81 -17.76
C VAL A 411 14.08 49.52 -17.70
N LYS A 412 14.18 50.66 -18.37
CA LYS A 412 15.48 51.32 -18.53
C LYS A 412 16.13 51.63 -17.20
N ASN A 413 15.35 52.12 -16.23
CA ASN A 413 15.88 52.62 -14.96
C ASN A 413 15.84 51.58 -13.85
N HIS A 414 16.06 50.31 -14.18
CA HIS A 414 16.11 49.26 -13.16
C HIS A 414 17.52 48.68 -13.06
N ASP A 415 17.79 48.03 -11.93
CA ASP A 415 19.09 47.40 -11.69
C ASP A 415 19.21 46.09 -12.46
N LEU A 416 18.43 45.09 -12.04
CA LEU A 416 18.33 43.80 -12.74
C LEU A 416 19.67 43.08 -12.85
N SER A 417 20.63 43.41 -11.98
CA SER A 417 21.94 42.75 -12.05
C SER A 417 21.97 41.41 -11.34
N SER A 418 20.96 41.10 -10.51
CA SER A 418 20.92 39.78 -9.89
C SER A 418 20.69 38.69 -10.92
N LEU A 419 20.05 39.03 -12.03
CA LEU A 419 19.76 38.04 -13.06
C LEU A 419 21.05 37.54 -13.71
N ARG A 420 21.05 36.26 -14.06
CA ARG A 420 22.13 35.67 -14.83
C ARG A 420 21.64 34.92 -16.06
N VAL A 421 20.38 34.52 -16.09
CA VAL A 421 19.80 33.74 -17.19
C VAL A 421 18.37 34.20 -17.43
N LEU A 422 18.02 34.43 -18.69
CA LEU A 422 16.66 34.75 -19.10
C LEU A 422 16.18 33.68 -20.06
N GLY A 423 14.96 33.19 -19.84
CA GLY A 423 14.43 32.08 -20.61
C GLY A 423 13.18 32.47 -21.38
N SER A 424 12.99 31.82 -22.53
CA SER A 424 11.81 31.98 -23.35
C SER A 424 11.21 30.61 -23.64
N VAL A 425 9.89 30.51 -23.56
CA VAL A 425 9.22 29.22 -23.73
C VAL A 425 7.81 29.44 -24.25
N GLY A 426 7.37 28.56 -25.16
CA GLY A 426 6.01 28.57 -25.67
C GLY A 426 5.93 28.69 -27.18
N GLU A 427 6.88 29.39 -27.78
CA GLU A 427 6.87 29.60 -29.23
C GLU A 427 8.25 30.07 -29.64
N PRO A 428 8.55 30.06 -30.94
CA PRO A 428 9.78 30.70 -31.40
C PRO A 428 9.80 32.15 -30.92
N ILE A 429 10.99 32.61 -30.54
CA ILE A 429 11.20 33.98 -30.08
C ILE A 429 11.72 34.79 -31.26
N ASN A 430 11.01 35.85 -31.61
CA ASN A 430 11.44 36.69 -32.72
C ASN A 430 12.77 37.36 -32.36
N PRO A 431 13.74 37.39 -33.27
CA PRO A 431 14.98 38.11 -32.97
C PRO A 431 14.78 39.53 -32.44
N GLU A 432 13.72 40.22 -32.87
CA GLU A 432 13.44 41.54 -32.33
C GLU A 432 13.13 41.46 -30.84
N ALA A 433 12.21 40.58 -30.46
CA ALA A 433 11.92 40.38 -29.05
C ALA A 433 13.12 39.81 -28.31
N TRP A 434 13.84 38.90 -28.96
CA TRP A 434 15.04 38.33 -28.36
C TRP A 434 16.02 39.42 -27.95
N HIS A 435 16.28 40.37 -28.86
CA HIS A 435 17.21 41.46 -28.56
C HIS A 435 16.64 42.39 -27.49
N TRP A 436 15.37 42.76 -27.61
CA TRP A 436 14.75 43.57 -26.57
C TRP A 436 14.89 42.90 -25.21
N TYR A 437 14.67 41.58 -25.18
CA TYR A 437 14.92 40.81 -23.96
C TYR A 437 16.38 40.92 -23.55
N ASN A 438 17.28 40.66 -24.50
CA ASN A 438 18.71 40.67 -24.20
C ASN A 438 19.20 42.07 -23.84
N ASP A 439 18.73 43.09 -24.55
CA ASP A 439 19.30 44.41 -24.39
C ASP A 439 18.91 45.05 -23.05
N PHE A 440 17.62 45.00 -22.71
CA PHE A 440 17.10 45.75 -21.58
C PHE A 440 16.96 44.90 -20.32
N ALA A 441 16.26 43.77 -20.40
CA ALA A 441 16.10 42.93 -19.21
C ALA A 441 17.45 42.40 -18.74
N GLY A 442 18.30 41.98 -19.67
CA GLY A 442 19.58 41.39 -19.30
C GLY A 442 20.72 42.37 -19.30
N LYS A 443 20.55 43.53 -19.92
CA LYS A 443 21.61 44.52 -20.06
C LYS A 443 22.86 43.88 -20.68
N ASN A 444 22.63 42.96 -21.61
CA ASN A 444 23.69 42.28 -22.34
C ASN A 444 24.67 41.59 -21.39
N GLN A 445 24.16 41.08 -20.28
CA GLN A 445 24.97 40.32 -19.33
C GLN A 445 24.28 39.05 -18.86
N CYS A 446 23.14 38.69 -19.45
CA CYS A 446 22.44 37.45 -19.13
C CYS A 446 22.42 36.53 -20.34
N ALA A 447 22.52 35.24 -20.10
CA ALA A 447 22.38 34.26 -21.17
C ALA A 447 20.90 34.07 -21.49
N ILE A 448 20.56 34.05 -22.77
CA ILE A 448 19.20 33.86 -23.22
C ILE A 448 19.04 32.40 -23.62
N VAL A 449 18.12 31.70 -22.96
CA VAL A 449 17.88 30.29 -23.22
C VAL A 449 16.49 30.18 -23.84
N ASP A 450 16.46 29.99 -25.15
CA ASP A 450 15.22 29.71 -25.88
C ASP A 450 14.92 28.24 -25.69
N THR A 451 14.03 27.92 -24.75
CA THR A 451 13.78 26.55 -24.35
C THR A 451 12.63 25.97 -25.16
N TYR A 452 12.93 24.96 -25.97
CA TYR A 452 11.92 24.26 -26.75
C TYR A 452 11.57 22.93 -26.08
N TRP A 453 10.28 22.66 -25.97
CA TRP A 453 9.76 21.40 -25.45
C TRP A 453 8.25 21.41 -25.59
N MET A 454 7.61 20.39 -25.04
CA MET A 454 6.18 20.21 -25.11
C MET A 454 5.65 19.68 -23.79
N THR A 455 4.34 19.80 -23.62
CA THR A 455 3.68 19.14 -22.49
C THR A 455 3.95 17.65 -22.51
N GLU A 456 4.06 17.06 -23.70
CA GLU A 456 4.31 15.65 -23.87
C GLU A 456 5.77 15.26 -23.64
N THR A 457 6.67 16.23 -23.57
CA THR A 457 8.08 15.93 -23.31
C THR A 457 8.42 15.94 -21.82
N GLY A 458 7.59 16.55 -21.00
CA GLY A 458 7.82 16.62 -19.56
C GLY A 458 8.81 17.68 -19.12
N SER A 459 10.00 17.69 -19.72
CA SER A 459 11.04 18.64 -19.38
C SER A 459 11.60 19.26 -20.66
N ILE A 460 12.45 20.27 -20.48
CA ILE A 460 13.00 20.97 -21.64
C ILE A 460 13.76 19.99 -22.51
N SER A 461 13.51 20.04 -23.82
CA SER A 461 14.08 19.09 -24.78
C SER A 461 15.27 19.68 -25.53
N ILE A 462 15.14 20.90 -26.03
CA ILE A 462 16.20 21.56 -26.78
C ILE A 462 16.36 22.97 -26.23
N ALA A 463 17.55 23.28 -25.75
CA ALA A 463 17.84 24.60 -25.21
C ALA A 463 19.35 24.77 -25.09
N PRO A 464 19.88 25.97 -25.22
CA PRO A 464 21.31 26.18 -24.97
C PRO A 464 21.59 26.16 -23.48
N LEU A 465 22.65 25.45 -23.11
CA LEU A 465 23.12 25.51 -21.73
C LEU A 465 23.82 26.85 -21.54
N PRO A 466 23.34 27.71 -20.65
CA PRO A 466 23.73 29.13 -20.72
C PRO A 466 25.22 29.37 -20.58
N GLY A 467 25.92 28.56 -19.79
CA GLY A 467 27.34 28.74 -19.57
C GLY A 467 28.25 28.03 -20.55
N ALA A 468 27.70 27.42 -21.60
CA ALA A 468 28.51 26.62 -22.50
C ALA A 468 28.22 26.90 -23.97
N ILE A 469 27.01 27.34 -24.29
CA ILE A 469 26.55 27.48 -25.66
C ILE A 469 26.46 28.96 -26.00
N SER A 470 26.97 29.32 -27.19
CA SER A 470 26.81 30.66 -27.72
C SER A 470 25.51 30.73 -28.52
N THR A 471 24.67 31.69 -28.18
CA THR A 471 23.29 31.70 -28.64
C THR A 471 23.14 32.46 -29.96
N LYS A 472 21.99 32.22 -30.61
CA LYS A 472 21.53 32.96 -31.77
C LYS A 472 20.09 33.39 -31.52
N PRO A 473 19.70 34.60 -31.93
CA PRO A 473 18.32 35.03 -31.69
C PRO A 473 17.29 34.14 -32.36
N GLY A 474 16.51 33.41 -31.57
CA GLY A 474 15.47 32.56 -32.12
C GLY A 474 15.84 31.11 -32.26
N SER A 475 17.04 30.71 -31.84
CA SER A 475 17.51 29.34 -31.99
C SER A 475 17.43 28.59 -30.66
N ALA A 476 16.80 27.41 -30.68
CA ALA A 476 16.86 26.54 -29.51
C ALA A 476 18.21 25.86 -29.37
N THR A 477 19.07 25.95 -30.39
CA THR A 477 20.43 25.42 -30.36
C THR A 477 20.49 23.90 -30.33
N PHE A 478 20.81 23.30 -29.20
CA PHE A 478 21.18 21.89 -29.15
C PHE A 478 20.31 21.13 -28.15
N PRO A 479 20.09 19.84 -28.39
CA PRO A 479 19.15 19.09 -27.54
C PRO A 479 19.69 18.82 -26.14
N PHE A 480 18.77 18.64 -25.20
CA PHE A 480 19.12 18.42 -23.81
C PHE A 480 19.51 16.96 -23.58
N PHE A 481 20.10 16.72 -22.41
CA PHE A 481 20.46 15.37 -22.00
C PHE A 481 19.30 14.41 -22.20
N GLY A 482 19.61 13.22 -22.73
CA GLY A 482 18.61 12.21 -22.97
C GLY A 482 17.76 12.41 -24.21
N MET A 483 17.94 13.52 -24.92
CA MET A 483 17.16 13.82 -26.12
C MET A 483 18.04 13.57 -27.34
N ASP A 484 17.74 12.50 -28.06
CA ASP A 484 18.43 12.15 -29.31
C ASP A 484 17.47 12.52 -30.44
N VAL A 485 17.61 13.73 -30.95
CA VAL A 485 16.70 14.25 -31.94
C VAL A 485 17.37 14.22 -33.31
N ASP A 486 16.54 14.18 -34.35
CA ASP A 486 17.01 14.15 -35.73
C ASP A 486 16.00 14.90 -36.58
N ILE A 487 16.33 15.06 -37.86
CA ILE A 487 15.46 15.71 -38.83
C ILE A 487 15.04 14.65 -39.84
N ILE A 488 13.75 14.62 -40.16
CA ILE A 488 13.18 13.63 -41.07
C ILE A 488 12.55 14.38 -42.25
N ASP A 489 12.70 13.82 -43.45
CA ASP A 489 11.98 14.33 -44.59
C ASP A 489 10.50 14.01 -44.40
N PRO A 490 9.62 15.01 -44.35
CA PRO A 490 8.20 14.71 -44.02
C PRO A 490 7.54 13.77 -45.02
N GLN A 491 8.05 13.68 -46.25
CA GLN A 491 7.46 12.80 -47.25
C GLN A 491 8.09 11.41 -47.21
N THR A 492 9.41 11.35 -47.43
CA THR A 492 10.08 10.05 -47.48
C THR A 492 10.08 9.37 -46.13
N GLY A 493 10.21 10.14 -45.05
CA GLY A 493 10.33 9.58 -43.72
C GLY A 493 11.72 9.16 -43.33
N GLN A 494 12.74 9.53 -44.11
CA GLN A 494 14.12 9.16 -43.84
C GLN A 494 14.87 10.33 -43.20
N VAL A 495 15.94 9.99 -42.49
CA VAL A 495 16.69 10.97 -41.72
C VAL A 495 17.55 11.81 -42.65
N LEU A 496 17.46 13.13 -42.50
CA LEU A 496 18.34 14.07 -43.21
C LEU A 496 19.59 14.27 -42.35
N GLU A 497 20.60 13.44 -42.60
CA GLU A 497 21.83 13.53 -41.83
C GLU A 497 22.65 14.73 -42.26
N GLY A 498 23.50 15.21 -41.36
CA GLY A 498 24.33 16.36 -41.63
C GLY A 498 23.66 17.66 -41.21
N ASN A 499 24.26 18.75 -41.68
CA ASN A 499 23.82 20.10 -41.37
C ASN A 499 23.17 20.73 -42.60
N ASP A 500 22.66 21.95 -42.39
CA ASP A 500 21.97 22.70 -43.45
C ASP A 500 20.78 21.92 -44.01
N VAL A 501 20.02 21.29 -43.12
CA VAL A 501 18.86 20.49 -43.49
C VAL A 501 17.63 21.08 -42.82
N GLU A 502 16.47 20.89 -43.47
CA GLU A 502 15.22 21.41 -42.93
C GLU A 502 14.14 20.36 -43.11
N GLY A 503 13.30 20.20 -42.08
CA GLY A 503 12.25 19.21 -42.11
C GLY A 503 11.43 19.14 -40.84
N VAL A 504 11.08 17.94 -40.40
CA VAL A 504 10.28 17.74 -39.19
C VAL A 504 11.16 17.14 -38.11
N LEU A 505 10.94 17.58 -36.87
CA LEU A 505 11.74 17.12 -35.74
C LEU A 505 11.16 15.84 -35.17
N VAL A 506 12.06 14.90 -34.84
CA VAL A 506 11.66 13.64 -34.22
C VAL A 506 12.71 13.26 -33.18
N ALA A 507 12.31 12.38 -32.27
CA ALA A 507 13.21 11.81 -31.28
C ALA A 507 13.33 10.31 -31.55
N ARG A 508 14.55 9.81 -31.43
CA ARG A 508 14.85 8.42 -31.75
C ARG A 508 14.64 7.49 -30.57
N ARG A 509 14.82 7.98 -29.36
CA ARG A 509 14.77 7.18 -28.14
C ARG A 509 13.90 7.84 -27.08
N PRO A 510 13.27 7.05 -26.21
CA PRO A 510 12.54 7.64 -25.07
C PRO A 510 13.49 8.38 -24.14
N TRP A 511 12.93 9.36 -23.42
CA TRP A 511 13.66 10.09 -22.41
C TRP A 511 12.90 10.04 -21.10
N PRO A 512 13.60 10.16 -19.96
CA PRO A 512 12.93 9.90 -18.67
C PRO A 512 11.58 10.59 -18.50
N SER A 513 11.49 11.89 -18.78
CA SER A 513 10.29 12.66 -18.47
C SER A 513 9.24 12.58 -19.57
N ILE A 514 9.41 11.69 -20.56
CA ILE A 514 8.44 11.60 -21.64
C ILE A 514 7.09 11.20 -21.09
N ALA A 515 6.03 11.81 -21.63
CA ALA A 515 4.68 11.46 -21.19
C ALA A 515 4.40 9.99 -21.46
N ARG A 516 3.64 9.37 -20.57
CA ARG A 516 3.42 7.94 -20.64
C ARG A 516 2.17 7.55 -21.39
N THR A 517 1.16 8.43 -21.44
CA THR A 517 -0.08 8.09 -22.13
C THR A 517 -0.95 9.34 -22.22
N VAL A 518 -2.11 9.17 -22.84
CA VAL A 518 -3.21 10.13 -22.79
C VAL A 518 -4.31 9.47 -21.99
N TYR A 519 -4.85 10.19 -21.00
CA TYR A 519 -5.71 9.55 -20.00
C TYR A 519 -6.88 8.82 -20.63
N ARG A 520 -6.88 7.50 -20.53
CA ARG A 520 -7.95 6.64 -21.03
C ARG A 520 -8.15 6.78 -22.54
N ASP A 521 -7.12 7.24 -23.25
CA ASP A 521 -7.16 7.31 -24.70
C ASP A 521 -5.76 7.03 -25.26
N HIS A 522 -5.19 5.90 -24.84
CA HIS A 522 -3.86 5.53 -25.28
C HIS A 522 -3.78 5.35 -26.79
N LYS A 523 -4.92 5.08 -27.45
CA LYS A 523 -4.92 5.01 -28.91
C LYS A 523 -4.58 6.37 -29.51
N ARG A 524 -5.20 7.43 -29.00
CA ARG A 524 -4.87 8.77 -29.46
C ARG A 524 -3.42 9.12 -29.15
N TYR A 525 -2.90 8.61 -28.04
CA TYR A 525 -1.50 8.84 -27.68
C TYR A 525 -0.56 8.26 -28.74
N LEU A 526 -0.84 7.04 -29.20
CA LEU A 526 0.03 6.41 -30.20
C LEU A 526 -0.18 7.00 -31.59
N GLU A 527 -1.43 7.30 -31.95
CA GLU A 527 -1.71 7.79 -33.29
C GLU A 527 -1.21 9.22 -33.50
N THR A 528 -1.04 9.99 -32.43
CA THR A 528 -0.61 11.37 -32.57
C THR A 528 0.90 11.49 -32.64
N TYR A 529 1.64 10.66 -31.91
CA TYR A 529 3.08 10.82 -31.77
C TYR A 529 3.90 9.62 -32.22
N MET A 530 3.30 8.43 -32.34
CA MET A 530 4.06 7.21 -32.58
C MET A 530 3.78 6.56 -33.93
N LYS A 531 2.58 6.75 -34.49
CA LYS A 531 2.23 6.10 -35.75
C LYS A 531 2.80 6.85 -36.95
N PRO A 532 2.72 8.19 -37.00
CA PRO A 532 3.10 8.88 -38.24
C PRO A 532 4.51 8.56 -38.73
N TYR A 533 5.48 8.45 -37.83
CA TYR A 533 6.84 8.08 -38.18
C TYR A 533 7.28 6.94 -37.28
N PRO A 534 6.99 5.69 -37.64
CA PRO A 534 7.28 4.57 -36.74
C PRO A 534 8.76 4.47 -36.42
N GLY A 535 9.06 4.19 -35.16
CA GLY A 535 10.41 4.23 -34.66
C GLY A 535 10.82 5.55 -34.04
N TYR A 536 9.95 6.55 -34.06
CA TYR A 536 10.29 7.88 -33.57
C TYR A 536 9.14 8.48 -32.79
N PHE A 537 9.46 9.52 -32.02
CA PHE A 537 8.49 10.39 -31.38
C PHE A 537 8.29 11.59 -32.30
N PHE A 538 7.05 11.91 -32.61
CA PHE A 538 6.71 12.99 -33.55
C PHE A 538 6.23 14.21 -32.78
N PHE A 539 7.11 15.21 -32.65
CA PHE A 539 6.74 16.43 -31.93
C PHE A 539 5.62 17.20 -32.62
N GLY A 540 5.55 17.15 -33.94
CA GLY A 540 4.62 17.98 -34.68
C GLY A 540 5.16 19.33 -35.07
N ASP A 541 6.48 19.53 -35.00
CA ASP A 541 7.11 20.81 -35.29
C ASP A 541 8.04 20.69 -36.49
N GLY A 542 8.01 21.70 -37.34
CA GLY A 542 9.06 21.86 -38.33
C GLY A 542 10.34 22.30 -37.66
N ALA A 543 11.45 21.75 -38.15
CA ALA A 543 12.76 22.04 -37.58
C ALA A 543 13.80 22.12 -38.69
N ALA A 544 14.92 22.78 -38.39
CA ALA A 544 16.00 22.95 -39.34
C ALA A 544 17.32 22.95 -38.59
N ARG A 545 18.33 22.31 -39.18
CA ARG A 545 19.68 22.26 -38.62
C ARG A 545 20.60 22.99 -39.58
N ASP A 546 21.01 24.21 -39.20
CA ASP A 546 21.82 25.04 -40.09
C ASP A 546 23.24 24.50 -40.17
N TYR A 547 24.09 25.22 -40.91
CA TYR A 547 25.43 24.74 -41.21
C TYR A 547 26.32 24.67 -39.97
N ASP A 548 25.95 25.33 -38.89
CA ASP A 548 26.70 25.23 -37.64
C ASP A 548 26.18 24.11 -36.73
N GLY A 549 25.15 23.38 -37.15
CA GLY A 549 24.55 22.36 -36.33
C GLY A 549 23.47 22.84 -35.39
N TYR A 550 23.26 24.15 -35.28
CA TYR A 550 22.21 24.68 -34.42
C TYR A 550 20.85 24.25 -34.91
N MET A 551 19.99 23.86 -33.98
CA MET A 551 18.61 23.49 -34.28
C MET A 551 17.74 24.73 -34.26
N TRP A 552 16.94 24.90 -35.31
CA TRP A 552 15.97 25.99 -35.39
C TRP A 552 14.57 25.38 -35.44
N ILE A 553 13.78 25.64 -34.41
CA ILE A 553 12.40 25.18 -34.35
C ILE A 553 11.55 26.33 -34.87
N LYS A 554 11.03 26.20 -36.08
CA LYS A 554 10.43 27.33 -36.79
C LYS A 554 8.91 27.35 -36.76
N GLY A 555 8.27 26.44 -36.03
CA GLY A 555 6.84 26.47 -35.85
C GLY A 555 6.21 25.11 -36.08
N ARG A 556 4.88 25.09 -35.93
CA ARG A 556 4.13 23.85 -36.09
C ARG A 556 4.12 23.40 -37.54
N VAL A 557 4.10 22.08 -37.74
CA VAL A 557 4.02 21.55 -39.10
C VAL A 557 2.69 21.93 -39.74
N ASP A 558 1.61 21.90 -38.97
CA ASP A 558 0.31 22.30 -39.50
C ASP A 558 0.30 23.76 -39.94
N ASP A 559 1.18 24.59 -39.37
CA ASP A 559 1.22 26.00 -39.73
C ASP A 559 2.02 26.27 -40.99
N VAL A 560 2.70 25.26 -41.54
CA VAL A 560 3.58 25.48 -42.69
C VAL A 560 2.76 25.86 -43.91
N ILE A 561 3.31 26.75 -44.72
CA ILE A 561 2.67 27.26 -45.93
C ILE A 561 3.58 26.91 -47.10
N ASN A 562 3.03 26.22 -48.10
CA ASN A 562 3.77 25.76 -49.27
C ASN A 562 3.38 26.61 -50.47
N VAL A 563 4.18 27.65 -50.74
CA VAL A 563 3.95 28.56 -51.84
C VAL A 563 4.78 28.09 -53.03
N SER A 564 4.13 27.55 -54.05
CA SER A 564 4.79 27.14 -55.28
C SER A 564 5.98 26.23 -54.99
N GLY A 565 5.76 25.23 -54.16
CA GLY A 565 6.82 24.30 -53.81
C GLY A 565 7.91 24.91 -52.96
N HIS A 566 7.57 25.85 -52.08
CA HIS A 566 8.52 26.45 -51.15
C HIS A 566 7.95 26.33 -49.74
N ARG A 567 8.68 25.68 -48.86
CA ARG A 567 8.21 25.44 -47.49
C ARG A 567 8.46 26.70 -46.67
N LEU A 568 7.38 27.41 -46.33
CA LEU A 568 7.45 28.62 -45.52
C LEU A 568 7.02 28.30 -44.10
N SER A 569 7.90 28.58 -43.13
CA SER A 569 7.60 28.42 -41.72
C SER A 569 7.19 29.75 -41.12
N THR A 570 6.25 29.71 -40.17
CA THR A 570 5.68 30.93 -39.62
C THR A 570 6.67 31.74 -38.81
N ALA A 571 7.73 31.11 -38.29
CA ALA A 571 8.68 31.85 -37.46
C ALA A 571 9.49 32.83 -38.31
N GLU A 572 10.07 32.34 -39.41
CA GLU A 572 10.92 33.21 -40.23
C GLU A 572 10.12 34.32 -40.88
N VAL A 573 8.85 34.08 -41.19
CA VAL A 573 8.02 35.12 -41.79
C VAL A 573 7.62 36.15 -40.74
N GLU A 574 7.18 35.69 -39.57
CA GLU A 574 6.77 36.62 -38.53
C GLU A 574 7.95 37.39 -37.97
N SER A 575 9.13 36.76 -37.91
CA SER A 575 10.33 37.47 -37.47
C SER A 575 10.67 38.61 -38.44
N ALA A 576 10.45 38.39 -39.73
CA ALA A 576 10.68 39.45 -40.71
C ALA A 576 9.71 40.61 -40.51
N LEU A 577 8.43 40.31 -40.25
CA LEU A 577 7.44 41.37 -40.12
C LEU A 577 7.74 42.28 -38.93
N ILE A 578 8.14 41.71 -37.80
CA ILE A 578 8.40 42.52 -36.62
C ILE A 578 9.62 43.42 -36.79
N LEU A 579 10.47 43.15 -37.79
CA LEU A 579 11.61 44.01 -38.05
C LEU A 579 11.18 45.39 -38.54
N HIS A 580 9.96 45.52 -39.05
CA HIS A 580 9.44 46.81 -39.50
C HIS A 580 8.97 47.62 -38.30
N LYS A 581 9.28 48.91 -38.32
CA LYS A 581 8.95 49.78 -37.20
C LYS A 581 7.46 49.78 -36.92
N GLY A 582 7.09 49.86 -35.64
CA GLY A 582 5.70 49.92 -35.24
C GLY A 582 5.03 48.59 -34.99
N VAL A 583 5.60 47.49 -35.48
CA VAL A 583 4.97 46.18 -35.37
C VAL A 583 5.17 45.64 -33.96
N ALA A 584 4.07 45.21 -33.33
CA ALA A 584 4.09 44.58 -32.02
C ALA A 584 3.99 43.07 -32.08
N GLU A 585 3.14 42.53 -32.94
CA GLU A 585 2.96 41.09 -33.04
C GLU A 585 2.33 40.76 -34.39
N THR A 586 2.67 39.58 -34.91
CA THR A 586 2.14 39.13 -36.20
C THR A 586 1.80 37.65 -36.12
N ALA A 587 1.04 37.20 -37.11
CA ALA A 587 0.66 35.79 -37.22
C ALA A 587 0.29 35.53 -38.67
N VAL A 588 1.01 34.64 -39.33
CA VAL A 588 0.81 34.33 -40.75
C VAL A 588 0.27 32.91 -40.87
N VAL A 589 -0.78 32.74 -41.68
CA VAL A 589 -1.38 31.45 -41.94
C VAL A 589 -1.40 31.21 -43.44
N GLY A 590 -1.74 29.98 -43.82
CA GLY A 590 -1.81 29.59 -45.22
C GLY A 590 -3.24 29.41 -45.67
N CYS A 591 -3.50 29.75 -46.92
CA CYS A 591 -4.81 29.58 -47.54
C CYS A 591 -4.62 29.18 -49.00
N ALA A 592 -5.57 28.39 -49.50
CA ALA A 592 -5.49 27.92 -50.88
C ALA A 592 -5.49 29.08 -51.87
N ASP A 593 -4.53 29.06 -52.79
CA ASP A 593 -4.38 30.07 -53.82
C ASP A 593 -4.52 29.41 -55.19
N ASP A 594 -5.12 30.16 -56.12
CA ASP A 594 -5.35 29.62 -57.46
C ASP A 594 -4.04 29.35 -58.19
N LEU A 595 -3.08 30.27 -58.09
CA LEU A 595 -1.86 30.19 -58.88
C LEU A 595 -0.74 29.44 -58.17
N THR A 596 -0.44 29.83 -56.93
CA THR A 596 0.68 29.26 -56.19
C THR A 596 0.29 28.04 -55.37
N GLY A 597 -0.94 27.56 -55.49
CA GLY A 597 -1.38 26.45 -54.66
C GLY A 597 -1.74 26.91 -53.27
N GLN A 598 -0.78 27.51 -52.56
CA GLN A 598 -1.00 28.07 -51.25
C GLN A 598 -0.39 29.46 -51.18
N ALA A 599 -1.15 30.41 -50.62
CA ALA A 599 -0.71 31.79 -50.46
C ALA A 599 -0.60 32.11 -48.97
N VAL A 600 0.10 33.21 -48.69
CA VAL A 600 0.39 33.63 -47.33
C VAL A 600 -0.56 34.77 -46.96
N TYR A 601 -1.21 34.64 -45.81
CA TYR A 601 -2.03 35.71 -45.25
C TYR A 601 -1.48 36.07 -43.89
N ALA A 602 -1.36 37.37 -43.61
CA ALA A 602 -0.72 37.86 -42.40
C ALA A 602 -1.70 38.65 -41.55
N PHE A 603 -1.60 38.45 -40.23
CA PHE A 603 -2.33 39.24 -39.25
C PHE A 603 -1.31 40.02 -38.44
N VAL A 604 -1.44 41.35 -38.43
CA VAL A 604 -0.43 42.24 -37.86
C VAL A 604 -1.07 43.08 -36.77
N THR A 605 -0.46 43.06 -35.58
CA THR A 605 -0.88 43.87 -34.44
C THR A 605 0.14 44.99 -34.27
N MET A 606 -0.28 46.22 -34.51
CA MET A 606 0.60 47.38 -34.38
C MET A 606 0.61 47.87 -32.95
N LYS A 607 1.74 48.49 -32.57
CA LYS A 607 1.87 49.05 -31.23
C LYS A 607 0.76 50.07 -30.98
N PRO A 608 0.27 50.17 -29.73
CA PRO A 608 -0.82 51.11 -29.45
C PRO A 608 -0.48 52.55 -29.77
N GLU A 609 0.79 52.94 -29.69
CA GLU A 609 1.21 54.31 -29.99
C GLU A 609 1.68 54.47 -31.43
N PHE A 610 1.00 53.82 -32.37
CA PHE A 610 1.28 54.02 -33.79
C PHE A 610 0.23 54.95 -34.39
N ASP A 611 0.67 55.77 -35.34
CA ASP A 611 -0.20 56.73 -36.02
C ASP A 611 -0.76 56.07 -37.28
N LEU A 612 -1.65 55.09 -37.07
CA LEU A 612 -2.24 54.36 -38.17
C LEU A 612 -2.92 55.26 -39.18
N LYS A 613 -3.27 56.49 -38.81
CA LYS A 613 -3.84 57.42 -39.77
C LYS A 613 -2.76 58.09 -40.62
N ALA A 614 -1.57 58.31 -40.07
CA ALA A 614 -0.51 58.97 -40.81
C ALA A 614 0.10 58.04 -41.85
N THR A 615 0.46 56.81 -41.44
CA THR A 615 0.93 55.81 -42.38
C THR A 615 -0.26 55.13 -43.03
N LYS A 616 -0.33 55.19 -44.36
CA LYS A 616 -1.49 54.64 -45.06
C LYS A 616 -1.56 53.13 -44.88
N GLU A 617 -2.79 52.62 -44.71
CA GLU A 617 -2.98 51.19 -44.52
C GLU A 617 -2.39 50.39 -45.67
N ALA A 618 -2.70 50.80 -46.91
CA ALA A 618 -2.17 50.08 -48.07
C ALA A 618 -0.65 50.22 -48.15
N ASP A 619 -0.14 51.40 -47.78
CA ASP A 619 1.31 51.60 -47.78
C ASP A 619 1.98 50.71 -46.73
N LEU A 620 1.36 50.56 -45.56
CA LEU A 620 1.94 49.72 -44.53
C LEU A 620 2.04 48.28 -45.01
N SER A 621 1.01 47.79 -45.72
CA SER A 621 1.07 46.44 -46.25
C SER A 621 2.20 46.29 -47.25
N LYS A 622 2.36 47.27 -48.15
CA LYS A 622 3.43 47.21 -49.13
C LYS A 622 4.79 47.24 -48.45
N GLU A 623 4.95 48.08 -47.42
CA GLU A 623 6.23 48.14 -46.71
C GLU A 623 6.55 46.80 -46.07
N LEU A 624 5.56 46.17 -45.44
CA LEU A 624 5.78 44.84 -44.87
C LEU A 624 6.05 43.81 -45.96
N ALA A 625 5.31 43.89 -47.07
CA ALA A 625 5.50 42.92 -48.14
C ALA A 625 6.92 43.01 -48.70
N ILE A 626 7.41 44.23 -48.94
CA ILE A 626 8.77 44.41 -49.42
C ILE A 626 9.75 43.94 -48.36
N GLN A 627 9.48 44.24 -47.09
CA GLN A 627 10.35 43.80 -46.01
C GLN A 627 10.53 42.28 -46.03
N VAL A 628 9.44 41.55 -46.19
CA VAL A 628 9.52 40.09 -46.25
C VAL A 628 10.29 39.65 -47.49
N ARG A 629 10.04 40.31 -48.63
CA ARG A 629 10.74 39.94 -49.86
C ARG A 629 12.24 40.10 -49.73
N LYS A 630 12.70 41.07 -48.94
CA LYS A 630 14.13 41.36 -48.86
C LYS A 630 14.90 40.35 -48.04
N VAL A 631 14.28 39.79 -47.00
CA VAL A 631 15.01 38.94 -46.05
C VAL A 631 14.74 37.44 -46.26
N ILE A 632 13.67 37.07 -46.94
CA ILE A 632 13.34 35.66 -47.13
C ILE A 632 13.43 35.33 -48.62
N GLY A 633 12.59 35.97 -49.43
CA GLY A 633 12.57 35.73 -50.85
C GLY A 633 11.30 36.25 -51.49
N PRO A 634 11.27 36.30 -52.83
CA PRO A 634 10.07 36.81 -53.51
C PRO A 634 8.81 36.05 -53.14
N PHE A 635 8.94 34.73 -52.94
CA PHE A 635 7.81 33.86 -52.65
C PHE A 635 7.19 34.10 -51.27
N ALA A 636 7.94 34.66 -50.32
CA ALA A 636 7.44 34.80 -48.96
C ALA A 636 6.54 36.01 -48.74
N ALA A 637 6.29 36.81 -49.77
CA ALA A 637 5.48 38.03 -49.59
C ALA A 637 4.04 37.70 -49.26
N PRO A 638 3.43 38.33 -48.26
CA PRO A 638 2.00 38.12 -48.00
C PRO A 638 1.16 38.65 -49.15
N LYS A 639 0.09 37.92 -49.48
CA LYS A 639 -0.83 38.37 -50.52
C LYS A 639 -1.90 39.31 -49.98
N LYS A 640 -2.34 39.13 -48.73
CA LYS A 640 -3.28 40.02 -48.09
C LYS A 640 -2.89 40.16 -46.62
N ILE A 641 -2.97 41.39 -46.10
CA ILE A 641 -2.62 41.70 -44.72
C ILE A 641 -3.84 42.24 -44.00
N TYR A 642 -4.04 41.79 -42.76
CA TYR A 642 -5.16 42.18 -41.93
C TYR A 642 -4.67 42.90 -40.68
N LEU A 643 -5.24 44.07 -40.39
CA LEU A 643 -4.92 44.81 -39.18
C LEU A 643 -5.94 44.47 -38.10
N VAL A 644 -5.46 44.00 -36.95
CA VAL A 644 -6.32 43.59 -35.85
C VAL A 644 -5.73 44.12 -34.55
N SER A 645 -6.59 44.31 -33.54
CA SER A 645 -6.14 44.84 -32.26
C SER A 645 -5.24 43.85 -31.53
N ASP A 646 -5.57 42.56 -31.60
CA ASP A 646 -4.76 41.52 -30.97
C ASP A 646 -4.94 40.23 -31.76
N LEU A 647 -4.19 39.21 -31.36
CA LEU A 647 -4.25 37.90 -32.03
C LEU A 647 -4.94 36.87 -31.13
N PRO A 648 -5.55 35.84 -31.71
CA PRO A 648 -6.10 34.76 -30.88
C PRO A 648 -4.99 34.04 -30.14
N LYS A 649 -5.17 33.91 -28.82
CA LYS A 649 -4.13 33.38 -27.95
C LYS A 649 -4.73 32.43 -26.92
N THR A 650 -3.92 31.44 -26.53
CA THR A 650 -4.27 30.59 -25.42
C THR A 650 -3.90 31.30 -24.11
N ARG A 651 -4.19 30.67 -22.99
CA ARG A 651 -3.80 31.22 -21.70
C ARG A 651 -2.30 31.11 -21.46
N SER A 652 -1.62 30.20 -22.16
CA SER A 652 -0.18 30.08 -22.03
C SER A 652 0.58 31.10 -22.89
N GLY A 653 -0.05 31.65 -23.91
CA GLY A 653 0.57 32.64 -24.76
C GLY A 653 0.81 32.21 -26.19
N LYS A 654 0.46 30.98 -26.56
CA LYS A 654 0.65 30.54 -27.93
C LYS A 654 -0.38 31.19 -28.85
N ILE A 655 0.07 31.56 -30.06
CA ILE A 655 -0.80 32.16 -31.06
C ILE A 655 -1.58 31.05 -31.75
N MET A 656 -2.90 31.23 -31.86
CA MET A 656 -3.79 30.20 -32.40
C MET A 656 -3.87 30.38 -33.92
N ARG A 657 -2.84 29.91 -34.60
CA ARG A 657 -2.79 30.05 -36.05
C ARG A 657 -3.82 29.16 -36.73
N ARG A 658 -4.09 27.98 -36.18
CA ARG A 658 -5.13 27.14 -36.75
C ARG A 658 -6.46 27.88 -36.79
N VAL A 659 -6.77 28.63 -35.73
CA VAL A 659 -8.02 29.38 -35.68
C VAL A 659 -8.08 30.38 -36.83
N LEU A 660 -7.03 31.18 -36.99
CA LEU A 660 -7.00 32.16 -38.07
C LEU A 660 -7.05 31.47 -39.43
N ARG A 661 -6.36 30.33 -39.56
CA ARG A 661 -6.30 29.65 -40.85
C ARG A 661 -7.69 29.22 -41.32
N LYS A 662 -8.50 28.63 -40.43
CA LYS A 662 -9.85 28.21 -40.81
C LYS A 662 -10.75 29.40 -41.10
N ILE A 663 -10.52 30.53 -40.41
CA ILE A 663 -11.36 31.70 -40.63
C ILE A 663 -11.15 32.23 -42.03
N VAL A 664 -9.90 32.21 -42.51
CA VAL A 664 -9.59 32.71 -43.85
C VAL A 664 -9.84 31.63 -44.89
N ALA A 665 -10.48 30.53 -44.49
CA ALA A 665 -10.79 29.44 -45.39
C ALA A 665 -12.28 29.13 -45.51
N GLY A 666 -13.12 29.70 -44.65
CA GLY A 666 -14.55 29.53 -44.75
C GLY A 666 -15.10 28.22 -44.20
N GLU A 667 -14.24 27.34 -43.68
CA GLU A 667 -14.68 26.10 -43.05
C GLU A 667 -14.42 26.17 -41.55
N GLY A 668 -15.03 25.24 -40.83
CA GLY A 668 -14.89 25.20 -39.38
C GLY A 668 -16.18 24.77 -38.69
N ILE A 677 -9.80 30.84 -23.73
CA ILE A 677 -8.67 31.19 -24.57
C ILE A 677 -8.41 32.70 -24.54
N ALA A 678 -7.85 33.18 -23.43
CA ALA A 678 -7.49 34.58 -23.26
C ALA A 678 -8.68 35.49 -23.57
N ASP A 679 -8.63 36.20 -24.70
CA ASP A 679 -9.71 37.12 -25.07
C ASP A 679 -10.54 36.51 -26.19
N PRO A 680 -11.77 36.04 -25.91
CA PRO A 680 -12.62 35.54 -26.99
C PRO A 680 -13.13 36.63 -27.92
N GLN A 681 -13.07 37.90 -27.51
CA GLN A 681 -13.55 38.97 -28.39
C GLN A 681 -12.70 39.12 -29.63
N ILE A 682 -11.49 38.56 -29.64
CA ILE A 682 -10.63 38.66 -30.82
C ILE A 682 -11.21 37.86 -31.98
N VAL A 683 -11.98 36.81 -31.68
CA VAL A 683 -12.56 35.99 -32.74
C VAL A 683 -13.56 36.80 -33.55
N GLU A 684 -14.43 37.55 -32.88
CA GLU A 684 -15.40 38.36 -33.59
C GLU A 684 -14.72 39.43 -34.43
N GLU A 685 -13.64 40.03 -33.90
CA GLU A 685 -12.93 41.05 -34.66
C GLU A 685 -12.25 40.46 -35.89
N VAL A 686 -11.67 39.27 -35.75
CA VAL A 686 -10.94 38.66 -36.87
C VAL A 686 -11.91 38.34 -38.00
N LYS A 687 -13.04 37.71 -37.69
CA LYS A 687 -13.98 37.34 -38.74
C LYS A 687 -14.63 38.56 -39.35
N GLN A 688 -14.82 39.63 -38.57
CA GLN A 688 -15.39 40.84 -39.13
C GLN A 688 -14.41 41.52 -40.08
N LYS A 689 -13.12 41.49 -39.74
CA LYS A 689 -12.10 42.09 -40.61
C LYS A 689 -11.83 41.22 -41.83
N VAL A 690 -12.27 39.95 -41.80
CA VAL A 690 -12.06 39.06 -42.93
C VAL A 690 -12.85 39.51 -44.15
N THR A 691 -13.86 40.35 -43.95
CA THR A 691 -14.70 40.83 -45.04
C THR A 691 -14.56 42.34 -45.20
N HIS B 25 12.20 26.07 53.64
CA HIS B 25 11.86 25.75 52.26
C HIS B 25 10.41 26.08 51.97
N HIS B 26 10.13 26.47 50.73
CA HIS B 26 8.77 26.83 50.32
C HIS B 26 7.98 25.61 49.83
N VAL B 27 8.60 24.77 48.99
CA VAL B 27 7.96 23.55 48.53
C VAL B 27 8.13 22.47 49.58
N HIS B 28 7.01 21.93 50.07
CA HIS B 28 7.02 20.94 51.13
C HIS B 28 6.48 19.60 50.62
N PRO B 29 7.00 18.48 51.13
CA PRO B 29 6.46 17.18 50.72
C PRO B 29 5.00 17.02 51.09
N LEU B 30 4.33 16.10 50.41
CA LEU B 30 2.93 15.84 50.70
C LEU B 30 2.79 15.36 52.14
N PRO B 31 1.75 15.80 52.87
CA PRO B 31 1.65 15.45 54.29
C PRO B 31 1.82 13.96 54.57
N ASP B 32 2.81 13.64 55.40
CA ASP B 32 3.08 12.26 55.81
C ASP B 32 3.47 12.28 57.29
N SER B 33 3.26 11.16 57.96
CA SER B 33 3.58 11.06 59.38
C SER B 33 5.07 10.86 59.64
N VAL B 34 5.86 10.49 58.63
CA VAL B 34 7.28 10.20 58.83
C VAL B 34 8.10 11.47 58.57
N PRO B 35 9.14 11.74 59.38
CA PRO B 35 10.04 12.86 59.04
C PRO B 35 10.77 12.58 57.74
N GLU B 36 11.19 13.66 57.07
CA GLU B 36 11.81 13.52 55.75
C GLU B 36 13.07 12.67 55.82
N SER B 37 13.88 12.84 56.87
CA SER B 37 15.11 12.07 56.97
C SER B 37 14.85 10.58 57.14
N GLU B 38 13.67 10.19 57.63
CA GLU B 38 13.29 8.79 57.74
C GLU B 38 12.30 8.36 56.66
N ASP B 39 12.06 9.19 55.66
CA ASP B 39 11.06 8.94 54.63
C ASP B 39 11.67 8.76 53.25
N LEU B 40 12.99 8.55 53.17
CA LEU B 40 13.67 8.33 51.90
C LEU B 40 13.97 6.84 51.79
N PHE B 41 13.33 6.19 50.82
CA PHE B 41 13.39 4.74 50.65
C PHE B 41 14.32 4.44 49.47
N ALA B 42 15.54 3.99 49.78
CA ALA B 42 16.50 3.67 48.76
C ALA B 42 16.12 2.38 48.04
N PRO B 43 16.66 2.16 46.84
CA PRO B 43 16.35 0.94 46.10
C PRO B 43 16.51 -0.29 46.97
N PRO B 44 15.49 -1.16 47.03
CA PRO B 44 15.55 -2.30 47.95
C PRO B 44 16.51 -3.37 47.47
N PRO B 45 16.75 -4.40 48.28
CA PRO B 45 17.67 -5.46 47.86
C PRO B 45 17.26 -6.18 46.58
N ARG B 46 15.97 -6.40 46.38
CA ARG B 46 15.52 -7.10 45.18
C ARG B 46 15.88 -6.33 43.92
N MET B 47 16.03 -5.01 44.02
CA MET B 47 16.41 -4.18 42.88
C MET B 47 17.91 -3.88 42.86
N GLN B 48 18.69 -4.64 43.62
CA GLN B 48 20.14 -4.48 43.66
C GLN B 48 20.86 -5.63 42.96
N GLY B 49 20.14 -6.55 42.36
CA GLY B 49 20.73 -7.73 41.78
C GLY B 49 20.90 -8.88 42.75
N LYS B 50 20.34 -8.75 43.95
CA LYS B 50 20.44 -9.73 45.01
C LYS B 50 19.15 -10.55 45.11
N GLU B 51 19.13 -11.47 46.08
CA GLU B 51 17.99 -12.36 46.29
C GLU B 51 17.63 -13.10 45.01
N GLY B 52 18.63 -13.39 44.18
CA GLY B 52 18.39 -14.06 42.92
C GLY B 52 17.52 -13.27 41.97
N ARG B 53 17.51 -11.94 42.11
CA ARG B 53 16.72 -11.09 41.23
C ARG B 53 17.61 -10.44 40.17
N PRO B 54 17.08 -10.13 39.00
CA PRO B 54 17.93 -9.60 37.94
C PRO B 54 18.50 -8.23 38.30
N LYS B 55 19.78 -8.04 38.00
CA LYS B 55 20.40 -6.74 38.21
C LYS B 55 19.75 -5.71 37.30
N PRO B 56 19.40 -4.53 37.82
CA PRO B 56 18.70 -3.54 36.99
C PRO B 56 19.55 -2.99 35.86
N HIS B 57 18.86 -2.63 34.78
CA HIS B 57 19.54 -2.03 33.63
C HIS B 57 20.18 -0.70 33.98
N ILE B 58 19.63 0.00 34.98
CA ILE B 58 20.12 1.29 35.42
C ILE B 58 20.41 1.20 36.92
N GLY B 59 21.62 1.58 37.31
CA GLY B 59 22.01 1.56 38.70
C GLY B 59 23.46 1.92 38.92
N PRO B 60 23.88 1.97 40.20
CA PRO B 60 23.08 1.71 41.40
C PRO B 60 22.56 2.98 42.08
N ASN B 61 22.90 4.16 41.58
CA ASN B 61 22.62 5.42 42.26
C ASN B 61 22.02 6.43 41.28
N TYR B 62 21.70 7.61 41.80
CA TYR B 62 21.05 8.63 40.98
C TYR B 62 21.97 9.09 39.86
N GLU B 63 23.28 9.17 40.11
CA GLU B 63 24.21 9.63 39.08
C GLU B 63 24.14 8.72 37.85
N SER B 64 23.94 7.43 38.05
CA SER B 64 23.85 6.52 36.90
C SER B 64 22.64 6.85 36.05
N TYR B 65 21.56 7.37 36.66
CA TYR B 65 20.40 7.78 35.88
C TYR B 65 20.68 9.05 35.08
N VAL B 66 21.39 10.01 35.68
CA VAL B 66 21.67 11.26 34.98
C VAL B 66 22.64 11.03 33.82
N LYS B 67 23.64 10.17 34.01
CA LYS B 67 24.61 9.94 32.94
C LYS B 67 23.92 9.38 31.70
N GLU B 68 22.97 8.47 31.87
CA GLU B 68 22.24 7.93 30.73
C GLU B 68 21.16 8.90 30.25
N TRP B 69 20.48 9.57 31.18
CA TRP B 69 19.39 10.47 30.79
C TRP B 69 19.91 11.59 29.90
N ALA B 70 21.11 12.11 30.21
CA ALA B 70 21.66 13.23 29.45
C ALA B 70 21.91 12.87 27.99
N LYS B 71 22.04 11.59 27.65
CA LYS B 71 22.16 11.20 26.26
C LYS B 71 20.83 11.30 25.52
N THR B 72 19.72 11.32 26.25
CA THR B 72 18.39 11.26 25.64
C THR B 72 17.78 12.64 25.37
N VAL B 73 18.43 13.71 25.81
CA VAL B 73 17.96 15.07 25.59
C VAL B 73 19.12 15.91 25.08
N GLY B 74 18.82 17.17 24.76
CA GLY B 74 19.82 18.06 24.21
C GLY B 74 20.00 17.86 22.71
N PRO B 75 20.82 18.70 22.09
CA PRO B 75 21.03 18.61 20.64
C PRO B 75 21.93 17.47 20.20
N ASN B 76 22.32 16.58 21.11
CA ASN B 76 23.15 15.43 20.80
C ASN B 76 22.42 14.12 21.09
N SER B 77 21.09 14.14 21.12
CA SER B 77 20.30 12.98 21.51
C SER B 77 19.81 12.14 20.35
N ASP B 78 19.99 12.59 19.10
CA ASP B 78 19.59 11.76 17.97
C ASP B 78 20.40 10.47 17.93
N GLU B 79 21.69 10.56 18.27
CA GLU B 79 22.54 9.38 18.26
C GLU B 79 22.01 8.31 19.20
N TRP B 80 21.53 8.70 20.38
CA TRP B 80 20.97 7.74 21.32
C TRP B 80 19.62 7.22 20.84
N TRP B 81 18.71 8.13 20.44
CA TRP B 81 17.36 7.72 20.08
C TRP B 81 17.33 6.88 18.81
N ALA B 82 18.22 7.18 17.85
CA ALA B 82 18.27 6.36 16.64
C ALA B 82 18.68 4.94 16.97
N ALA B 83 19.67 4.78 17.86
CA ALA B 83 20.14 3.45 18.22
C ALA B 83 19.06 2.63 18.92
N LYS B 84 18.35 3.24 19.87
CA LYS B 84 17.32 2.51 20.61
C LYS B 84 16.20 2.04 19.69
N ALA B 85 15.71 2.94 18.83
CA ALA B 85 14.63 2.58 17.92
C ALA B 85 15.02 1.37 17.07
N ARG B 86 16.26 1.33 16.58
CA ARG B 86 16.69 0.23 15.72
C ARG B 86 16.98 -1.03 16.52
N GLU B 87 17.47 -0.89 17.76
CA GLU B 87 17.71 -2.06 18.59
C GLU B 87 16.42 -2.59 19.19
N THR B 88 15.48 -1.71 19.54
CA THR B 88 14.29 -2.10 20.27
C THR B 88 13.24 -2.73 19.36
N LEU B 89 13.08 -2.19 18.16
CA LEU B 89 12.01 -2.59 17.27
C LEU B 89 12.57 -3.24 16.01
N ASP B 90 11.73 -4.05 15.36
CA ASP B 90 12.02 -4.60 14.04
C ASP B 90 11.30 -3.74 13.01
N TRP B 91 12.06 -3.20 12.07
CA TRP B 91 11.55 -2.29 11.05
C TRP B 91 11.51 -2.98 9.71
N TYR B 92 10.41 -2.78 8.97
CA TYR B 92 10.34 -3.24 7.60
C TYR B 92 11.22 -2.39 6.69
N ASP B 93 11.16 -1.07 6.85
CA ASP B 93 12.02 -0.13 6.14
C ASP B 93 12.68 0.78 7.15
N ASP B 94 13.99 0.97 7.01
CA ASP B 94 14.72 1.82 7.94
C ASP B 94 14.32 3.28 7.76
N PHE B 95 14.56 4.07 8.80
CA PHE B 95 14.28 5.49 8.76
C PHE B 95 15.57 6.25 8.49
N LYS B 96 15.41 7.47 7.97
CA LYS B 96 16.53 8.37 7.71
C LYS B 96 16.58 9.52 8.70
N THR B 97 15.46 10.19 8.94
CA THR B 97 15.39 11.28 9.90
C THR B 97 15.03 10.73 11.27
N VAL B 98 15.62 11.32 12.31
CA VAL B 98 15.34 10.88 13.68
C VAL B 98 14.11 11.59 14.24
N ARG B 99 14.11 12.92 14.20
CA ARG B 99 13.02 13.71 14.73
C ARG B 99 12.83 14.95 13.87
N ALA B 100 11.61 15.48 13.86
CA ALA B 100 11.29 16.69 13.12
C ALA B 100 9.95 17.20 13.62
N GLY B 101 9.62 18.43 13.20
CA GLY B 101 8.39 19.05 13.63
C GLY B 101 8.50 19.63 15.03
N GLY B 102 7.38 20.11 15.54
CA GLY B 102 7.39 20.71 16.86
C GLY B 102 6.00 20.99 17.36
N PHE B 103 5.94 21.57 18.56
CA PHE B 103 4.68 21.87 19.21
C PHE B 103 3.89 22.95 18.47
N GLU B 104 4.59 23.94 17.92
CA GLU B 104 3.95 25.16 17.44
C GLU B 104 2.70 24.88 16.63
N HIS B 105 2.84 24.11 15.55
CA HIS B 105 1.74 23.83 14.64
C HIS B 105 1.26 22.39 14.72
N GLY B 106 1.87 21.56 15.56
CA GLY B 106 1.45 20.19 15.73
C GLY B 106 1.80 19.31 14.56
N ASP B 107 3.07 19.25 14.20
CA ASP B 107 3.58 18.42 13.11
C ASP B 107 4.70 17.53 13.61
N VAL B 108 4.59 17.04 14.84
CA VAL B 108 5.66 16.23 15.42
C VAL B 108 5.90 15.01 14.55
N GLN B 109 7.17 14.76 14.25
CA GLN B 109 7.59 13.61 13.46
C GLN B 109 8.72 12.90 14.16
N TRP B 110 8.65 11.57 14.19
CA TRP B 110 9.72 10.73 14.70
C TRP B 110 9.92 9.57 13.74
N PHE B 111 11.14 9.40 13.26
CA PHE B 111 11.49 8.35 12.31
C PHE B 111 10.56 8.36 11.09
N PRO B 112 10.42 9.51 10.42
CA PRO B 112 9.37 9.62 9.38
C PRO B 112 9.43 8.58 8.29
N GLU B 113 10.63 8.21 7.82
CA GLU B 113 10.74 7.38 6.64
C GLU B 113 10.59 5.89 6.93
N GLY B 114 10.75 5.48 8.19
CA GLY B 114 10.69 4.08 8.50
C GLY B 114 9.30 3.51 8.39
N THR B 115 9.24 2.20 8.12
CA THR B 115 7.99 1.45 8.14
C THR B 115 8.13 0.33 9.15
N LEU B 116 6.99 -0.11 9.69
CA LEU B 116 6.98 -1.14 10.71
C LEU B 116 5.52 -1.53 10.93
N ASN B 117 5.30 -2.52 11.78
CA ASN B 117 3.97 -2.93 12.18
C ASN B 117 3.96 -3.23 13.67
N ALA B 118 2.94 -2.73 14.38
CA ALA B 118 2.85 -2.97 15.81
C ALA B 118 2.59 -4.44 16.11
N ALA B 119 1.64 -5.05 15.38
CA ALA B 119 1.33 -6.45 15.62
C ALA B 119 2.53 -7.34 15.35
N TYR B 120 3.43 -6.91 14.47
CA TYR B 120 4.65 -7.69 14.24
C TYR B 120 5.58 -7.59 15.44
N ASN B 121 5.74 -6.38 15.99
CA ASN B 121 6.63 -6.18 17.11
C ASN B 121 6.08 -6.74 18.42
N CYS B 122 4.77 -6.93 18.52
CA CYS B 122 4.15 -7.47 19.72
C CYS B 122 3.83 -8.96 19.65
N LEU B 123 3.68 -9.51 18.45
CA LEU B 123 3.29 -10.92 18.31
C LEU B 123 4.30 -11.70 17.48
N ASP B 124 4.44 -11.39 16.18
CA ASP B 124 5.14 -12.28 15.26
C ASP B 124 6.56 -12.56 15.72
N ARG B 125 7.37 -11.51 15.92
CA ARG B 125 8.79 -11.71 16.19
C ARG B 125 9.03 -12.48 17.48
N HIS B 126 8.06 -12.51 18.39
CA HIS B 126 8.16 -13.33 19.59
C HIS B 126 7.64 -14.74 19.35
N TYR B 127 6.59 -14.86 18.52
CA TYR B 127 6.13 -16.18 18.09
C TYR B 127 7.24 -16.94 17.39
N TYR B 128 8.02 -16.26 16.56
CA TYR B 128 9.10 -16.91 15.82
C TYR B 128 10.22 -17.40 16.73
N LYS B 129 10.37 -16.84 17.93
CA LYS B 129 11.45 -17.21 18.84
C LYS B 129 11.03 -18.24 19.87
N ASN B 130 9.85 -18.09 20.47
CA ASN B 130 9.32 -19.05 21.44
C ASN B 130 7.81 -18.96 21.42
N PRO B 131 7.16 -19.75 20.56
CA PRO B 131 5.71 -19.60 20.40
C PRO B 131 4.93 -20.04 21.63
N LYS B 132 5.46 -20.94 22.45
CA LYS B 132 4.73 -21.48 23.58
C LYS B 132 4.85 -20.63 24.83
N LYS B 133 5.70 -19.61 24.84
CA LYS B 133 5.79 -18.72 25.99
C LYS B 133 4.47 -18.01 26.21
N THR B 134 4.09 -17.85 27.48
CA THR B 134 2.82 -17.22 27.81
C THR B 134 2.89 -15.74 27.49
N ALA B 135 2.01 -15.29 26.59
CA ALA B 135 1.89 -13.87 26.31
C ALA B 135 0.96 -13.17 27.29
N ILE B 136 -0.19 -13.78 27.57
CA ILE B 136 -1.23 -13.19 28.41
C ILE B 136 -1.58 -14.18 29.50
N ILE B 137 -1.46 -13.75 30.76
CA ILE B 137 -2.06 -14.48 31.88
C ILE B 137 -3.49 -13.95 32.00
N TYR B 138 -4.45 -14.78 31.63
CA TYR B 138 -5.86 -14.38 31.64
C TYR B 138 -6.44 -14.71 32.99
N GLU B 139 -6.59 -13.68 33.84
CA GLU B 139 -7.24 -13.84 35.13
C GLU B 139 -8.71 -13.55 34.93
N ALA B 140 -9.52 -14.61 34.85
CA ALA B 140 -10.94 -14.47 34.60
C ALA B 140 -11.67 -13.94 35.83
N ASP B 141 -12.89 -13.46 35.60
CA ASP B 141 -13.71 -12.97 36.70
C ASP B 141 -13.83 -14.01 37.81
N GLU B 142 -14.16 -15.24 37.43
CA GLU B 142 -14.08 -16.36 38.36
C GLU B 142 -12.64 -16.88 38.38
N PRO B 143 -11.99 -16.98 39.54
CA PRO B 143 -10.58 -17.37 39.54
C PRO B 143 -10.31 -18.73 38.92
N SER B 144 -11.28 -19.65 38.96
CA SER B 144 -11.05 -21.01 38.49
C SER B 144 -10.95 -21.10 36.97
N GLU B 145 -11.42 -20.08 36.25
CA GLU B 145 -11.40 -20.08 34.80
C GLU B 145 -10.16 -19.41 34.22
N SER B 146 -9.19 -19.09 35.06
CA SER B 146 -7.96 -18.45 34.59
C SER B 146 -7.08 -19.47 33.88
N ARG B 147 -6.33 -18.99 32.89
CA ARG B 147 -5.44 -19.86 32.12
C ARG B 147 -4.39 -18.98 31.43
N GLU B 148 -3.36 -19.65 30.92
CA GLU B 148 -2.28 -18.98 30.21
C GLU B 148 -2.52 -19.01 28.72
N VAL B 149 -2.34 -17.87 28.06
CA VAL B 149 -2.47 -17.76 26.61
C VAL B 149 -1.07 -17.58 26.04
N SER B 150 -0.62 -18.55 25.26
CA SER B 150 0.70 -18.48 24.66
C SER B 150 0.73 -17.46 23.53
N TYR B 151 1.94 -17.06 23.14
CA TYR B 151 2.07 -16.15 22.02
C TYR B 151 1.48 -16.76 20.75
N GLU B 152 1.67 -18.07 20.56
CA GLU B 152 1.10 -18.75 19.40
C GLU B 152 -0.41 -18.57 19.35
N GLU B 153 -1.10 -18.88 20.45
CA GLU B 153 -2.55 -18.77 20.47
C GLU B 153 -2.99 -17.32 20.23
N LEU B 154 -2.31 -16.36 20.87
CA LEU B 154 -2.70 -14.96 20.70
C LEU B 154 -2.47 -14.50 19.27
N MET B 155 -1.39 -14.95 18.65
CA MET B 155 -1.13 -14.59 17.26
C MET B 155 -2.21 -15.14 16.34
N GLN B 156 -2.56 -16.42 16.52
CA GLN B 156 -3.56 -17.04 15.68
C GLN B 156 -4.91 -16.35 15.84
N GLU B 157 -5.30 -16.07 17.08
CA GLU B 157 -6.54 -15.35 17.33
C GLU B 157 -6.51 -13.97 16.67
N THR B 158 -5.38 -13.28 16.78
CA THR B 158 -5.23 -11.96 16.18
C THR B 158 -5.34 -12.05 14.66
N CYS B 159 -4.65 -13.01 14.06
CA CYS B 159 -4.67 -13.12 12.60
C CYS B 159 -6.07 -13.47 12.11
N ARG B 160 -6.79 -14.33 12.83
CA ARG B 160 -8.16 -14.64 12.45
C ARG B 160 -9.03 -13.39 12.46
N VAL B 161 -8.97 -12.62 13.55
CA VAL B 161 -9.75 -11.39 13.64
C VAL B 161 -9.36 -10.43 12.53
N ALA B 162 -8.06 -10.30 12.28
CA ALA B 162 -7.61 -9.41 11.21
C ALA B 162 -8.21 -9.83 9.87
N ASN B 163 -8.22 -11.14 9.59
CA ASN B 163 -8.82 -11.63 8.35
C ASN B 163 -10.33 -11.41 8.33
N VAL B 164 -10.99 -11.50 9.48
CA VAL B 164 -12.41 -11.15 9.53
C VAL B 164 -12.60 -9.68 9.20
N LEU B 165 -11.75 -8.82 9.76
CA LEU B 165 -11.85 -7.39 9.48
C LEU B 165 -11.58 -7.11 8.00
N LYS B 166 -10.54 -7.73 7.45
CA LYS B 166 -10.28 -7.58 6.02
C LYS B 166 -11.47 -8.01 5.19
N SER B 167 -12.14 -9.09 5.60
CA SER B 167 -13.33 -9.55 4.90
C SER B 167 -14.48 -8.56 5.01
N TYR B 168 -14.47 -7.70 6.03
CA TYR B 168 -15.47 -6.65 6.16
C TYR B 168 -15.13 -5.39 5.35
N GLY B 169 -14.03 -5.39 4.61
CA GLY B 169 -13.64 -4.21 3.87
C GLY B 169 -12.85 -3.19 4.65
N VAL B 170 -12.44 -3.51 5.88
CA VAL B 170 -11.63 -2.59 6.66
C VAL B 170 -10.29 -2.41 5.96
N LYS B 171 -9.95 -1.17 5.65
CA LYS B 171 -8.71 -0.83 4.98
C LYS B 171 -7.79 -0.07 5.92
N LYS B 172 -6.50 -0.09 5.59
CA LYS B 172 -5.53 0.74 6.29
C LYS B 172 -6.06 2.15 6.42
N GLY B 173 -6.07 2.67 7.66
CA GLY B 173 -6.58 4.00 7.93
C GLY B 173 -8.03 4.05 8.36
N ASP B 174 -8.77 2.96 8.20
CA ASP B 174 -10.15 2.90 8.69
C ASP B 174 -10.16 2.75 10.20
N ALA B 175 -11.20 3.28 10.83
CA ALA B 175 -11.36 3.22 12.28
C ALA B 175 -12.25 2.03 12.65
N VAL B 176 -11.89 1.38 13.76
CA VAL B 176 -12.63 0.24 14.30
C VAL B 176 -12.86 0.49 15.78
N SER B 177 -14.13 0.44 16.20
CA SER B 177 -14.48 0.61 17.60
C SER B 177 -14.37 -0.73 18.33
N ILE B 178 -13.75 -0.72 19.50
CA ILE B 178 -13.64 -1.88 20.37
C ILE B 178 -14.39 -1.57 21.66
N TYR B 179 -15.39 -2.39 21.97
CA TYR B 179 -16.19 -2.26 23.19
C TYR B 179 -16.15 -3.60 23.92
N LEU B 180 -15.00 -3.92 24.51
CA LEU B 180 -14.73 -5.24 25.03
C LEU B 180 -14.37 -5.19 26.52
N PRO B 181 -14.86 -6.14 27.32
CA PRO B 181 -14.41 -6.22 28.71
C PRO B 181 -13.00 -6.79 28.80
N MET B 182 -12.49 -6.92 30.03
CA MET B 182 -11.12 -7.36 30.21
C MET B 182 -10.99 -8.87 30.08
N THR B 183 -11.46 -9.41 28.97
CA THR B 183 -11.14 -10.77 28.57
C THR B 183 -9.91 -10.75 27.68
N TRP B 184 -9.18 -11.87 27.65
CA TRP B 184 -7.89 -11.87 26.99
C TRP B 184 -8.01 -11.59 25.49
N GLN B 185 -9.17 -11.81 24.89
CA GLN B 185 -9.34 -11.54 23.47
C GLN B 185 -9.26 -10.04 23.15
N ALA B 186 -9.39 -9.18 24.17
CA ALA B 186 -9.31 -7.74 23.92
C ALA B 186 -7.97 -7.37 23.30
N ALA B 187 -6.89 -8.00 23.75
CA ALA B 187 -5.58 -7.77 23.13
C ALA B 187 -5.57 -8.24 21.69
N ALA B 188 -6.27 -9.34 21.39
CA ALA B 188 -6.36 -9.82 20.02
C ALA B 188 -7.07 -8.81 19.13
N ALA B 189 -8.11 -8.15 19.65
CA ALA B 189 -8.83 -7.16 18.86
C ALA B 189 -7.99 -5.91 18.64
N PHE B 190 -7.24 -5.49 19.66
CA PHE B 190 -6.31 -4.38 19.49
C PHE B 190 -5.31 -4.69 18.39
N LEU B 191 -4.59 -5.80 18.54
CA LEU B 191 -3.47 -6.08 17.65
C LEU B 191 -3.94 -6.48 16.25
N ALA B 192 -5.16 -7.00 16.13
CA ALA B 192 -5.71 -7.27 14.80
C ALA B 192 -5.89 -5.97 14.02
N CYS B 193 -6.42 -4.94 14.67
CA CYS B 193 -6.52 -3.63 14.03
C CYS B 193 -5.14 -3.11 13.65
N ALA B 194 -4.18 -3.19 14.57
CA ALA B 194 -2.83 -2.74 14.28
C ALA B 194 -2.20 -3.55 13.16
N ARG B 195 -2.55 -4.84 13.06
CA ARG B 195 -1.94 -5.69 12.04
C ARG B 195 -2.30 -5.23 10.64
N ILE B 196 -3.56 -4.80 10.44
CA ILE B 196 -4.01 -4.40 9.11
C ILE B 196 -3.91 -2.90 8.89
N GLY B 197 -3.36 -2.16 9.86
CA GLY B 197 -3.26 -0.73 9.72
C GLY B 197 -4.50 0.06 10.09
N ALA B 198 -5.52 -0.61 10.62
CA ALA B 198 -6.72 0.10 11.06
C ALA B 198 -6.44 0.81 12.39
N ILE B 199 -7.33 1.74 12.73
CA ILE B 199 -7.17 2.59 13.90
C ILE B 199 -8.24 2.18 14.91
N HIS B 200 -7.84 1.47 15.96
CA HIS B 200 -8.81 1.00 16.93
C HIS B 200 -9.12 2.10 17.95
N SER B 201 -10.39 2.15 18.37
CA SER B 201 -10.88 3.12 19.35
C SER B 201 -11.57 2.34 20.46
N ALA B 202 -10.82 2.04 21.52
CA ALA B 202 -11.35 1.22 22.60
C ALA B 202 -12.13 2.08 23.58
N VAL B 203 -13.32 1.61 23.95
CA VAL B 203 -14.20 2.29 24.91
C VAL B 203 -14.46 1.34 26.06
N PHE B 204 -14.35 1.85 27.29
CA PHE B 204 -14.60 1.04 28.48
C PHE B 204 -15.86 0.22 28.32
N ALA B 205 -15.74 -1.10 28.52
CA ALA B 205 -16.93 -1.94 28.57
C ALA B 205 -17.78 -1.54 29.76
N GLY B 206 -19.06 -1.29 29.52
CA GLY B 206 -19.97 -0.79 30.53
C GLY B 206 -20.35 0.67 30.38
N PHE B 207 -19.70 1.40 29.46
CA PHE B 207 -20.12 2.77 29.18
C PHE B 207 -21.57 2.79 28.72
N SER B 208 -22.28 3.86 29.08
CA SER B 208 -23.68 3.98 28.71
C SER B 208 -23.82 3.97 27.19
N ALA B 209 -25.04 3.69 26.74
CA ALA B 209 -25.30 3.70 25.30
C ALA B 209 -25.04 5.07 24.69
N GLU B 210 -25.32 6.14 25.44
CA GLU B 210 -25.10 7.48 24.93
C GLU B 210 -23.61 7.78 24.78
N SER B 211 -22.81 7.42 25.78
CA SER B 211 -21.37 7.68 25.72
C SER B 211 -20.71 6.86 24.61
N LEU B 212 -21.10 5.59 24.48
CA LEU B 212 -20.54 4.77 23.40
C LEU B 212 -20.93 5.32 22.04
N ARG B 213 -22.19 5.73 21.88
CA ARG B 213 -22.66 6.28 20.61
C ARG B 213 -21.78 7.43 20.15
N ASP B 214 -21.54 8.40 21.04
CA ASP B 214 -20.79 9.59 20.66
C ASP B 214 -19.38 9.23 20.21
N ARG B 215 -18.75 8.27 20.89
CA ARG B 215 -17.39 7.87 20.53
C ARG B 215 -17.38 6.99 19.29
N VAL B 216 -18.43 6.20 19.06
CA VAL B 216 -18.53 5.45 17.82
C VAL B 216 -18.76 6.38 16.64
N ASN B 217 -19.58 7.42 16.83
CA ASN B 217 -19.85 8.35 15.75
C ASN B 217 -18.67 9.29 15.50
N ASP B 218 -17.93 9.65 16.55
CA ASP B 218 -16.86 10.63 16.39
C ASP B 218 -15.69 10.06 15.59
N CYS B 219 -15.35 8.79 15.82
CA CYS B 219 -14.29 8.14 15.06
C CYS B 219 -14.77 7.65 13.70
N GLU B 220 -16.06 7.75 13.41
CA GLU B 220 -16.62 7.41 12.11
C GLU B 220 -16.29 5.99 11.69
N CYS B 221 -16.16 5.09 12.66
CA CYS B 221 -15.88 3.69 12.35
C CYS B 221 -17.10 3.02 11.72
N LYS B 222 -16.83 2.02 10.87
CA LYS B 222 -17.88 1.20 10.27
C LYS B 222 -18.00 -0.18 10.88
N VAL B 223 -17.06 -0.59 11.74
CA VAL B 223 -17.05 -1.91 12.33
C VAL B 223 -16.88 -1.76 13.84
N LEU B 224 -17.64 -2.57 14.59
CA LEU B 224 -17.64 -2.52 16.05
C LEU B 224 -17.37 -3.91 16.60
N ILE B 225 -16.44 -4.00 17.54
CA ILE B 225 -16.10 -5.25 18.21
C ILE B 225 -16.61 -5.17 19.63
N THR B 226 -17.35 -6.19 20.06
CA THR B 226 -17.93 -6.20 21.39
C THR B 226 -18.16 -7.64 21.83
N THR B 227 -18.69 -7.79 23.03
CA THR B 227 -19.08 -9.09 23.59
C THR B 227 -20.59 -9.16 23.72
N ASP B 228 -21.09 -10.37 23.97
CA ASP B 228 -22.49 -10.51 24.36
C ASP B 228 -22.72 -9.95 25.75
N GLU B 229 -21.81 -10.24 26.68
CA GLU B 229 -21.87 -9.73 28.03
C GLU B 229 -20.46 -9.70 28.62
N GLY B 230 -20.28 -8.86 29.63
CA GLY B 230 -19.03 -8.80 30.34
C GLY B 230 -19.20 -9.30 31.76
N ARG B 231 -18.10 -9.71 32.40
CA ARG B 231 -18.14 -10.26 33.75
C ARG B 231 -17.09 -9.56 34.60
N ARG B 232 -17.55 -8.73 35.54
CA ARG B 232 -16.67 -8.09 36.50
C ARG B 232 -17.35 -8.05 37.87
N GLY B 233 -16.60 -8.41 38.90
CA GLY B 233 -17.13 -8.42 40.25
C GLY B 233 -18.35 -9.31 40.40
N GLY B 234 -18.43 -10.39 39.64
CA GLY B 234 -19.56 -11.27 39.72
C GLY B 234 -20.86 -10.71 39.19
N LYS B 235 -20.83 -9.53 38.56
CA LYS B 235 -22.01 -8.91 38.01
C LYS B 235 -21.93 -8.90 36.48
N THR B 236 -23.08 -8.95 35.84
CA THR B 236 -23.16 -9.01 34.39
C THR B 236 -23.19 -7.61 33.79
N ILE B 237 -22.28 -7.36 32.84
CA ILE B 237 -22.27 -6.14 32.04
C ILE B 237 -22.95 -6.49 30.72
N ALA B 238 -24.13 -5.89 30.49
CA ALA B 238 -24.94 -6.19 29.30
C ALA B 238 -24.40 -5.40 28.11
N THR B 239 -23.20 -5.79 27.68
CA THR B 239 -22.52 -5.06 26.61
C THR B 239 -23.36 -5.02 25.34
N LYS B 240 -23.81 -6.19 24.86
CA LYS B 240 -24.56 -6.24 23.61
C LYS B 240 -25.89 -5.50 23.72
N GLN B 241 -26.50 -5.49 24.90
CA GLN B 241 -27.70 -4.68 25.08
C GLN B 241 -27.37 -3.20 24.89
N ILE B 242 -26.25 -2.75 25.46
CA ILE B 242 -25.86 -1.36 25.32
C ILE B 242 -25.49 -1.05 23.88
N VAL B 243 -24.78 -1.98 23.22
CA VAL B 243 -24.40 -1.76 21.83
C VAL B 243 -25.64 -1.60 20.95
N ASP B 244 -26.65 -2.44 21.16
CA ASP B 244 -27.87 -2.34 20.36
C ASP B 244 -28.52 -0.97 20.50
N ALA B 245 -28.66 -0.49 21.74
CA ALA B 245 -29.27 0.81 21.95
C ALA B 245 -28.46 1.91 21.27
N ALA B 246 -27.14 1.87 21.43
CA ALA B 246 -26.30 2.93 20.86
C ALA B 246 -26.36 2.92 19.34
N LEU B 247 -26.33 1.74 18.72
CA LEU B 247 -26.24 1.66 17.27
C LEU B 247 -27.49 2.14 16.55
N GLN B 248 -28.62 2.33 17.24
CA GLN B 248 -29.75 3.00 16.60
C GLN B 248 -29.44 4.43 16.20
N GLN B 249 -28.34 5.00 16.71
CA GLN B 249 -27.94 6.36 16.36
C GLN B 249 -26.51 6.39 15.84
N CYS B 250 -25.98 5.24 15.40
CA CYS B 250 -24.67 5.13 14.78
C CYS B 250 -24.88 4.52 13.40
N PRO B 251 -25.25 5.33 12.40
CA PRO B 251 -25.58 4.76 11.09
C PRO B 251 -24.37 4.22 10.34
N LEU B 252 -23.15 4.65 10.67
CA LEU B 252 -22.00 4.25 9.88
C LEU B 252 -21.54 2.82 10.17
N VAL B 253 -22.04 2.20 11.22
CA VAL B 253 -21.59 0.87 11.62
C VAL B 253 -22.41 -0.17 10.85
N GLU B 254 -21.72 -0.95 10.02
CA GLU B 254 -22.36 -1.98 9.20
C GLU B 254 -22.11 -3.40 9.68
N ASN B 255 -20.98 -3.66 10.32
CA ASN B 255 -20.64 -4.98 10.81
C ASN B 255 -20.30 -4.90 12.29
N VAL B 256 -20.85 -5.82 13.08
CA VAL B 256 -20.56 -5.93 14.51
C VAL B 256 -20.11 -7.35 14.78
N LEU B 257 -18.90 -7.51 15.32
CA LEU B 257 -18.36 -8.81 15.68
C LEU B 257 -18.55 -9.01 17.18
N VAL B 258 -19.29 -10.07 17.55
CA VAL B 258 -19.71 -10.31 18.91
C VAL B 258 -18.94 -11.51 19.45
N LEU B 259 -18.14 -11.29 20.50
CA LEU B 259 -17.45 -12.37 21.18
C LEU B 259 -18.39 -13.03 22.16
N ARG B 260 -18.48 -14.36 22.10
CA ARG B 260 -19.34 -15.15 23.00
C ARG B 260 -18.57 -15.35 24.31
N ARG B 261 -18.75 -14.42 25.24
CA ARG B 261 -18.04 -14.47 26.52
C ARG B 261 -18.84 -15.22 27.59
N THR B 262 -20.12 -14.91 27.74
CA THR B 262 -20.97 -15.59 28.70
C THR B 262 -21.92 -16.59 28.05
N GLY B 263 -22.40 -16.31 26.85
CA GLY B 263 -23.32 -17.19 26.15
C GLY B 263 -24.77 -17.00 26.49
N ASN B 264 -25.11 -16.06 27.38
CA ASN B 264 -26.50 -15.79 27.69
C ASN B 264 -27.20 -15.21 26.46
N LYS B 265 -28.51 -15.44 26.38
CA LYS B 265 -29.28 -14.93 25.26
C LYS B 265 -29.23 -13.41 25.22
N VAL B 266 -28.64 -12.88 24.14
CA VAL B 266 -28.58 -11.44 23.89
C VAL B 266 -29.10 -11.21 22.48
N PRO B 267 -29.74 -10.09 22.19
CA PRO B 267 -30.25 -9.89 20.83
C PRO B 267 -29.13 -9.86 19.81
N MET B 268 -29.41 -10.40 18.63
CA MET B 268 -28.47 -10.36 17.52
C MET B 268 -29.25 -9.95 16.28
N THR B 269 -28.70 -9.00 15.53
CA THR B 269 -29.29 -8.52 14.28
C THR B 269 -28.57 -9.23 13.14
N GLU B 270 -29.28 -10.12 12.46
CA GLU B 270 -28.67 -10.92 11.41
C GLU B 270 -28.14 -10.02 10.30
N GLY B 271 -27.01 -10.42 9.71
CA GLY B 271 -26.35 -9.61 8.70
C GLY B 271 -25.39 -8.61 9.30
N ARG B 272 -25.89 -7.77 10.21
CA ARG B 272 -25.00 -6.79 10.85
C ARG B 272 -24.13 -7.46 11.91
N ASP B 273 -24.74 -8.28 12.76
CA ASP B 273 -24.05 -8.89 13.88
C ASP B 273 -23.73 -10.34 13.55
N LYS B 274 -22.46 -10.73 13.74
CA LYS B 274 -22.04 -12.11 13.57
C LYS B 274 -21.12 -12.49 14.72
N TRP B 275 -21.06 -13.78 15.01
CA TRP B 275 -20.34 -14.27 16.18
C TRP B 275 -18.84 -14.38 15.92
N TRP B 276 -18.07 -14.00 16.94
CA TRP B 276 -16.61 -14.04 16.85
C TRP B 276 -16.12 -15.44 16.46
N ASP B 277 -16.54 -16.45 17.22
CA ASP B 277 -16.01 -17.80 17.01
C ASP B 277 -16.36 -18.32 15.62
N GLU B 278 -17.58 -18.04 15.15
CA GLU B 278 -18.00 -18.51 13.83
C GLU B 278 -17.22 -17.80 12.73
N GLU B 279 -17.08 -16.48 12.82
CA GLU B 279 -16.34 -15.73 11.81
C GLU B 279 -14.89 -16.18 11.73
N CYS B 280 -14.23 -16.29 12.88
CA CYS B 280 -12.82 -16.67 12.88
C CYS B 280 -12.60 -18.10 12.38
N ALA B 281 -13.62 -18.95 12.46
CA ALA B 281 -13.49 -20.31 11.98
C ALA B 281 -13.41 -20.39 10.47
N LYS B 282 -13.88 -19.35 9.76
CA LYS B 282 -13.82 -19.34 8.30
C LYS B 282 -12.50 -18.79 7.77
N MET B 283 -11.63 -18.29 8.65
CA MET B 283 -10.44 -17.55 8.23
C MET B 283 -9.16 -18.30 8.61
N PRO B 284 -8.07 -18.08 7.87
CA PRO B 284 -6.80 -18.71 8.25
C PRO B 284 -6.26 -18.13 9.54
N ALA B 285 -5.33 -18.87 10.14
CA ALA B 285 -4.72 -18.48 11.40
C ALA B 285 -3.44 -17.67 11.21
N TYR B 286 -3.14 -17.24 9.99
CA TYR B 286 -2.11 -16.24 9.75
C TYR B 286 -2.67 -15.19 8.79
N CYS B 287 -2.15 -13.97 8.92
CA CYS B 287 -2.54 -12.82 8.11
C CYS B 287 -1.30 -11.97 7.86
N PRO B 288 -1.14 -11.45 6.65
CA PRO B 288 0.02 -10.57 6.39
C PRO B 288 -0.07 -9.29 7.20
N CYS B 289 1.12 -8.75 7.53
CA CYS B 289 1.21 -7.50 8.27
C CYS B 289 1.28 -6.32 7.31
N GLU B 290 0.36 -5.37 7.45
CA GLU B 290 0.46 -4.14 6.71
C GLU B 290 1.66 -3.34 7.22
N ARG B 291 2.49 -2.91 6.27
CA ARG B 291 3.69 -2.13 6.62
C ARG B 291 3.23 -0.68 6.81
N MET B 292 3.30 -0.20 8.05
CA MET B 292 2.78 1.12 8.38
C MET B 292 3.93 2.12 8.44
N ALA B 293 3.69 3.31 7.90
CA ALA B 293 4.62 4.41 8.10
C ALA B 293 4.70 4.73 9.59
N SER B 294 5.85 5.23 10.01
CA SER B 294 6.07 5.51 11.43
CA SER B 294 6.07 5.52 11.42
C SER B 294 4.99 6.44 11.97
N GLU B 295 4.57 7.42 11.18
CA GLU B 295 3.59 8.41 11.62
C GLU B 295 2.17 8.05 11.23
N ASP B 296 1.94 6.86 10.69
CA ASP B 296 0.57 6.42 10.50
C ASP B 296 -0.11 6.29 11.87
N PRO B 297 -1.36 6.71 11.99
CA PRO B 297 -2.03 6.63 13.30
C PRO B 297 -2.24 5.19 13.73
N LEU B 298 -1.92 4.90 14.99
CA LEU B 298 -2.08 3.56 15.56
C LEU B 298 -3.43 3.38 16.24
N PHE B 299 -3.88 4.36 17.02
CA PHE B 299 -5.16 4.21 17.70
C PHE B 299 -5.70 5.57 18.11
N ILE B 300 -7.01 5.59 18.35
CA ILE B 300 -7.71 6.71 18.97
C ILE B 300 -8.14 6.25 20.35
N LEU B 301 -8.04 7.14 21.34
CA LEU B 301 -8.45 6.82 22.71
C LEU B 301 -9.14 8.05 23.30
N TYR B 302 -10.45 7.95 23.51
CA TYR B 302 -11.20 9.06 24.07
C TYR B 302 -11.04 9.08 25.59
N THR B 303 -10.70 10.26 26.12
CA THR B 303 -10.49 10.45 27.55
C THR B 303 -11.77 10.96 28.20
N SER B 304 -12.07 10.44 29.38
CA SER B 304 -13.26 10.85 30.13
C SER B 304 -12.95 12.09 30.97
N GLY B 308 -16.01 18.33 28.27
CA GLY B 308 -16.69 18.88 27.13
C GLY B 308 -17.03 17.82 26.09
N LYS B 309 -16.63 18.06 24.85
CA LYS B 309 -16.85 17.09 23.78
C LYS B 309 -15.87 15.94 23.92
N PRO B 310 -16.20 14.77 23.39
CA PRO B 310 -15.27 13.63 23.50
C PRO B 310 -13.98 13.94 22.77
N LYS B 311 -12.86 13.83 23.49
CA LYS B 311 -11.55 14.20 22.96
C LYS B 311 -10.82 12.92 22.56
N GLY B 312 -10.72 12.68 21.26
CA GLY B 312 -10.06 11.49 20.75
C GLY B 312 -8.55 11.65 20.59
N VAL B 313 -7.80 11.23 21.61
CA VAL B 313 -6.35 11.35 21.56
C VAL B 313 -5.80 10.36 20.54
N VAL B 314 -5.04 10.86 19.57
CA VAL B 314 -4.52 10.06 18.47
C VAL B 314 -3.02 9.87 18.69
N HIS B 315 -2.56 8.62 18.53
CA HIS B 315 -1.14 8.31 18.63
C HIS B 315 -0.64 7.70 17.33
N SER B 316 0.58 8.06 16.95
CA SER B 316 1.24 7.46 15.80
C SER B 316 1.71 6.06 16.20
N THR B 317 2.50 5.43 15.34
CA THR B 317 2.90 4.04 15.52
C THR B 317 4.28 3.90 16.15
N ALA B 318 5.32 4.36 15.45
CA ALA B 318 6.69 4.05 15.88
C ALA B 318 7.04 4.77 17.18
N GLY B 319 6.72 6.06 17.27
CA GLY B 319 7.03 6.79 18.50
C GLY B 319 6.35 6.20 19.71
N TYR B 320 5.03 5.95 19.59
CA TYR B 320 4.29 5.38 20.72
C TYR B 320 4.84 4.02 21.11
N LEU B 321 5.06 3.15 20.11
CA LEU B 321 5.54 1.81 20.40
C LEU B 321 6.89 1.86 21.10
N LEU B 322 7.81 2.69 20.60
CA LEU B 322 9.11 2.82 21.24
C LEU B 322 8.97 3.35 22.66
N GLY B 323 8.13 4.37 22.85
CA GLY B 323 7.96 4.93 24.17
C GLY B 323 7.44 3.92 25.17
N THR B 324 6.37 3.22 24.82
CA THR B 324 5.82 2.22 25.73
C THR B 324 6.84 1.12 26.02
N ALA B 325 7.63 0.75 25.01
CA ALA B 325 8.60 -0.31 25.20
C ALA B 325 9.72 0.11 26.15
N LEU B 326 10.25 1.32 25.95
CA LEU B 326 11.39 1.76 26.76
C LEU B 326 10.95 2.08 28.18
N THR B 327 9.81 2.75 28.36
CA THR B 327 9.34 3.05 29.71
C THR B 327 9.12 1.77 30.49
N LEU B 328 8.48 0.77 29.89
CA LEU B 328 8.26 -0.49 30.57
C LEU B 328 9.58 -1.17 30.93
N LYS B 329 10.56 -1.12 30.03
CA LYS B 329 11.82 -1.81 30.28
C LYS B 329 12.62 -1.11 31.38
N TYR B 330 12.52 0.21 31.46
CA TYR B 330 13.34 0.99 32.38
C TYR B 330 12.59 1.41 33.64
N VAL B 331 11.32 1.78 33.53
CA VAL B 331 10.58 2.22 34.72
C VAL B 331 10.24 1.04 35.61
N PHE B 332 10.04 -0.15 35.03
CA PHE B 332 9.74 -1.34 35.80
C PHE B 332 10.86 -2.38 35.75
N ASP B 333 12.00 -2.03 35.16
CA ASP B 333 13.15 -2.92 35.04
C ASP B 333 12.71 -4.30 34.52
N ALA B 334 12.21 -4.30 33.29
CA ALA B 334 11.68 -5.50 32.68
C ALA B 334 12.82 -6.40 32.20
N HIS B 335 12.67 -7.69 32.44
CA HIS B 335 13.62 -8.71 32.01
C HIS B 335 12.86 -9.81 31.29
N PRO B 336 13.55 -10.59 30.47
CA PRO B 336 12.83 -11.49 29.55
C PRO B 336 11.76 -12.36 30.21
N ASP B 337 12.04 -12.92 31.38
CA ASP B 337 11.16 -13.89 32.01
C ASP B 337 10.16 -13.26 32.99
N ASP B 338 10.14 -11.93 33.12
CA ASP B 338 9.25 -11.31 34.09
C ASP B 338 7.79 -11.49 33.69
N ARG B 339 6.92 -11.39 34.68
CA ARG B 339 5.48 -11.52 34.52
C ARG B 339 4.85 -10.22 35.02
N PHE B 340 4.51 -9.33 34.08
CA PHE B 340 4.01 -8.00 34.42
C PHE B 340 2.51 -8.05 34.69
N ALA B 341 2.08 -7.50 35.82
CA ALA B 341 0.69 -7.55 36.26
C ALA B 341 0.14 -6.13 36.40
N CYS B 342 -0.40 -5.59 35.31
CA CYS B 342 -1.15 -4.35 35.34
C CYS B 342 -2.63 -4.70 35.43
N MET B 343 -3.29 -4.21 36.48
CA MET B 343 -4.68 -4.56 36.76
C MET B 343 -5.67 -3.57 36.17
N ALA B 344 -5.21 -2.61 35.38
CA ALA B 344 -6.10 -1.60 34.83
C ALA B 344 -6.98 -2.21 33.75
N ASP B 345 -7.88 -1.40 33.20
CA ASP B 345 -8.77 -1.80 32.12
C ASP B 345 -8.24 -1.25 30.81
N ILE B 346 -8.34 -2.06 29.75
CA ILE B 346 -7.81 -1.67 28.45
C ILE B 346 -8.51 -0.45 27.87
N GLY B 347 -9.66 -0.04 28.42
CA GLY B 347 -10.23 1.24 28.04
C GLY B 347 -9.43 2.44 28.50
N TRP B 348 -8.39 2.22 29.30
CA TRP B 348 -7.52 3.25 29.83
C TRP B 348 -6.19 3.21 29.10
N ILE B 349 -5.55 4.38 28.98
CA ILE B 349 -4.26 4.42 28.30
C ILE B 349 -3.25 3.55 29.03
N THR B 350 -3.40 3.39 30.35
CA THR B 350 -2.52 2.49 31.08
C THR B 350 -2.63 1.07 30.54
N GLY B 351 -3.85 0.64 30.20
CA GLY B 351 -4.01 -0.66 29.58
C GLY B 351 -3.44 -0.71 28.18
N HIS B 352 -3.65 0.34 27.39
CA HIS B 352 -3.06 0.41 26.07
C HIS B 352 -1.54 0.22 26.14
N SER B 353 -0.89 0.98 27.01
CA SER B 353 0.56 1.08 26.99
C SER B 353 1.25 0.02 27.84
N TYR B 354 0.65 -0.40 28.96
CA TYR B 354 1.34 -1.27 29.90
C TYR B 354 0.56 -2.54 30.22
N ILE B 355 -0.45 -2.87 29.41
CA ILE B 355 -0.99 -4.22 29.35
C ILE B 355 -0.69 -4.87 28.01
N ILE B 356 -0.90 -4.14 26.92
CA ILE B 356 -0.80 -4.70 25.57
C ILE B 356 0.51 -4.31 24.91
N TYR B 357 0.63 -3.04 24.50
CA TYR B 357 1.70 -2.66 23.61
C TYR B 357 3.07 -2.74 24.30
N GLY B 358 3.21 -2.09 25.44
CA GLY B 358 4.46 -2.11 26.16
C GLY B 358 4.97 -3.52 26.44
N PRO B 359 4.22 -4.28 27.23
CA PRO B 359 4.70 -5.63 27.60
C PRO B 359 4.91 -6.55 26.41
N LEU B 360 3.94 -6.63 25.49
CA LEU B 360 4.07 -7.56 24.39
C LEU B 360 5.19 -7.17 23.43
N ALA B 361 5.46 -5.88 23.29
CA ALA B 361 6.61 -5.46 22.50
C ALA B 361 7.90 -6.02 23.08
N ASN B 362 8.06 -5.91 24.39
CA ASN B 362 9.26 -6.42 25.04
C ASN B 362 9.34 -7.93 25.09
N GLY B 363 8.27 -8.63 24.69
CA GLY B 363 8.31 -10.08 24.63
C GLY B 363 8.24 -10.77 25.99
N ILE B 364 7.48 -10.21 26.92
CA ILE B 364 7.32 -10.81 28.24
C ILE B 364 5.87 -11.24 28.43
N THR B 365 5.55 -11.69 29.65
CA THR B 365 4.18 -12.06 30.00
C THR B 365 3.46 -10.87 30.62
N THR B 366 2.21 -10.66 30.22
CA THR B 366 1.38 -9.60 30.75
C THR B 366 0.06 -10.18 31.25
N ALA B 367 -0.59 -9.44 32.15
CA ALA B 367 -1.80 -9.89 32.81
C ALA B 367 -3.01 -9.13 32.29
N VAL B 368 -4.10 -9.87 32.04
CA VAL B 368 -5.39 -9.31 31.69
C VAL B 368 -6.34 -9.65 32.83
N PHE B 369 -6.61 -8.69 33.70
CA PHE B 369 -7.39 -8.91 34.92
C PHE B 369 -8.83 -8.51 34.67
N GLU B 370 -9.74 -9.48 34.75
CA GLU B 370 -11.13 -9.27 34.37
C GLU B 370 -12.02 -8.83 35.52
N SER B 371 -11.59 -8.99 36.76
CA SER B 371 -12.44 -8.77 37.92
C SER B 371 -12.07 -7.47 38.62
N THR B 372 -12.69 -7.24 39.77
CA THR B 372 -12.37 -6.11 40.63
C THR B 372 -11.37 -6.53 41.70
N PRO B 373 -10.75 -5.57 42.39
CA PRO B 373 -9.82 -5.93 43.47
C PRO B 373 -10.47 -6.57 44.68
N VAL B 374 -11.81 -6.66 44.73
CA VAL B 374 -12.49 -7.16 45.92
C VAL B 374 -13.42 -8.31 45.61
N TYR B 375 -13.27 -8.93 44.43
CA TYR B 375 -14.08 -10.09 44.09
C TYR B 375 -13.16 -11.29 43.87
N PRO B 376 -13.41 -12.43 44.53
CA PRO B 376 -14.47 -12.69 45.52
C PRO B 376 -14.29 -11.89 46.81
N THR B 377 -13.05 -11.67 47.22
CA THR B 377 -12.73 -10.92 48.44
C THR B 377 -11.63 -9.92 48.14
N PRO B 378 -11.37 -8.99 49.07
CA PRO B 378 -10.26 -8.03 48.88
C PRO B 378 -8.89 -8.68 48.89
N SER B 379 -8.79 -10.00 48.97
CA SER B 379 -7.52 -10.71 48.83
C SER B 379 -7.24 -11.10 47.38
N ARG B 380 -8.12 -10.75 46.44
CA ARG B 380 -7.99 -11.23 45.07
C ARG B 380 -6.65 -10.82 44.48
N TYR B 381 -6.27 -9.55 44.65
CA TYR B 381 -4.98 -9.08 44.14
C TYR B 381 -3.84 -10.00 44.57
N TRP B 382 -3.80 -10.34 45.85
CA TRP B 382 -2.66 -11.05 46.41
C TRP B 382 -2.70 -12.54 46.12
N ASP B 383 -3.90 -13.12 46.06
CA ASP B 383 -4.03 -14.48 45.55
C ASP B 383 -3.47 -14.58 44.13
N PHE B 384 -3.78 -13.58 43.30
CA PHE B 384 -3.27 -13.57 41.93
C PHE B 384 -1.75 -13.51 41.91
N VAL B 385 -1.17 -12.65 42.73
CA VAL B 385 0.29 -12.49 42.72
C VAL B 385 0.97 -13.79 43.13
N ASP B 386 0.45 -14.45 44.17
CA ASP B 386 1.05 -15.68 44.64
C ASP B 386 0.74 -16.88 43.75
N LYS B 387 -0.35 -16.82 42.98
CA LYS B 387 -0.69 -17.94 42.11
C LYS B 387 0.24 -17.99 40.89
N TRP B 388 0.41 -16.86 40.21
CA TRP B 388 1.23 -16.79 39.01
C TRP B 388 2.65 -16.32 39.30
N LYS B 389 2.96 -15.96 40.54
CA LYS B 389 4.27 -15.41 40.91
C LYS B 389 4.58 -14.15 40.09
N ALA B 390 3.68 -13.17 40.20
CA ALA B 390 3.86 -11.91 39.50
C ALA B 390 5.09 -11.18 39.99
N THR B 391 5.87 -10.65 39.05
CA THR B 391 7.10 -9.93 39.38
C THR B 391 6.94 -8.42 39.46
N GLN B 392 5.88 -7.86 38.86
CA GLN B 392 5.55 -6.46 39.03
C GLN B 392 4.04 -6.31 39.12
N LEU B 393 3.60 -5.30 39.86
CA LEU B 393 2.17 -4.98 39.99
C LEU B 393 1.97 -3.49 39.72
N TYR B 394 0.97 -3.18 38.90
CA TYR B 394 0.71 -1.82 38.44
C TYR B 394 -0.78 -1.55 38.59
N THR B 395 -1.14 -0.51 39.35
CA THR B 395 -2.54 -0.20 39.59
C THR B 395 -2.67 1.27 39.97
N ALA B 396 -3.91 1.67 40.31
CA ALA B 396 -4.25 3.06 40.56
C ALA B 396 -4.38 3.36 42.05
N PRO B 397 -4.19 4.62 42.45
CA PRO B 397 -4.39 4.96 43.87
C PRO B 397 -5.79 4.66 44.38
N THR B 398 -6.81 4.82 43.54
CA THR B 398 -8.17 4.55 44.00
C THR B 398 -8.33 3.09 44.41
N ALA B 399 -7.66 2.18 43.71
CA ALA B 399 -7.68 0.78 44.11
C ALA B 399 -6.85 0.58 45.37
N ILE B 400 -5.72 1.27 45.48
CA ILE B 400 -4.88 1.13 46.67
C ILE B 400 -5.62 1.61 47.90
N ARG B 401 -6.29 2.77 47.81
CA ARG B 401 -7.05 3.26 48.94
C ARG B 401 -8.21 2.33 49.28
N LEU B 402 -8.82 1.73 48.26
CA LEU B 402 -9.91 0.79 48.52
C LEU B 402 -9.43 -0.41 49.34
N LEU B 403 -8.26 -0.95 49.00
CA LEU B 403 -7.76 -2.11 49.75
C LEU B 403 -7.33 -1.71 51.16
N ARG B 404 -6.81 -0.49 51.34
CA ARG B 404 -6.52 0.00 52.68
C ARG B 404 -7.78 0.00 53.53
N ARG B 405 -8.93 0.28 52.91
CA ARG B 405 -10.21 0.43 53.59
C ARG B 405 -10.93 -0.90 53.82
N MET B 406 -10.33 -2.02 53.42
CA MET B 406 -10.97 -3.32 53.59
C MET B 406 -10.39 -4.18 54.72
N GLY B 407 -9.20 -3.85 55.20
CA GLY B 407 -8.59 -4.63 56.26
C GLY B 407 -7.36 -5.39 55.78
N GLU B 408 -6.28 -5.34 56.55
CA GLU B 408 -5.02 -5.96 56.14
C GLU B 408 -4.99 -7.47 56.34
N ASP B 409 -6.02 -8.06 56.94
CA ASP B 409 -6.08 -9.51 57.04
C ASP B 409 -6.09 -10.15 55.66
N HIS B 410 -6.66 -9.46 54.66
CA HIS B 410 -6.74 -9.99 53.31
C HIS B 410 -5.42 -9.95 52.56
N VAL B 411 -4.37 -9.36 53.12
CA VAL B 411 -3.11 -9.22 52.40
C VAL B 411 -1.93 -9.69 53.25
N LYS B 412 -2.06 -9.58 54.57
CA LYS B 412 -0.90 -9.80 55.43
C LYS B 412 -0.33 -11.21 55.26
N ASN B 413 -1.19 -12.21 55.14
CA ASN B 413 -0.75 -13.61 55.14
C ASN B 413 -0.50 -14.14 53.74
N HIS B 414 0.03 -13.31 52.85
CA HIS B 414 0.43 -13.73 51.52
C HIS B 414 1.94 -13.68 51.39
N ASP B 415 2.47 -14.42 50.43
CA ASP B 415 3.91 -14.45 50.20
C ASP B 415 4.35 -13.18 49.45
N LEU B 416 3.93 -13.04 48.20
CA LEU B 416 4.17 -11.84 47.41
C LEU B 416 5.66 -11.54 47.24
N SER B 417 6.53 -12.54 47.40
CA SER B 417 7.95 -12.31 47.27
C SER B 417 8.43 -12.29 45.83
N SER B 418 7.61 -12.76 44.89
CA SER B 418 7.98 -12.69 43.48
C SER B 418 8.02 -11.24 43.00
N LEU B 419 7.25 -10.36 43.62
CA LEU B 419 7.21 -8.97 43.20
C LEU B 419 8.55 -8.28 43.45
N ARG B 420 8.91 -7.38 42.54
CA ARG B 420 10.08 -6.52 42.69
C ARG B 420 9.79 -5.05 42.53
N VAL B 421 8.72 -4.67 41.85
CA VAL B 421 8.38 -3.28 41.59
C VAL B 421 6.87 -3.14 41.67
N LEU B 422 6.40 -2.12 42.38
CA LEU B 422 4.98 -1.79 42.49
C LEU B 422 4.76 -0.41 41.90
N GLY B 423 3.72 -0.29 41.08
CA GLY B 423 3.46 0.94 40.35
C GLY B 423 2.13 1.56 40.71
N SER B 424 2.08 2.89 40.66
CA SER B 424 0.86 3.66 40.90
C SER B 424 0.66 4.60 39.72
N VAL B 425 -0.60 4.74 39.28
CA VAL B 425 -0.92 5.56 38.12
C VAL B 425 -2.36 6.03 38.23
N GLY B 426 -2.60 7.27 37.78
CA GLY B 426 -3.94 7.83 37.66
C GLY B 426 -4.13 9.12 38.43
N GLU B 427 -3.47 9.27 39.57
CA GLU B 427 -3.61 10.46 40.39
C GLU B 427 -2.44 10.49 41.36
N PRO B 428 -2.21 11.63 42.02
CA PRO B 428 -1.17 11.68 43.06
C PRO B 428 -1.39 10.58 44.08
N ILE B 429 -0.29 9.99 44.55
CA ILE B 429 -0.34 8.90 45.51
C ILE B 429 -0.23 9.49 46.91
N ASN B 430 -1.26 9.30 47.73
CA ASN B 430 -1.24 9.83 49.08
C ASN B 430 -0.13 9.15 49.88
N PRO B 431 0.67 9.88 50.64
CA PRO B 431 1.68 9.23 51.48
C PRO B 431 1.11 8.10 52.34
N GLU B 432 -0.13 8.22 52.79
CA GLU B 432 -0.75 7.15 53.55
C GLU B 432 -0.95 5.91 52.68
N ALA B 433 -1.54 6.09 51.50
CA ALA B 433 -1.72 4.96 50.60
C ALA B 433 -0.37 4.42 50.13
N TRP B 434 0.58 5.32 49.85
CA TRP B 434 1.92 4.90 49.45
C TRP B 434 2.51 3.92 50.45
N HIS B 435 2.39 4.24 51.75
CA HIS B 435 2.94 3.37 52.78
C HIS B 435 2.18 2.06 52.85
N TRP B 436 0.84 2.12 52.84
CA TRP B 436 0.05 0.89 52.81
C TRP B 436 0.45 0.04 51.61
N TYR B 437 0.66 0.68 50.46
CA TYR B 437 1.19 -0.02 49.29
C TYR B 437 2.56 -0.60 49.59
N ASN B 438 3.46 0.22 50.15
CA ASN B 438 4.82 -0.22 50.44
C ASN B 438 4.86 -1.28 51.53
N ASP B 439 4.05 -1.10 52.58
CA ASP B 439 4.17 -1.93 53.76
C ASP B 439 3.66 -3.35 53.50
N PHE B 440 2.47 -3.47 52.92
CA PHE B 440 1.78 -4.74 52.83
C PHE B 440 1.99 -5.43 51.48
N ALA B 441 1.70 -4.75 50.38
CA ALA B 441 1.91 -5.37 49.08
C ALA B 441 3.39 -5.70 48.85
N GLY B 442 4.29 -4.80 49.24
CA GLY B 442 5.70 -4.98 49.00
C GLY B 442 6.49 -5.53 50.17
N LYS B 443 5.93 -5.48 51.37
CA LYS B 443 6.64 -5.89 52.59
C LYS B 443 7.98 -5.18 52.71
N ASN B 444 8.00 -3.91 52.32
CA ASN B 444 9.21 -3.07 52.41
C ASN B 444 10.39 -3.72 51.69
N GLN B 445 10.10 -4.42 50.59
CA GLN B 445 11.14 -5.03 49.76
C GLN B 445 10.91 -4.77 48.28
N CYS B 446 9.94 -3.93 47.92
CA CYS B 446 9.69 -3.56 46.54
C CYS B 446 9.88 -2.07 46.37
N ALA B 447 10.40 -1.68 45.21
CA ALA B 447 10.50 -0.27 44.84
C ALA B 447 9.16 0.22 44.35
N ILE B 448 8.75 1.40 44.83
CA ILE B 448 7.47 2.00 44.46
C ILE B 448 7.74 3.03 43.37
N VAL B 449 7.09 2.86 42.22
CA VAL B 449 7.27 3.76 41.08
C VAL B 449 5.97 4.53 40.90
N ASP B 450 5.95 5.78 41.36
CA ASP B 450 4.82 6.68 41.14
C ASP B 450 4.97 7.24 39.74
N THR B 451 4.23 6.67 38.79
CA THR B 451 4.41 6.98 37.38
C THR B 451 3.45 8.10 36.98
N TYR B 452 4.00 9.25 36.62
CA TYR B 452 3.22 10.38 36.13
C TYR B 452 3.29 10.43 34.61
N TRP B 453 2.14 10.59 33.98
CA TRP B 453 2.04 10.77 32.53
C TRP B 453 0.57 11.05 32.22
N MET B 454 0.25 11.12 30.94
CA MET B 454 -1.10 11.40 30.50
C MET B 454 -1.40 10.54 29.28
N THR B 455 -2.69 10.43 28.95
CA THR B 455 -3.07 9.81 27.69
C THR B 455 -2.40 10.50 26.52
N GLU B 456 -2.20 11.81 26.62
CA GLU B 456 -1.59 12.59 25.55
C GLU B 456 -0.07 12.43 25.49
N THR B 457 0.55 11.87 26.54
CA THR B 457 1.99 11.65 26.53
C THR B 457 2.36 10.28 25.96
N GLY B 458 1.42 9.35 25.91
CA GLY B 458 1.68 8.01 25.39
C GLY B 458 2.35 7.05 26.33
N SER B 459 3.47 7.46 26.93
CA SER B 459 4.24 6.64 27.85
C SER B 459 4.58 7.46 29.10
N ILE B 460 5.16 6.77 30.08
CA ILE B 460 5.46 7.41 31.35
C ILE B 460 6.40 8.58 31.14
N SER B 461 6.08 9.70 31.78
CA SER B 461 6.81 10.95 31.64
C SER B 461 7.77 11.20 32.80
N ILE B 462 7.30 11.00 34.03
CA ILE B 462 8.10 11.21 35.23
C ILE B 462 7.88 10.03 36.16
N ALA B 463 8.97 9.33 36.51
CA ALA B 463 8.88 8.20 37.41
C ALA B 463 10.27 7.82 37.91
N PRO B 464 10.40 7.29 39.12
CA PRO B 464 11.71 6.81 39.58
C PRO B 464 12.08 5.49 38.94
N LEU B 465 13.33 5.38 38.50
CA LEU B 465 13.86 4.11 38.04
C LEU B 465 14.17 3.24 39.25
N PRO B 466 13.54 2.07 39.40
CA PRO B 466 13.54 1.39 40.71
C PRO B 466 14.93 1.04 41.22
N GLY B 467 15.86 0.71 40.33
CA GLY B 467 17.19 0.33 40.73
C GLY B 467 18.19 1.46 40.85
N ALA B 468 17.74 2.72 40.74
CA ALA B 468 18.66 3.85 40.74
C ALA B 468 18.17 4.99 41.63
N ILE B 469 16.85 5.11 41.80
CA ILE B 469 16.25 6.26 42.46
C ILE B 469 15.72 5.84 43.82
N SER B 470 16.01 6.66 44.84
CA SER B 470 15.42 6.51 46.16
C SER B 470 14.13 7.32 46.20
N THR B 471 13.04 6.67 46.59
CA THR B 471 11.71 7.26 46.41
C THR B 471 11.32 8.09 47.61
N LYS B 472 10.29 8.93 47.41
CA LYS B 472 9.64 9.68 48.45
C LYS B 472 8.13 9.47 48.36
N PRO B 473 7.42 9.36 49.48
CA PRO B 473 5.97 9.16 49.40
C PRO B 473 5.26 10.33 48.72
N GLY B 474 4.71 10.08 47.54
CA GLY B 474 3.97 11.09 46.81
C GLY B 474 4.73 11.80 45.73
N SER B 475 6.00 11.47 45.52
CA SER B 475 6.85 12.14 44.53
C SER B 475 7.02 11.26 43.31
N ALA B 476 6.77 11.83 42.13
CA ALA B 476 7.11 11.16 40.87
C ALA B 476 8.60 11.17 40.61
N THR B 477 9.37 11.93 41.40
CA THR B 477 10.82 11.98 41.32
C THR B 477 11.32 12.67 40.05
N PHE B 478 11.82 11.90 39.09
CA PHE B 478 12.58 12.49 37.99
C PHE B 478 12.00 12.09 36.64
N PRO B 479 12.15 12.96 35.63
CA PRO B 479 11.52 12.71 34.34
C PRO B 479 12.19 11.56 33.58
N PHE B 480 11.42 10.94 32.70
CA PHE B 480 11.90 9.82 31.93
C PHE B 480 12.76 10.29 30.76
N PHE B 481 13.48 9.33 30.17
CA PHE B 481 14.28 9.60 28.98
C PHE B 481 13.44 10.32 27.93
N GLY B 482 14.04 11.32 27.30
CA GLY B 482 13.36 12.09 26.28
C GLY B 482 12.41 13.15 26.81
N MET B 483 12.25 13.25 28.13
CA MET B 483 11.35 14.22 28.74
C MET B 483 12.18 15.34 29.36
N ASP B 484 12.19 16.50 28.72
CA ASP B 484 12.88 17.69 29.21
C ASP B 484 11.80 18.64 29.73
N VAL B 485 11.49 18.51 31.02
CA VAL B 485 10.41 19.26 31.63
C VAL B 485 10.98 20.39 32.47
N ASP B 486 10.15 21.40 32.72
CA ASP B 486 10.54 22.57 33.50
C ASP B 486 9.33 23.04 34.29
N ILE B 487 9.55 24.04 35.15
CA ILE B 487 8.51 24.65 35.96
C ILE B 487 8.31 26.07 35.46
N ILE B 488 7.05 26.45 35.26
CA ILE B 488 6.68 27.77 34.75
C ILE B 488 5.75 28.45 35.73
N ASP B 489 5.95 29.75 35.91
CA ASP B 489 4.97 30.56 36.63
C ASP B 489 3.74 30.69 35.75
N PRO B 490 2.55 30.25 36.20
CA PRO B 490 1.40 30.22 35.28
C PRO B 490 1.00 31.57 34.72
N GLN B 491 1.39 32.66 35.37
CA GLN B 491 1.04 34.00 34.89
C GLN B 491 2.10 34.57 33.96
N THR B 492 3.34 34.66 34.43
CA THR B 492 4.39 35.27 33.62
C THR B 492 4.73 34.41 32.40
N GLY B 493 4.70 33.10 32.56
CA GLY B 493 5.11 32.21 31.50
C GLY B 493 6.60 31.97 31.40
N GLN B 494 7.37 32.38 32.40
CA GLN B 494 8.81 32.23 32.39
C GLN B 494 9.21 31.03 33.24
N VAL B 495 10.39 30.47 32.93
CA VAL B 495 10.86 29.26 33.59
C VAL B 495 11.36 29.61 34.98
N LEU B 496 10.88 28.87 35.98
CA LEU B 496 11.37 28.98 37.35
C LEU B 496 12.56 28.04 37.49
N GLU B 497 13.75 28.56 37.21
CA GLU B 497 14.96 27.76 37.29
C GLU B 497 15.35 27.51 38.74
N GLY B 498 16.11 26.44 38.95
CA GLY B 498 16.54 26.08 40.29
C GLY B 498 15.58 25.11 40.95
N ASN B 499 15.79 24.93 42.25
CA ASN B 499 15.01 24.01 43.06
C ASN B 499 14.10 24.78 44.00
N ASP B 500 13.28 24.04 44.74
CA ASP B 500 12.31 24.62 45.68
C ASP B 500 11.38 25.59 44.96
N VAL B 501 10.92 25.20 43.77
CA VAL B 501 10.06 26.04 42.95
C VAL B 501 8.72 25.34 42.74
N GLU B 502 7.68 26.15 42.54
CA GLU B 502 6.32 25.65 42.38
C GLU B 502 5.65 26.39 41.24
N GLY B 503 4.88 25.66 40.44
CA GLY B 503 4.16 26.26 39.32
C GLY B 503 3.41 25.25 38.48
N VAL B 504 3.44 25.42 37.16
CA VAL B 504 2.77 24.53 36.22
C VAL B 504 3.84 23.78 35.44
N LEU B 505 3.56 22.52 35.15
CA LEU B 505 4.52 21.67 34.46
C LEU B 505 4.45 21.89 32.96
N VAL B 506 5.62 21.92 32.31
CA VAL B 506 5.72 22.06 30.87
C VAL B 506 6.86 21.17 30.38
N ALA B 507 6.83 20.89 29.07
CA ALA B 507 7.88 20.13 28.41
C ALA B 507 8.59 21.03 27.40
N ARG B 508 9.91 20.88 27.30
CA ARG B 508 10.69 21.74 26.44
C ARG B 508 10.76 21.23 25.00
N ARG B 509 10.82 19.93 24.81
CA ARG B 509 11.01 19.31 23.50
C ARG B 509 10.02 18.18 23.30
N PRO B 510 9.62 17.90 22.07
CA PRO B 510 8.76 16.73 21.82
C PRO B 510 9.47 15.46 22.22
N TRP B 511 8.67 14.44 22.57
CA TRP B 511 9.18 13.13 22.86
C TRP B 511 8.49 12.11 21.97
N PRO B 512 9.15 10.98 21.67
CA PRO B 512 8.61 10.08 20.63
C PRO B 512 7.13 9.76 20.75
N SER B 513 6.68 9.38 21.94
CA SER B 513 5.32 8.86 22.11
C SER B 513 4.27 9.95 22.32
N ILE B 514 4.63 11.22 22.11
CA ILE B 514 3.66 12.29 22.31
C ILE B 514 2.50 12.13 21.33
N ALA B 515 1.29 12.42 21.81
CA ALA B 515 0.12 12.37 20.94
C ALA B 515 0.30 13.36 19.79
N ARG B 516 -0.21 12.98 18.62
CA ARG B 516 0.01 13.77 17.41
C ARG B 516 -1.12 14.74 17.13
N THR B 517 -2.33 14.45 17.59
CA THR B 517 -3.47 15.32 17.32
C THR B 517 -4.65 14.85 18.16
N VAL B 518 -5.77 15.56 18.03
CA VAL B 518 -7.08 15.12 18.49
C VAL B 518 -7.92 14.84 17.25
N TYR B 519 -8.54 13.67 17.20
CA TYR B 519 -9.13 13.18 15.96
C TYR B 519 -10.11 14.19 15.38
N ARG B 520 -9.77 14.75 14.22
CA ARG B 520 -10.59 15.72 13.51
C ARG B 520 -10.83 16.99 14.32
N ASP B 521 -9.97 17.27 15.28
CA ASP B 521 -10.06 18.51 16.06
C ASP B 521 -8.65 18.98 16.41
N HIS B 522 -7.80 19.15 15.40
CA HIS B 522 -6.44 19.59 15.65
C HIS B 522 -6.39 20.98 16.28
N LYS B 523 -7.43 21.80 16.09
CA LYS B 523 -7.49 23.09 16.77
C LYS B 523 -7.55 22.90 18.27
N ARG B 524 -8.43 22.00 18.73
CA ARG B 524 -8.53 21.71 20.15
C ARG B 524 -7.24 21.13 20.70
N TYR B 525 -6.52 20.36 19.87
CA TYR B 525 -5.23 19.82 20.28
C TYR B 525 -4.22 20.94 20.53
N LEU B 526 -4.17 21.94 19.65
CA LEU B 526 -3.21 23.02 19.81
C LEU B 526 -3.62 23.97 20.94
N GLU B 527 -4.92 24.24 21.06
CA GLU B 527 -5.39 25.18 22.06
C GLU B 527 -5.26 24.64 23.48
N THR B 528 -5.26 23.31 23.64
CA THR B 528 -5.21 22.72 24.97
C THR B 528 -3.79 22.59 25.50
N TYR B 529 -2.82 22.28 24.63
CA TYR B 529 -1.47 21.95 25.08
C TYR B 529 -0.39 22.85 24.51
N MET B 530 -0.65 23.57 23.41
CA MET B 530 0.39 24.29 22.70
C MET B 530 0.23 25.81 22.72
N LYS B 531 -1.01 26.32 22.84
CA LYS B 531 -1.25 27.76 22.81
C LYS B 531 -0.99 28.40 24.17
N PRO B 532 -1.47 27.82 25.28
CA PRO B 532 -1.39 28.54 26.56
C PRO B 532 0.02 29.01 26.92
N TYR B 533 1.02 28.17 26.69
CA TYR B 533 2.42 28.52 26.92
C TYR B 533 3.17 28.17 25.64
N PRO B 534 3.17 29.09 24.67
CA PRO B 534 3.76 28.76 23.37
C PRO B 534 5.23 28.41 23.49
N GLY B 535 5.64 27.39 22.73
CA GLY B 535 6.97 26.84 22.86
C GLY B 535 7.07 25.67 23.81
N TYR B 536 5.98 25.31 24.47
CA TYR B 536 5.98 24.25 25.46
C TYR B 536 4.73 23.40 25.32
N PHE B 537 4.76 22.22 25.92
CA PHE B 537 3.59 21.38 26.09
C PHE B 537 3.02 21.62 27.48
N PHE B 538 1.72 21.89 27.55
CA PHE B 538 1.05 22.21 28.82
C PHE B 538 0.28 20.98 29.29
N PHE B 539 0.83 20.28 30.27
CA PHE B 539 0.17 19.09 30.79
C PHE B 539 -1.18 19.41 31.40
N GLY B 540 -1.31 20.59 32.02
CA GLY B 540 -2.48 20.92 32.80
C GLY B 540 -2.38 20.55 34.26
N ASP B 541 -1.17 20.25 34.74
CA ASP B 541 -0.95 19.82 36.11
C ASP B 541 -0.07 20.81 36.84
N GLY B 542 -0.43 21.11 38.09
CA GLY B 542 0.49 21.80 38.96
C GLY B 542 1.63 20.88 39.35
N ALA B 543 2.84 21.43 39.40
CA ALA B 543 4.02 20.65 39.70
C ALA B 543 4.96 21.47 40.57
N ALA B 544 5.85 20.78 41.27
CA ALA B 544 6.81 21.44 42.15
C ALA B 544 8.10 20.63 42.14
N ARG B 545 9.22 21.35 42.14
CA ARG B 545 10.56 20.75 42.17
C ARG B 545 11.20 21.18 43.49
N ASP B 546 11.26 20.26 44.45
CA ASP B 546 11.73 20.59 45.78
C ASP B 546 13.25 20.79 45.77
N TYR B 547 13.80 21.05 46.96
CA TYR B 547 15.21 21.42 47.08
C TYR B 547 16.16 20.29 46.70
N ASP B 548 15.68 19.04 46.67
CA ASP B 548 16.50 17.91 46.25
C ASP B 548 16.41 17.62 44.76
N GLY B 549 15.62 18.40 44.02
CA GLY B 549 15.38 18.15 42.61
C GLY B 549 14.23 17.21 42.33
N TYR B 550 13.66 16.58 43.35
CA TYR B 550 12.52 15.70 43.16
C TYR B 550 11.31 16.50 42.67
N MET B 551 10.57 15.93 41.73
CA MET B 551 9.38 16.55 41.18
C MET B 551 8.15 16.06 41.91
N TRP B 552 7.23 16.99 42.21
CA TRP B 552 6.00 16.70 42.93
C TRP B 552 4.82 17.16 42.08
N ILE B 553 4.01 16.21 41.62
CA ILE B 553 2.81 16.51 40.86
C ILE B 553 1.65 16.57 41.85
N LYS B 554 1.16 17.77 42.12
CA LYS B 554 0.24 18.00 43.22
C LYS B 554 -1.22 18.09 42.80
N GLY B 555 -1.53 17.88 41.52
CA GLY B 555 -2.90 17.84 41.06
C GLY B 555 -3.12 18.71 39.84
N ARG B 556 -4.37 18.70 39.38
CA ARG B 556 -4.76 19.47 38.20
C ARG B 556 -4.71 20.97 38.49
N VAL B 557 -4.36 21.73 37.45
CA VAL B 557 -4.36 23.19 37.55
C VAL B 557 -5.79 23.70 37.72
N ASP B 558 -6.74 23.08 37.00
CA ASP B 558 -8.12 23.50 37.10
C ASP B 558 -8.68 23.32 38.51
N ASP B 559 -8.14 22.36 39.26
CA ASP B 559 -8.63 22.08 40.61
C ASP B 559 -8.03 22.98 41.68
N VAL B 560 -7.04 23.81 41.34
CA VAL B 560 -6.36 24.61 42.34
C VAL B 560 -7.34 25.59 42.98
N ILE B 561 -7.16 25.84 44.27
CA ILE B 561 -8.02 26.73 45.05
C ILE B 561 -7.13 27.85 45.59
N ASN B 562 -7.52 29.09 45.31
CA ASN B 562 -6.72 30.25 45.69
C ASN B 562 -7.43 30.97 46.83
N VAL B 563 -7.03 30.66 48.06
CA VAL B 563 -7.62 31.26 49.26
C VAL B 563 -6.78 32.47 49.63
N SER B 564 -7.33 33.67 49.44
CA SER B 564 -6.66 34.91 49.79
C SER B 564 -5.27 34.97 49.17
N GLY B 565 -5.20 34.66 47.88
CA GLY B 565 -3.95 34.68 47.17
C GLY B 565 -2.97 33.61 47.58
N HIS B 566 -3.45 32.44 47.97
CA HIS B 566 -2.59 31.32 48.34
C HIS B 566 -3.01 30.11 47.51
N ARG B 567 -2.06 29.56 46.76
CA ARG B 567 -2.32 28.48 45.82
C ARG B 567 -2.37 27.14 46.56
N LEU B 568 -3.57 26.56 46.64
CA LEU B 568 -3.77 25.26 47.27
C LEU B 568 -3.91 24.18 46.21
N SER B 569 -3.09 23.14 46.30
CA SER B 569 -3.17 21.99 45.42
C SER B 569 -3.96 20.88 46.11
N THR B 570 -4.75 20.15 45.34
CA THR B 570 -5.67 19.17 45.93
C THR B 570 -4.95 18.00 46.56
N ALA B 571 -3.70 17.73 46.18
CA ALA B 571 -2.98 16.58 46.72
C ALA B 571 -2.63 16.78 48.19
N GLU B 572 -2.02 17.93 48.52
CA GLU B 572 -1.59 18.16 49.90
C GLU B 572 -2.76 18.26 50.86
N VAL B 573 -3.93 18.73 50.39
CA VAL B 573 -5.08 18.84 51.27
C VAL B 573 -5.67 17.45 51.53
N GLU B 574 -5.84 16.65 50.49
CA GLU B 574 -6.39 15.31 50.66
C GLU B 574 -5.41 14.40 51.38
N SER B 575 -4.10 14.58 51.15
CA SER B 575 -3.12 13.83 51.92
C SER B 575 -3.19 14.17 53.40
N ALA B 576 -3.44 15.45 53.71
CA ALA B 576 -3.61 15.84 55.11
C ALA B 576 -4.84 15.18 55.70
N LEU B 577 -5.94 15.16 54.95
CA LEU B 577 -7.16 14.54 55.47
C LEU B 577 -6.97 13.05 55.69
N ILE B 578 -6.27 12.37 54.78
CA ILE B 578 -6.07 10.93 54.92
C ILE B 578 -5.16 10.60 56.10
N LEU B 579 -4.39 11.56 56.59
CA LEU B 579 -3.56 11.31 57.77
C LEU B 579 -4.40 11.11 59.03
N HIS B 580 -5.65 11.56 59.02
CA HIS B 580 -6.54 11.33 60.15
C HIS B 580 -7.12 9.92 60.07
N LYS B 581 -7.07 9.20 61.19
CA LYS B 581 -7.55 7.82 61.20
C LYS B 581 -9.03 7.76 60.90
N GLY B 582 -9.44 6.69 60.21
CA GLY B 582 -10.81 6.50 59.81
C GLY B 582 -11.13 7.02 58.43
N VAL B 583 -10.29 7.87 57.86
CA VAL B 583 -10.55 8.46 56.55
C VAL B 583 -10.21 7.43 55.47
N ALA B 584 -11.14 7.22 54.55
CA ALA B 584 -10.94 6.35 53.40
C ALA B 584 -10.63 7.12 52.13
N GLU B 585 -11.34 8.23 51.88
CA GLU B 585 -11.13 9.01 50.68
C GLU B 585 -11.69 10.41 50.90
N THR B 586 -11.05 11.39 50.27
CA THR B 586 -11.48 12.78 50.37
C THR B 586 -11.37 13.43 49.00
N ALA B 587 -12.02 14.59 48.87
CA ALA B 587 -11.96 15.38 47.64
C ALA B 587 -12.35 16.81 47.98
N VAL B 588 -11.43 17.75 47.74
CA VAL B 588 -11.66 19.16 48.06
C VAL B 588 -11.78 19.94 46.75
N VAL B 589 -12.79 20.79 46.67
CA VAL B 589 -13.02 21.64 45.51
C VAL B 589 -13.07 23.09 45.98
N GLY B 590 -13.09 24.00 45.03
CA GLY B 590 -13.09 25.43 45.30
C GLY B 590 -14.44 26.06 45.00
N CYS B 591 -14.78 27.08 45.79
CA CYS B 591 -15.98 27.87 45.58
C CYS B 591 -15.66 29.32 45.91
N ALA B 592 -16.26 30.25 45.16
CA ALA B 592 -16.01 31.66 45.36
C ALA B 592 -16.49 32.12 46.74
N ASP B 593 -15.62 32.81 47.46
CA ASP B 593 -15.93 33.38 48.76
C ASP B 593 -15.76 34.89 48.69
N ASP B 594 -16.63 35.62 49.40
CA ASP B 594 -16.60 37.07 49.34
C ASP B 594 -15.29 37.63 49.90
N LEU B 595 -14.82 37.09 51.02
CA LEU B 595 -13.66 37.65 51.71
C LEU B 595 -12.35 37.01 51.25
N THR B 596 -12.30 35.68 51.21
CA THR B 596 -11.07 34.98 50.87
C THR B 596 -10.93 34.74 49.36
N GLY B 597 -11.84 35.29 48.55
CA GLY B 597 -11.81 35.09 47.12
C GLY B 597 -12.31 33.72 46.73
N GLN B 598 -11.63 32.68 47.21
CA GLN B 598 -12.04 31.30 47.00
C GLN B 598 -11.90 30.57 48.33
N ALA B 599 -12.90 29.76 48.67
CA ALA B 599 -12.91 29.00 49.90
C ALA B 599 -12.82 27.50 49.58
N VAL B 600 -12.46 26.73 50.60
CA VAL B 600 -12.21 25.30 50.46
C VAL B 600 -13.44 24.55 50.96
N TYR B 601 -13.95 23.65 50.13
CA TYR B 601 -15.02 22.73 50.50
C TYR B 601 -14.53 21.31 50.30
N ALA B 602 -14.80 20.44 51.28
CA ALA B 602 -14.28 19.09 51.27
C ALA B 602 -15.42 18.07 51.20
N PHE B 603 -15.19 17.02 50.41
CA PHE B 603 -16.08 15.87 50.34
C PHE B 603 -15.32 14.67 50.89
N VAL B 604 -15.85 14.07 51.95
CA VAL B 604 -15.15 13.02 52.68
C VAL B 604 -16.01 11.76 52.67
N THR B 605 -15.41 10.66 52.23
CA THR B 605 -16.04 9.34 52.27
C THR B 605 -15.36 8.56 53.39
N MET B 606 -16.09 8.37 54.49
CA MET B 606 -15.58 7.58 55.61
C MET B 606 -15.93 6.11 55.40
N LYS B 607 -15.16 5.24 56.05
CA LYS B 607 -15.41 3.83 55.91
C LYS B 607 -16.87 3.55 56.24
N PRO B 608 -17.51 2.61 55.53
CA PRO B 608 -18.96 2.42 55.74
C PRO B 608 -19.32 2.07 57.17
N GLU B 609 -18.44 1.37 57.87
CA GLU B 609 -18.63 0.97 59.26
C GLU B 609 -17.92 1.93 60.23
N PHE B 610 -18.12 3.23 60.06
CA PHE B 610 -17.55 4.21 60.99
C PHE B 610 -18.57 4.48 62.08
N ASP B 611 -18.26 5.41 62.99
CA ASP B 611 -19.15 5.67 64.12
C ASP B 611 -20.25 6.65 63.71
N LEU B 612 -21.04 6.20 62.74
CA LEU B 612 -22.21 6.95 62.31
C LEU B 612 -23.21 7.01 63.45
N LYS B 613 -23.80 8.20 63.65
CA LYS B 613 -24.81 8.39 64.68
C LYS B 613 -24.19 8.43 66.07
N ALA B 614 -23.14 7.65 66.30
CA ALA B 614 -22.47 7.69 67.60
C ALA B 614 -21.58 8.91 67.70
N THR B 615 -20.69 9.11 66.72
CA THR B 615 -19.91 10.32 66.60
C THR B 615 -20.72 11.32 65.79
N LYS B 616 -20.97 12.49 66.38
CA LYS B 616 -21.82 13.47 65.71
C LYS B 616 -21.16 13.97 64.44
N GLU B 617 -21.97 14.17 63.40
CA GLU B 617 -21.44 14.66 62.13
C GLU B 617 -20.68 15.96 62.33
N ALA B 618 -21.25 16.88 63.10
CA ALA B 618 -20.59 18.15 63.36
C ALA B 618 -19.29 17.96 64.14
N ASP B 619 -19.24 16.97 65.03
CA ASP B 619 -18.02 16.73 65.79
C ASP B 619 -16.88 16.28 64.87
N LEU B 620 -17.18 15.38 63.93
CA LEU B 620 -16.14 14.91 63.01
C LEU B 620 -15.68 16.03 62.09
N SER B 621 -16.60 16.89 61.64
CA SER B 621 -16.24 17.96 60.72
C SER B 621 -15.20 18.89 61.33
N LYS B 622 -15.38 19.27 62.60
CA LYS B 622 -14.41 20.13 63.26
C LYS B 622 -13.05 19.45 63.35
N GLU B 623 -13.04 18.15 63.67
CA GLU B 623 -11.77 17.43 63.80
C GLU B 623 -11.00 17.44 62.48
N LEU B 624 -11.69 17.21 61.37
CA LEU B 624 -11.01 17.24 60.07
C LEU B 624 -10.49 18.64 59.77
N ALA B 625 -11.28 19.67 60.07
CA ALA B 625 -10.87 21.04 59.79
C ALA B 625 -9.62 21.41 60.58
N ILE B 626 -9.58 21.06 61.87
CA ILE B 626 -8.40 21.36 62.68
C ILE B 626 -7.17 20.63 62.15
N GLN B 627 -7.36 19.37 61.72
CA GLN B 627 -6.25 18.62 61.15
C GLN B 627 -5.65 19.34 59.96
N VAL B 628 -6.51 19.86 59.07
CA VAL B 628 -6.01 20.62 57.93
C VAL B 628 -5.34 21.91 58.41
N ARG B 629 -5.92 22.56 59.42
CA ARG B 629 -5.32 23.76 59.97
C ARG B 629 -3.95 23.46 60.58
N LYS B 630 -3.76 22.26 61.12
CA LYS B 630 -2.53 21.94 61.82
C LYS B 630 -1.36 21.65 60.88
N VAL B 631 -1.62 21.06 59.72
CA VAL B 631 -0.56 20.60 58.84
C VAL B 631 -0.35 21.49 57.63
N ILE B 632 -1.33 22.30 57.23
CA ILE B 632 -1.21 23.16 56.07
C ILE B 632 -1.29 24.62 56.50
N GLY B 633 -2.44 25.01 57.06
CA GLY B 633 -2.64 26.36 57.53
C GLY B 633 -4.11 26.69 57.70
N PRO B 634 -4.40 27.79 58.40
CA PRO B 634 -5.81 28.16 58.62
C PRO B 634 -6.60 28.36 57.33
N PHE B 635 -5.96 28.89 56.28
CA PHE B 635 -6.72 29.20 55.06
C PHE B 635 -7.22 27.93 54.39
N ALA B 636 -6.53 26.81 54.60
CA ALA B 636 -6.87 25.56 53.94
C ALA B 636 -7.98 24.80 54.67
N ALA B 637 -8.46 25.30 55.79
CA ALA B 637 -9.49 24.60 56.53
C ALA B 637 -10.79 24.66 55.72
N PRO B 638 -11.48 23.53 55.54
CA PRO B 638 -12.77 23.60 54.83
C PRO B 638 -13.79 24.43 55.60
N LYS B 639 -14.58 25.20 54.85
CA LYS B 639 -15.66 25.98 55.45
C LYS B 639 -16.89 25.13 55.67
N LYS B 640 -17.13 24.15 54.79
CA LYS B 640 -18.19 23.18 54.96
C LYS B 640 -17.70 21.83 54.46
N ILE B 641 -18.01 20.77 55.20
CA ILE B 641 -17.62 19.41 54.86
C ILE B 641 -18.87 18.59 54.62
N TYR B 642 -18.83 17.76 53.58
CA TYR B 642 -19.97 16.91 53.22
C TYR B 642 -19.56 15.45 53.34
N LEU B 643 -20.35 14.68 54.07
CA LEU B 643 -20.14 13.24 54.21
C LEU B 643 -21.01 12.53 53.18
N VAL B 644 -20.38 11.73 52.32
CA VAL B 644 -21.06 11.01 51.26
C VAL B 644 -20.53 9.59 51.22
N SER B 645 -21.36 8.68 50.72
CA SER B 645 -20.97 7.27 50.66
C SER B 645 -19.82 7.06 49.69
N ASP B 646 -19.80 7.80 48.58
CA ASP B 646 -18.73 7.68 47.60
C ASP B 646 -18.53 9.03 46.92
N LEU B 647 -17.48 9.09 46.08
CA LEU B 647 -17.13 10.30 45.34
C LEU B 647 -17.40 10.10 43.85
N PRO B 648 -17.66 11.18 43.11
CA PRO B 648 -17.79 11.04 41.65
C PRO B 648 -16.47 10.59 41.04
N LYS B 649 -16.51 9.50 40.28
CA LYS B 649 -15.29 8.88 39.79
C LYS B 649 -15.47 8.39 38.36
N THR B 650 -14.38 8.43 37.60
CA THR B 650 -14.37 7.85 36.27
C THR B 650 -14.16 6.34 36.37
N ARG B 651 -14.21 5.67 35.21
CA ARG B 651 -13.96 4.24 35.19
C ARG B 651 -12.48 3.93 35.38
N SER B 652 -11.60 4.89 35.11
CA SER B 652 -10.17 4.70 35.34
C SER B 652 -9.77 4.94 36.79
N GLY B 653 -10.61 5.63 37.56
CA GLY B 653 -10.34 5.89 38.97
C GLY B 653 -10.10 7.33 39.32
N LYS B 654 -10.14 8.24 38.36
CA LYS B 654 -9.93 9.66 38.66
C LYS B 654 -11.14 10.23 39.39
N ILE B 655 -10.88 11.08 40.37
CA ILE B 655 -11.95 11.75 41.10
C ILE B 655 -12.41 12.94 40.27
N MET B 656 -13.73 13.05 40.09
CA MET B 656 -14.31 14.09 39.22
C MET B 656 -14.56 15.34 40.05
N ARG B 657 -13.47 16.08 40.30
CA ARG B 657 -13.58 17.29 41.10
C ARG B 657 -14.36 18.38 40.38
N ARG B 658 -14.27 18.43 39.05
CA ARG B 658 -15.05 19.41 38.30
C ARG B 658 -16.54 19.25 38.58
N VAL B 659 -17.02 18.01 38.67
CA VAL B 659 -18.43 17.77 38.97
C VAL B 659 -18.78 18.37 40.34
N LEU B 660 -17.98 18.05 41.35
CA LEU B 660 -18.25 18.58 42.69
C LEU B 660 -18.15 20.10 42.69
N ARG B 661 -17.15 20.65 41.99
CA ARG B 661 -16.99 22.10 41.96
C ARG B 661 -18.20 22.77 41.34
N LYS B 662 -18.67 22.25 40.21
CA LYS B 662 -19.82 22.84 39.55
C LYS B 662 -21.10 22.61 40.34
N ILE B 663 -21.21 21.46 41.02
CA ILE B 663 -22.41 21.18 41.80
C ILE B 663 -22.45 22.05 43.06
N VAL B 664 -21.29 22.27 43.68
CA VAL B 664 -21.21 23.08 44.89
C VAL B 664 -21.15 24.55 44.53
N ALA B 665 -21.34 24.86 43.25
CA ALA B 665 -21.36 26.23 42.76
C ALA B 665 -22.66 26.56 42.04
N GLY B 666 -23.65 25.68 42.07
CA GLY B 666 -24.92 25.96 41.43
C GLY B 666 -24.88 25.85 39.92
N GLU B 667 -24.03 24.98 39.37
CA GLU B 667 -23.95 24.75 37.94
C GLU B 667 -24.38 23.34 37.58
N GLY B 668 -25.31 22.76 38.35
CA GLY B 668 -25.72 21.39 38.12
C GLY B 668 -26.38 21.20 36.76
N ASP B 669 -27.15 22.19 36.31
CA ASP B 669 -27.80 22.09 35.02
C ASP B 669 -26.79 22.09 33.87
N GLN B 670 -25.59 22.61 34.09
CA GLN B 670 -24.56 22.69 33.06
C GLN B 670 -23.50 21.61 33.21
N LEU B 671 -23.89 20.43 33.70
CA LEU B 671 -22.96 19.31 33.78
C LEU B 671 -22.93 18.57 32.44
N GLY B 672 -21.97 17.68 32.31
CA GLY B 672 -21.76 16.93 31.08
C GLY B 672 -22.61 15.69 30.99
N ASP B 673 -22.10 14.71 30.23
CA ASP B 673 -22.77 13.41 30.10
C ASP B 673 -22.23 12.48 31.16
N LEU B 674 -22.71 12.66 32.39
CA LEU B 674 -22.23 11.91 33.54
C LEU B 674 -22.98 10.58 33.69
N SER B 675 -23.08 9.84 32.57
CA SER B 675 -23.79 8.57 32.56
C SER B 675 -22.86 7.36 32.62
N SER B 676 -21.63 7.50 32.13
CA SER B 676 -20.64 6.43 32.19
C SER B 676 -19.76 6.52 33.42
N ILE B 677 -20.11 7.39 34.38
CA ILE B 677 -19.37 7.44 35.63
C ILE B 677 -19.36 6.07 36.29
N ALA B 678 -18.33 5.82 37.09
CA ALA B 678 -18.22 4.54 37.81
C ALA B 678 -19.54 4.19 38.47
N ASP B 679 -20.09 5.13 39.24
CA ASP B 679 -21.44 4.98 39.82
C ASP B 679 -22.15 6.32 39.60
N PRO B 680 -22.95 6.44 38.53
CA PRO B 680 -23.59 7.74 38.26
C PRO B 680 -24.58 8.17 39.31
N GLN B 681 -25.09 7.26 40.14
CA GLN B 681 -26.03 7.65 41.19
C GLN B 681 -25.36 8.48 42.28
N ILE B 682 -24.03 8.43 42.37
CA ILE B 682 -23.35 9.21 43.40
C ILE B 682 -23.48 10.70 43.12
N VAL B 683 -23.67 11.08 41.86
CA VAL B 683 -23.83 12.49 41.52
C VAL B 683 -25.09 13.04 42.17
N GLU B 684 -26.19 12.28 42.11
CA GLU B 684 -27.43 12.71 42.73
C GLU B 684 -27.27 12.84 44.24
N GLU B 685 -26.45 11.98 44.85
CA GLU B 685 -26.22 12.07 46.29
C GLU B 685 -25.54 13.39 46.66
N VAL B 686 -24.58 13.81 45.85
CA VAL B 686 -23.83 15.04 46.17
C VAL B 686 -24.75 16.24 46.10
N LYS B 687 -25.57 16.33 45.04
CA LYS B 687 -26.45 17.49 44.92
C LYS B 687 -27.52 17.50 46.00
N GLN B 688 -27.97 16.32 46.44
CA GLN B 688 -28.94 16.27 47.54
C GLN B 688 -28.30 16.70 48.84
N LYS B 689 -27.02 16.34 49.05
CA LYS B 689 -26.28 16.71 50.24
C LYS B 689 -25.87 18.17 50.22
N VAL B 690 -26.55 19.00 49.43
CA VAL B 690 -26.17 20.40 49.28
C VAL B 690 -26.30 21.15 50.60
N THR B 691 -27.07 20.62 51.55
CA THR B 691 -27.23 21.27 52.86
C THR B 691 -27.79 20.26 53.85
N HIS C 25 7.92 -60.31 -1.21
CA HIS C 25 7.54 -58.96 -0.80
C HIS C 25 6.02 -58.81 -0.73
N HIS C 26 5.56 -57.98 0.19
CA HIS C 26 4.13 -57.75 0.38
C HIS C 26 3.60 -56.65 -0.53
N VAL C 27 4.33 -55.54 -0.66
CA VAL C 27 3.94 -54.47 -1.57
C VAL C 27 4.43 -54.86 -2.97
N HIS C 28 3.51 -54.95 -3.92
CA HIS C 28 3.81 -55.40 -5.26
C HIS C 28 3.60 -54.28 -6.28
N PRO C 29 4.41 -54.25 -7.34
CA PRO C 29 4.19 -53.24 -8.39
C PRO C 29 2.84 -53.43 -9.06
N LEU C 30 2.38 -52.37 -9.71
CA LEU C 30 1.11 -52.42 -10.41
C LEU C 30 1.15 -53.48 -11.50
N PRO C 31 0.06 -54.24 -11.71
CA PRO C 31 0.08 -55.32 -12.71
C PRO C 31 0.63 -54.89 -14.06
N ASP C 32 1.67 -55.58 -14.52
CA ASP C 32 2.29 -55.31 -15.81
C ASP C 32 2.62 -56.63 -16.49
N SER C 33 2.67 -56.59 -17.82
CA SER C 33 3.04 -57.77 -18.61
C SER C 33 4.53 -58.01 -18.64
N VAL C 34 5.34 -57.03 -18.21
CA VAL C 34 6.80 -57.13 -18.26
C VAL C 34 7.30 -57.74 -16.96
N PRO C 35 8.31 -58.62 -17.00
CA PRO C 35 8.91 -59.09 -15.75
C PRO C 35 9.57 -57.96 -14.99
N GLU C 36 9.65 -58.12 -13.67
CA GLU C 36 10.18 -57.06 -12.82
C GLU C 36 11.64 -56.76 -13.16
N SER C 37 12.44 -57.79 -13.43
CA SER C 37 13.84 -57.58 -13.74
C SER C 37 14.05 -56.81 -15.03
N GLU C 38 13.07 -56.81 -15.93
CA GLU C 38 13.13 -56.05 -17.17
C GLU C 38 12.30 -54.77 -17.11
N ASP C 39 11.89 -54.35 -15.91
CA ASP C 39 10.95 -53.22 -15.76
C ASP C 39 11.58 -52.02 -15.07
N LEU C 40 12.91 -51.99 -14.92
CA LEU C 40 13.61 -50.86 -14.31
C LEU C 40 14.33 -50.08 -15.42
N PHE C 41 13.89 -48.86 -15.67
CA PHE C 41 14.40 -48.03 -16.76
C PHE C 41 15.26 -46.91 -16.19
N ALA C 42 16.58 -47.06 -16.33
CA ALA C 42 17.51 -46.04 -15.85
C ALA C 42 17.48 -44.83 -16.78
N PRO C 43 17.96 -43.68 -16.29
CA PRO C 43 17.97 -42.46 -17.13
C PRO C 43 18.56 -42.74 -18.50
N PRO C 44 17.84 -42.38 -19.57
CA PRO C 44 18.31 -42.70 -20.92
C PRO C 44 19.46 -41.79 -21.34
N PRO C 45 20.04 -42.05 -22.52
CA PRO C 45 21.17 -41.21 -22.96
C PRO C 45 20.86 -39.74 -23.07
N ARG C 46 19.66 -39.37 -23.54
CA ARG C 46 19.34 -37.95 -23.68
C ARG C 46 19.38 -37.24 -22.33
N MET C 47 19.12 -37.96 -21.24
CA MET C 47 19.15 -37.41 -19.89
C MET C 47 20.46 -37.69 -19.16
N GLN C 48 21.50 -38.11 -19.86
CA GLN C 48 22.79 -38.38 -19.26
C GLN C 48 23.86 -37.35 -19.61
N GLY C 49 23.50 -36.31 -20.36
CA GLY C 49 24.45 -35.31 -20.79
C GLY C 49 25.17 -35.59 -22.09
N LYS C 50 24.77 -36.63 -22.82
CA LYS C 50 25.38 -36.97 -24.09
C LYS C 50 24.44 -36.52 -25.21
N GLU C 51 24.83 -36.80 -26.46
CA GLU C 51 24.05 -36.39 -27.62
C GLU C 51 23.77 -34.88 -27.60
N GLY C 52 24.72 -34.12 -27.07
CA GLY C 52 24.55 -32.68 -26.98
C GLY C 52 23.43 -32.22 -26.07
N ARG C 53 23.09 -33.01 -25.01
CA ARG C 53 22.03 -32.60 -24.11
C ARG C 53 22.58 -32.00 -22.82
N PRO C 54 21.83 -31.10 -22.19
CA PRO C 54 22.35 -30.41 -20.99
C PRO C 54 22.56 -31.37 -19.82
N LYS C 55 23.60 -31.11 -19.06
CA LYS C 55 23.85 -31.88 -17.85
C LYS C 55 22.67 -31.72 -16.90
N PRO C 56 22.13 -32.80 -16.33
CA PRO C 56 21.02 -32.63 -15.40
C PRO C 56 21.48 -31.95 -14.12
N HIS C 57 20.58 -31.17 -13.52
CA HIS C 57 20.91 -30.50 -12.27
C HIS C 57 21.13 -31.50 -11.14
N ILE C 58 20.50 -32.66 -11.23
CA ILE C 58 20.65 -33.73 -10.25
C ILE C 58 21.01 -35.00 -11.00
N GLY C 59 22.11 -35.64 -10.59
CA GLY C 59 22.55 -36.86 -11.22
C GLY C 59 23.86 -37.36 -10.67
N PRO C 60 24.31 -38.53 -11.15
CA PRO C 60 23.68 -39.41 -12.14
C PRO C 60 22.88 -40.56 -11.53
N ASN C 61 22.84 -40.68 -10.20
CA ASN C 61 22.30 -41.85 -9.55
C ASN C 61 21.34 -41.44 -8.43
N TYR C 62 20.76 -42.45 -7.78
CA TYR C 62 19.80 -42.21 -6.71
C TYR C 62 20.44 -41.48 -5.54
N GLU C 63 21.70 -41.78 -5.24
CA GLU C 63 22.37 -41.13 -4.12
C GLU C 63 22.43 -39.61 -4.32
N SER C 64 22.62 -39.17 -5.55
CA SER C 64 22.68 -37.73 -5.80
C SER C 64 21.36 -37.05 -5.49
N TYR C 65 20.24 -37.75 -5.70
CA TYR C 65 18.94 -37.18 -5.34
C TYR C 65 18.77 -37.11 -3.83
N VAL C 66 19.15 -38.17 -3.12
CA VAL C 66 18.99 -38.18 -1.67
C VAL C 66 19.95 -37.19 -1.01
N LYS C 67 21.17 -37.07 -1.56
CA LYS C 67 22.14 -36.15 -0.99
C LYS C 67 21.61 -34.73 -0.96
N GLU C 68 20.93 -34.31 -2.02
CA GLU C 68 20.35 -32.97 -2.08
C GLU C 68 19.05 -32.89 -1.28
N TRP C 69 18.23 -33.95 -1.35
CA TRP C 69 16.92 -33.92 -0.70
C TRP C 69 17.05 -33.74 0.80
N ALA C 70 18.03 -34.37 1.44
CA ALA C 70 18.15 -34.30 2.89
C ALA C 70 18.42 -32.89 3.38
N LYS C 71 18.94 -32.01 2.52
CA LYS C 71 19.09 -30.61 2.90
C LYS C 71 17.76 -29.87 2.90
N THR C 72 16.76 -30.38 2.20
CA THR C 72 15.50 -29.69 2.02
C THR C 72 14.45 -30.09 3.05
N VAL C 73 14.75 -31.05 3.91
CA VAL C 73 13.86 -31.50 4.97
C VAL C 73 14.65 -31.54 6.27
N GLY C 74 13.96 -31.88 7.35
CA GLY C 74 14.56 -31.88 8.66
C GLY C 74 14.58 -30.50 9.27
N PRO C 75 14.98 -30.41 10.54
CA PRO C 75 14.99 -29.11 11.24
C PRO C 75 16.16 -28.20 10.89
N ASN C 76 17.01 -28.57 9.94
CA ASN C 76 18.13 -27.73 9.51
C ASN C 76 18.02 -27.36 8.03
N SER C 77 16.82 -27.36 7.48
CA SER C 77 16.62 -27.16 6.05
C SER C 77 16.36 -25.71 5.68
N ASP C 78 16.29 -24.81 6.66
CA ASP C 78 16.06 -23.40 6.36
C ASP C 78 17.19 -22.83 5.50
N GLU C 79 18.43 -23.25 5.77
CA GLU C 79 19.56 -22.72 5.02
C GLU C 79 19.41 -23.00 3.52
N TRP C 80 18.94 -24.20 3.17
CA TRP C 80 18.74 -24.54 1.77
C TRP C 80 17.59 -23.73 1.18
N TRP C 81 16.47 -23.67 1.89
CA TRP C 81 15.29 -22.99 1.36
C TRP C 81 15.52 -21.49 1.24
N ALA C 82 16.27 -20.89 2.17
CA ALA C 82 16.58 -19.48 2.05
C ALA C 82 17.39 -19.20 0.80
N ALA C 83 18.39 -20.04 0.52
CA ALA C 83 19.23 -19.82 -0.65
C ALA C 83 18.42 -19.93 -1.94
N LYS C 84 17.59 -20.97 -2.05
CA LYS C 84 16.81 -21.16 -3.27
C LYS C 84 15.84 -20.02 -3.50
N ALA C 85 15.11 -19.62 -2.46
CA ALA C 85 14.16 -18.52 -2.60
C ALA C 85 14.84 -17.27 -3.12
N ARG C 86 16.03 -16.95 -2.60
CA ARG C 86 16.72 -15.74 -3.00
C ARG C 86 17.37 -15.88 -4.37
N GLU C 87 17.83 -17.09 -4.73
CA GLU C 87 18.40 -17.30 -6.06
C GLU C 87 17.30 -17.43 -7.11
N THR C 88 16.18 -18.05 -6.75
CA THR C 88 15.15 -18.38 -7.74
C THR C 88 14.28 -17.18 -8.06
N LEU C 89 13.96 -16.34 -7.07
CA LEU C 89 13.01 -15.26 -7.24
C LEU C 89 13.69 -13.91 -7.05
N ASP C 90 13.07 -12.89 -7.64
CA ASP C 90 13.46 -11.50 -7.43
C ASP C 90 12.50 -10.89 -6.40
N TRP C 91 13.05 -10.37 -5.31
CA TRP C 91 12.26 -9.83 -4.21
C TRP C 91 12.35 -8.30 -4.18
N TYR C 92 11.19 -7.67 -3.93
CA TYR C 92 11.20 -6.23 -3.65
C TYR C 92 11.77 -5.95 -2.27
N ASP C 93 11.36 -6.74 -1.27
CA ASP C 93 11.88 -6.66 0.08
C ASP C 93 12.32 -8.04 0.53
N ASP C 94 13.51 -8.13 1.11
CA ASP C 94 14.04 -9.40 1.57
C ASP C 94 13.25 -9.91 2.77
N PHE C 95 13.32 -11.21 3.00
CA PHE C 95 12.69 -11.85 4.14
C PHE C 95 13.71 -12.16 5.23
N LYS C 96 13.21 -12.27 6.45
CA LYS C 96 14.00 -12.65 7.62
C LYS C 96 13.71 -14.08 8.08
N THR C 97 12.44 -14.40 8.27
CA THR C 97 12.04 -15.74 8.69
C THR C 97 11.82 -16.61 7.46
N VAL C 98 12.19 -17.87 7.55
CA VAL C 98 12.00 -18.80 6.43
C VAL C 98 10.62 -19.45 6.48
N ARG C 99 10.28 -20.07 7.61
CA ARG C 99 9.02 -20.80 7.73
C ARG C 99 8.46 -20.65 9.13
N ALA C 100 7.15 -20.83 9.25
CA ALA C 100 6.47 -20.79 10.54
C ALA C 100 5.08 -21.38 10.35
N GLY C 101 4.40 -21.61 11.47
CA GLY C 101 3.06 -22.19 11.44
C GLY C 101 3.10 -23.69 11.25
N GLY C 102 1.92 -24.27 11.08
CA GLY C 102 1.82 -25.70 10.94
C GLY C 102 0.43 -26.14 10.54
N PHE C 103 0.28 -27.47 10.45
CA PHE C 103 -0.99 -28.05 10.03
C PHE C 103 -2.09 -27.81 11.04
N GLU C 104 -1.76 -27.81 12.34
CA GLU C 104 -2.75 -27.86 13.40
C GLU C 104 -3.87 -26.83 13.18
N HIS C 105 -3.49 -25.56 13.05
CA HIS C 105 -4.48 -24.49 12.93
C HIS C 105 -4.52 -23.85 11.55
N GLY C 106 -3.67 -24.28 10.63
CA GLY C 106 -3.67 -23.71 9.30
C GLY C 106 -3.10 -22.31 9.27
N ASP C 107 -1.88 -22.15 9.77
CA ASP C 107 -1.19 -20.88 9.81
C ASP C 107 0.17 -20.98 9.14
N VAL C 108 0.25 -21.80 8.09
CA VAL C 108 1.53 -22.00 7.42
C VAL C 108 2.06 -20.67 6.91
N GLN C 109 3.34 -20.40 7.20
CA GLN C 109 4.01 -19.19 6.76
C GLN C 109 5.34 -19.56 6.12
N TRP C 110 5.65 -18.94 4.99
CA TRP C 110 6.95 -19.09 4.34
C TRP C 110 7.42 -17.73 3.90
N PHE C 111 8.61 -17.33 4.35
CA PHE C 111 9.20 -16.04 4.03
C PHE C 111 8.24 -14.89 4.32
N PRO C 112 7.70 -14.81 5.54
CA PRO C 112 6.60 -13.87 5.79
C PRO C 112 6.95 -12.42 5.47
N GLU C 113 8.18 -11.98 5.75
CA GLU C 113 8.50 -10.56 5.66
C GLU C 113 8.80 -10.08 4.24
N GLY C 114 9.12 -11.00 3.33
CA GLY C 114 9.48 -10.58 1.99
C GLY C 114 8.31 -10.10 1.17
N THR C 115 8.61 -9.25 0.19
CA THR C 115 7.64 -8.82 -0.81
C THR C 115 8.14 -9.16 -2.20
N LEU C 116 7.19 -9.36 -3.12
CA LEU C 116 7.51 -9.72 -4.49
C LEU C 116 6.20 -9.66 -5.28
N ASN C 117 6.30 -9.88 -6.59
CA ASN C 117 5.14 -9.95 -7.46
C ASN C 117 5.35 -11.12 -8.42
N ALA C 118 4.31 -11.94 -8.59
CA ALA C 118 4.42 -13.08 -9.49
C ALA C 118 4.58 -12.62 -10.94
N ALA C 119 3.78 -11.63 -11.36
CA ALA C 119 3.88 -11.15 -12.73
C ALA C 119 5.24 -10.55 -13.01
N TYR C 120 5.94 -10.04 -11.99
CA TYR C 120 7.29 -9.55 -12.20
C TYR C 120 8.26 -10.69 -12.45
N ASN C 121 8.17 -11.75 -11.67
CA ASN C 121 9.09 -12.87 -11.84
C ASN C 121 8.77 -13.71 -13.07
N CYS C 122 7.55 -13.60 -13.61
CA CYS C 122 7.15 -14.36 -14.78
C CYS C 122 7.25 -13.56 -16.08
N LEU C 123 7.20 -12.23 -16.02
CA LEU C 123 7.26 -11.40 -17.21
C LEU C 123 8.39 -10.38 -17.14
N ASP C 124 8.35 -9.44 -16.20
CA ASP C 124 9.20 -8.27 -16.26
C ASP C 124 10.68 -8.66 -16.36
N ARG C 125 11.16 -9.43 -15.37
CA ARG C 125 12.60 -9.69 -15.30
C ARG C 125 13.11 -10.45 -16.50
N HIS C 126 12.24 -11.15 -17.25
CA HIS C 126 12.66 -11.79 -18.49
C HIS C 126 12.53 -10.86 -19.69
N TYR C 127 11.51 -10.00 -19.69
CA TYR C 127 11.41 -8.96 -20.71
C TYR C 127 12.64 -8.06 -20.69
N TYR C 128 13.11 -7.70 -19.49
CA TYR C 128 14.28 -6.84 -19.35
C TYR C 128 15.55 -7.50 -19.85
N LYS C 129 15.59 -8.84 -19.91
CA LYS C 129 16.76 -9.58 -20.32
C LYS C 129 16.74 -9.95 -21.81
N ASN C 130 15.59 -10.40 -22.30
CA ASN C 130 15.45 -10.75 -23.72
C ASN C 130 13.98 -10.59 -24.07
N PRO C 131 13.57 -9.42 -24.53
CA PRO C 131 12.14 -9.19 -24.77
C PRO C 131 11.58 -10.00 -25.92
N LYS C 132 12.40 -10.36 -26.92
CA LYS C 132 11.93 -11.07 -28.10
C LYS C 132 11.91 -12.59 -27.92
N LYS C 133 12.45 -13.09 -26.81
CA LYS C 133 12.40 -14.53 -26.55
C LYS C 133 10.95 -14.99 -26.41
N THR C 134 10.65 -16.14 -27.01
CA THR C 134 9.30 -16.65 -27.00
C THR C 134 8.91 -17.16 -25.62
N ALA C 135 7.87 -16.57 -25.05
CA ALA C 135 7.31 -17.04 -23.79
C ALA C 135 6.28 -18.14 -23.98
N ILE C 136 5.39 -17.98 -24.95
CA ILE C 136 4.27 -18.88 -25.16
C ILE C 136 4.28 -19.34 -26.61
N ILE C 137 4.31 -20.65 -26.81
CA ILE C 137 3.98 -21.24 -28.11
C ILE C 137 2.47 -21.49 -28.13
N TYR C 138 1.76 -20.70 -28.92
CA TYR C 138 0.30 -20.79 -28.99
C TYR C 138 -0.07 -21.76 -30.10
N GLU C 139 -0.46 -22.97 -29.72
CA GLU C 139 -0.95 -23.98 -30.65
C GLU C 139 -2.47 -23.82 -30.77
N ALA C 140 -2.91 -23.18 -31.84
CA ALA C 140 -4.33 -22.91 -32.01
C ALA C 140 -5.08 -24.20 -32.37
N ASP C 141 -6.41 -24.15 -32.23
CA ASP C 141 -7.24 -25.29 -32.58
C ASP C 141 -6.92 -25.76 -33.99
N GLU C 142 -6.89 -24.84 -34.94
CA GLU C 142 -6.37 -25.15 -36.27
C GLU C 142 -4.85 -25.03 -36.26
N PRO C 143 -4.11 -26.07 -36.65
CA PRO C 143 -2.64 -25.98 -36.54
C PRO C 143 -2.05 -24.83 -37.34
N SER C 144 -2.73 -24.39 -38.41
CA SER C 144 -2.18 -23.36 -39.28
C SER C 144 -2.17 -21.98 -38.63
N GLU C 145 -2.97 -21.78 -37.58
CA GLU C 145 -3.04 -20.49 -36.91
C GLU C 145 -2.10 -20.40 -35.71
N SER C 146 -1.23 -21.38 -35.52
CA SER C 146 -0.31 -21.36 -34.39
C SER C 146 0.80 -20.34 -34.62
N ARG C 147 1.29 -19.75 -33.52
CA ARG C 147 2.34 -18.74 -33.60
C ARG C 147 3.01 -18.63 -32.24
N GLU C 148 4.16 -17.95 -32.23
CA GLU C 148 4.93 -17.70 -31.02
C GLU C 148 4.57 -16.34 -30.44
N VAL C 149 4.36 -16.29 -29.14
CA VAL C 149 4.12 -15.04 -28.41
C VAL C 149 5.37 -14.74 -27.58
N SER C 150 6.05 -13.65 -27.92
CA SER C 150 7.26 -13.27 -27.22
C SER C 150 6.93 -12.74 -25.82
N TYR C 151 7.97 -12.67 -24.97
CA TYR C 151 7.77 -12.11 -23.65
C TYR C 151 7.28 -10.66 -23.73
N GLU C 152 7.80 -9.90 -24.69
CA GLU C 152 7.34 -8.51 -24.86
C GLU C 152 5.83 -8.47 -25.13
N GLU C 153 5.37 -9.23 -26.11
CA GLU C 153 3.96 -9.22 -26.44
C GLU C 153 3.11 -9.66 -25.25
N LEU C 154 3.54 -10.71 -24.55
CA LEU C 154 2.77 -11.19 -23.39
C LEU C 154 2.77 -10.16 -22.27
N MET C 155 3.90 -9.49 -22.05
CA MET C 155 3.95 -8.46 -21.02
C MET C 155 3.04 -7.29 -21.37
N GLN C 156 3.08 -6.84 -22.63
CA GLN C 156 2.25 -5.72 -23.03
C GLN C 156 0.77 -6.05 -22.86
N GLU C 157 0.37 -7.25 -23.30
CA GLU C 157 -1.03 -7.66 -23.16
C GLU C 157 -1.41 -7.73 -21.69
N THR C 158 -0.52 -8.25 -20.84
CA THR C 158 -0.82 -8.36 -19.42
C THR C 158 -1.02 -6.99 -18.79
N CYS C 159 -0.15 -6.04 -19.12
CA CYS C 159 -0.25 -4.71 -18.53
C CYS C 159 -1.53 -4.01 -18.97
N ARG C 160 -1.93 -4.18 -20.23
CA ARG C 160 -3.19 -3.60 -20.69
C ARG C 160 -4.36 -4.15 -19.88
N VAL C 161 -4.43 -5.47 -19.75
CA VAL C 161 -5.51 -6.07 -18.97
C VAL C 161 -5.46 -5.57 -17.53
N ALA C 162 -4.25 -5.51 -16.95
CA ALA C 162 -4.11 -5.00 -15.59
C ALA C 162 -4.68 -3.60 -15.46
N ASN C 163 -4.36 -2.72 -16.42
CA ASN C 163 -4.89 -1.37 -16.39
C ASN C 163 -6.40 -1.36 -16.60
N VAL C 164 -6.91 -2.27 -17.43
CA VAL C 164 -8.36 -2.38 -17.57
C VAL C 164 -8.99 -2.79 -16.24
N LEU C 165 -8.36 -3.72 -15.53
CA LEU C 165 -8.88 -4.15 -14.23
C LEU C 165 -8.84 -3.00 -13.22
N LYS C 166 -7.73 -2.27 -13.18
CA LYS C 166 -7.65 -1.13 -12.27
C LYS C 166 -8.73 -0.10 -12.57
N SER C 167 -9.03 0.13 -13.85
CA SER C 167 -10.10 1.06 -14.21
C SER C 167 -11.46 0.56 -13.77
N TYR C 168 -11.62 -0.75 -13.57
CA TYR C 168 -12.85 -1.31 -13.04
C TYR C 168 -12.93 -1.22 -11.52
N GLY C 169 -11.91 -0.65 -10.87
CA GLY C 169 -11.88 -0.58 -9.43
C GLY C 169 -11.35 -1.82 -8.75
N VAL C 170 -10.80 -2.76 -9.49
CA VAL C 170 -10.23 -3.95 -8.87
C VAL C 170 -9.05 -3.54 -8.00
N LYS C 171 -9.11 -3.89 -6.73
CA LYS C 171 -8.08 -3.55 -5.77
C LYS C 171 -7.35 -4.81 -5.31
N LYS C 172 -6.14 -4.62 -4.80
CA LYS C 172 -5.43 -5.71 -4.15
C LYS C 172 -6.35 -6.43 -3.19
N GLY C 173 -6.44 -7.75 -3.34
CA GLY C 173 -7.29 -8.56 -2.50
C GLY C 173 -8.66 -8.88 -3.09
N ASP C 174 -9.05 -8.19 -4.15
CA ASP C 174 -10.30 -8.51 -4.83
C ASP C 174 -10.14 -9.77 -5.68
N ALA C 175 -11.24 -10.50 -5.82
CA ALA C 175 -11.26 -11.73 -6.61
C ALA C 175 -11.79 -11.44 -8.02
N VAL C 176 -11.19 -12.10 -9.01
CA VAL C 176 -11.59 -11.96 -10.41
C VAL C 176 -11.75 -13.35 -11.00
N SER C 177 -12.92 -13.61 -11.58
CA SER C 177 -13.18 -14.89 -12.22
C SER C 177 -12.65 -14.89 -13.65
N ILE C 178 -11.97 -15.98 -14.02
CA ILE C 178 -11.46 -16.17 -15.37
C ILE C 178 -12.17 -17.39 -15.95
N TYR C 179 -12.88 -17.18 -17.06
CA TYR C 179 -13.60 -18.25 -17.76
C TYR C 179 -13.14 -18.24 -19.22
N LEU C 180 -11.92 -18.71 -19.44
CA LEU C 180 -11.25 -18.57 -20.73
C LEU C 180 -10.84 -19.91 -21.29
N PRO C 181 -11.01 -20.14 -22.60
CA PRO C 181 -10.44 -21.35 -23.22
C PRO C 181 -8.93 -21.23 -23.37
N MET C 182 -8.30 -22.26 -23.94
CA MET C 182 -6.84 -22.31 -24.01
C MET C 182 -6.27 -21.48 -25.16
N THR C 183 -6.64 -20.20 -25.23
CA THR C 183 -5.92 -19.25 -26.05
C THR C 183 -4.85 -18.59 -25.20
N TRP C 184 -3.80 -18.08 -25.87
CA TRP C 184 -2.64 -17.60 -25.15
C TRP C 184 -2.95 -16.42 -24.23
N GLN C 185 -4.04 -15.69 -24.48
CA GLN C 185 -4.40 -14.56 -23.63
C GLN C 185 -4.76 -15.00 -22.22
N ALA C 186 -5.05 -16.28 -22.01
CA ALA C 186 -5.38 -16.75 -20.66
C ALA C 186 -4.22 -16.49 -19.70
N ALA C 187 -2.99 -16.68 -20.16
CA ALA C 187 -1.84 -16.35 -19.32
C ALA C 187 -1.80 -14.86 -19.03
N ALA C 188 -2.18 -14.03 -20.00
CA ALA C 188 -2.25 -12.60 -19.77
C ALA C 188 -3.28 -12.26 -18.72
N ALA C 189 -4.41 -12.97 -18.73
CA ALA C 189 -5.46 -12.70 -17.74
C ALA C 189 -5.01 -13.16 -16.35
N PHE C 190 -4.33 -14.30 -16.27
CA PHE C 190 -3.76 -14.74 -15.00
C PHE C 190 -2.81 -13.70 -14.45
N LEU C 191 -1.78 -13.34 -15.23
CA LEU C 191 -0.70 -12.51 -14.73
C LEU C 191 -1.13 -11.07 -14.52
N ALA C 192 -2.17 -10.61 -15.24
CA ALA C 192 -2.72 -9.29 -14.97
C ALA C 192 -3.28 -9.22 -13.56
N CYS C 193 -4.04 -10.25 -13.16
CA CYS C 193 -4.54 -10.32 -11.79
C CYS C 193 -3.38 -10.36 -10.80
N ALA C 194 -2.39 -11.22 -11.06
CA ALA C 194 -1.23 -11.29 -10.16
C ALA C 194 -0.48 -9.97 -10.12
N ARG C 195 -0.48 -9.22 -11.23
CA ARG C 195 0.30 -7.99 -11.29
C ARG C 195 -0.25 -6.94 -10.32
N ILE C 196 -1.57 -6.84 -10.22
CA ILE C 196 -2.19 -5.82 -9.39
C ILE C 196 -2.51 -6.31 -7.98
N GLY C 197 -2.15 -7.54 -7.64
CA GLY C 197 -2.44 -8.08 -6.34
C GLY C 197 -3.82 -8.69 -6.19
N ALA C 198 -4.58 -8.79 -7.28
CA ALA C 198 -5.88 -9.43 -7.25
C ALA C 198 -5.73 -10.94 -7.17
N ILE C 199 -6.83 -11.61 -6.83
CA ILE C 199 -6.86 -13.05 -6.65
C ILE C 199 -7.70 -13.62 -7.78
N HIS C 200 -7.05 -14.23 -8.77
CA HIS C 200 -7.79 -14.77 -9.91
C HIS C 200 -8.33 -16.16 -9.57
N SER C 201 -9.51 -16.46 -10.10
CA SER C 201 -10.18 -17.74 -9.89
C SER C 201 -10.55 -18.29 -11.26
N ALA C 202 -9.72 -19.17 -11.80
CA ALA C 202 -9.92 -19.70 -13.14
C ALA C 202 -10.88 -20.88 -13.12
N VAL C 203 -11.84 -20.88 -14.04
CA VAL C 203 -12.83 -21.94 -14.16
C VAL C 203 -12.75 -22.51 -15.57
N PHE C 204 -12.72 -23.85 -15.67
CA PHE C 204 -12.66 -24.52 -16.96
C PHE C 204 -13.67 -23.94 -17.94
N ALA C 205 -13.18 -23.53 -19.11
CA ALA C 205 -14.06 -23.15 -20.19
C ALA C 205 -14.84 -24.37 -20.67
N GLY C 206 -16.16 -24.24 -20.76
CA GLY C 206 -17.04 -25.34 -21.09
C GLY C 206 -17.81 -25.88 -19.90
N PHE C 207 -17.45 -25.48 -18.68
CA PHE C 207 -18.23 -25.83 -17.52
C PHE C 207 -19.64 -25.27 -17.64
N SER C 208 -20.61 -26.01 -17.11
CA SER C 208 -22.00 -25.59 -17.18
C SER C 208 -22.20 -24.24 -16.50
N ALA C 209 -23.32 -23.59 -16.83
CA ALA C 209 -23.63 -22.32 -16.18
C ALA C 209 -23.82 -22.49 -14.68
N GLU C 210 -24.35 -23.65 -14.25
CA GLU C 210 -24.53 -23.87 -12.82
C GLU C 210 -23.19 -24.02 -12.11
N SER C 211 -22.26 -24.78 -12.70
CA SER C 211 -20.94 -24.93 -12.09
C SER C 211 -20.21 -23.60 -12.09
N LEU C 212 -20.30 -22.86 -13.19
CA LEU C 212 -19.68 -21.53 -13.25
C LEU C 212 -20.32 -20.59 -12.25
N ARG C 213 -21.65 -20.58 -12.18
CA ARG C 213 -22.35 -19.72 -11.22
C ARG C 213 -21.86 -19.96 -9.80
N ASP C 214 -21.80 -21.23 -9.39
CA ASP C 214 -21.43 -21.55 -8.02
C ASP C 214 -20.02 -21.07 -7.70
N ARG C 215 -19.09 -21.21 -8.65
CA ARG C 215 -17.72 -20.77 -8.42
C ARG C 215 -17.57 -19.27 -8.51
N VAL C 216 -18.38 -18.60 -9.35
CA VAL C 216 -18.36 -17.15 -9.42
C VAL C 216 -18.91 -16.55 -8.13
N ASN C 217 -19.98 -17.13 -7.59
CA ASN C 217 -20.59 -16.57 -6.39
C ASN C 217 -19.74 -16.83 -5.15
N ASP C 218 -19.04 -17.97 -5.10
CA ASP C 218 -18.31 -18.32 -3.89
C ASP C 218 -17.11 -17.41 -3.68
N CYS C 219 -16.42 -17.02 -4.76
CA CYS C 219 -15.29 -16.12 -4.63
C CYS C 219 -15.69 -14.66 -4.52
N GLU C 220 -16.98 -14.34 -4.69
CA GLU C 220 -17.48 -12.98 -4.50
C GLU C 220 -16.73 -12.00 -5.41
N CYS C 221 -16.39 -12.45 -6.60
CA CYS C 221 -15.69 -11.59 -7.55
C CYS C 221 -16.61 -10.50 -8.07
N LYS C 222 -16.00 -9.38 -8.47
CA LYS C 222 -16.72 -8.27 -9.07
C LYS C 222 -16.53 -8.20 -10.58
N VAL C 223 -15.54 -8.91 -11.11
CA VAL C 223 -15.22 -8.88 -12.53
C VAL C 223 -15.03 -10.29 -13.03
N LEU C 224 -15.53 -10.56 -14.24
CA LEU C 224 -15.38 -11.85 -14.89
C LEU C 224 -14.76 -11.66 -16.28
N ILE C 225 -13.80 -12.52 -16.62
CA ILE C 225 -13.11 -12.46 -17.90
C ILE C 225 -13.45 -13.73 -18.68
N THR C 226 -13.87 -13.55 -19.93
CA THR C 226 -14.27 -14.68 -20.75
C THR C 226 -14.10 -14.31 -22.21
N THR C 227 -14.44 -15.25 -23.10
CA THR C 227 -14.42 -15.06 -24.54
C THR C 227 -15.83 -15.03 -25.09
N ASP C 228 -15.95 -14.59 -26.35
CA ASP C 228 -17.21 -14.75 -27.06
C ASP C 228 -17.49 -16.22 -27.33
N GLU C 229 -16.47 -16.97 -27.76
CA GLU C 229 -16.59 -18.40 -28.01
C GLU C 229 -15.22 -19.05 -27.85
N GLY C 230 -15.24 -20.35 -27.56
CA GLY C 230 -14.03 -21.13 -27.53
C GLY C 230 -14.02 -22.17 -28.63
N ARG C 231 -12.84 -22.63 -29.03
CA ARG C 231 -12.69 -23.63 -30.09
C ARG C 231 -11.73 -24.71 -29.61
N ARG C 232 -12.25 -25.92 -29.42
CA ARG C 232 -11.43 -27.07 -29.11
C ARG C 232 -11.92 -28.24 -29.94
N GLY C 233 -11.00 -28.94 -30.59
CA GLY C 233 -11.37 -30.10 -31.38
C GLY C 233 -12.37 -29.82 -32.47
N GLY C 234 -12.29 -28.64 -33.08
CA GLY C 234 -13.22 -28.28 -34.14
C GLY C 234 -14.63 -27.99 -33.70
N LYS C 235 -14.90 -27.93 -32.40
CA LYS C 235 -16.23 -27.63 -31.88
C LYS C 235 -16.24 -26.28 -31.19
N THR C 236 -17.40 -25.62 -31.23
CA THR C 236 -17.58 -24.30 -30.66
C THR C 236 -18.00 -24.39 -29.20
N ILE C 237 -17.27 -23.69 -28.34
CA ILE C 237 -17.65 -23.52 -26.94
C ILE C 237 -18.31 -22.16 -26.80
N ALA C 238 -19.61 -22.15 -26.51
CA ALA C 238 -20.38 -20.91 -26.41
C ALA C 238 -20.14 -20.27 -25.04
N THR C 239 -18.91 -19.79 -24.85
CA THR C 239 -18.51 -19.25 -23.57
C THR C 239 -19.43 -18.12 -23.13
N LYS C 240 -19.60 -17.11 -23.98
CA LYS C 240 -20.43 -15.97 -23.61
C LYS C 240 -21.89 -16.39 -23.43
N GLN C 241 -22.35 -17.38 -24.19
CA GLN C 241 -23.70 -17.89 -24.00
C GLN C 241 -23.86 -18.47 -22.60
N ILE C 242 -22.86 -19.25 -22.15
CA ILE C 242 -22.91 -19.83 -20.81
C ILE C 242 -22.82 -18.74 -19.76
N VAL C 243 -21.97 -17.74 -19.98
CA VAL C 243 -21.79 -16.66 -19.03
C VAL C 243 -23.11 -15.92 -18.79
N ASP C 244 -23.85 -15.65 -19.87
CA ASP C 244 -25.13 -14.95 -19.72
C ASP C 244 -26.07 -15.71 -18.80
N ALA C 245 -26.21 -17.02 -19.01
CA ALA C 245 -27.07 -17.81 -18.14
C ALA C 245 -26.61 -17.77 -16.70
N ALA C 246 -25.30 -17.92 -16.47
CA ALA C 246 -24.78 -17.94 -15.11
C ALA C 246 -25.00 -16.60 -14.42
N LEU C 247 -24.69 -15.51 -15.11
CA LEU C 247 -24.77 -14.20 -14.47
C LEU C 247 -26.19 -13.77 -14.15
N GLN C 248 -27.20 -14.46 -14.69
CA GLN C 248 -28.56 -14.22 -14.24
C GLN C 248 -28.74 -14.57 -12.77
N GLN C 249 -27.79 -15.34 -12.21
CA GLN C 249 -27.84 -15.74 -10.81
C GLN C 249 -26.55 -15.42 -10.07
N CYS C 250 -25.73 -14.50 -10.60
CA CYS C 250 -24.48 -14.06 -9.99
C CYS C 250 -24.58 -12.55 -9.73
N PRO C 251 -25.12 -12.14 -8.59
CA PRO C 251 -25.41 -10.71 -8.40
C PRO C 251 -24.18 -9.82 -8.26
N LEU C 252 -23.05 -10.36 -7.83
CA LEU C 252 -21.90 -9.52 -7.52
C LEU C 252 -21.08 -9.10 -8.74
N VAL C 253 -21.34 -9.67 -9.93
CA VAL C 253 -20.52 -9.39 -11.10
C VAL C 253 -21.03 -8.13 -11.78
N GLU C 254 -20.17 -7.11 -11.85
CA GLU C 254 -20.53 -5.83 -12.44
C GLU C 254 -19.91 -5.58 -13.81
N ASN C 255 -18.71 -6.10 -14.06
CA ASN C 255 -18.02 -5.91 -15.32
C ASN C 255 -17.60 -7.26 -15.88
N VAL C 256 -17.84 -7.45 -17.18
CA VAL C 256 -17.43 -8.65 -17.89
C VAL C 256 -16.60 -8.21 -19.09
N LEU C 257 -15.36 -8.67 -19.15
CA LEU C 257 -14.46 -8.38 -20.26
C LEU C 257 -14.48 -9.57 -21.22
N VAL C 258 -14.85 -9.32 -22.47
CA VAL C 258 -15.06 -10.36 -23.46
C VAL C 258 -13.93 -10.29 -24.48
N LEU C 259 -13.12 -11.35 -24.53
CA LEU C 259 -12.07 -11.45 -25.54
C LEU C 259 -12.64 -11.97 -26.84
N ARG C 260 -12.34 -11.26 -27.93
CA ARG C 260 -12.83 -11.66 -29.25
C ARG C 260 -11.90 -12.74 -29.78
N ARG C 261 -12.22 -13.98 -29.46
CA ARG C 261 -11.42 -15.14 -29.86
C ARG C 261 -11.87 -15.69 -31.21
N THR C 262 -13.18 -15.86 -31.40
CA THR C 262 -13.72 -16.31 -32.68
C THR C 262 -14.35 -15.17 -33.47
N GLY C 263 -14.96 -14.20 -32.82
CA GLY C 263 -15.61 -13.10 -33.50
C GLY C 263 -17.04 -13.38 -33.92
N ASN C 264 -17.58 -14.55 -33.60
CA ASN C 264 -18.95 -14.85 -33.97
C ASN C 264 -19.93 -13.94 -33.25
N LYS C 265 -21.09 -13.74 -33.87
CA LYS C 265 -22.15 -12.90 -33.31
C LYS C 265 -22.58 -13.48 -31.96
N VAL C 266 -22.30 -12.76 -30.88
CA VAL C 266 -22.69 -13.20 -29.54
C VAL C 266 -23.39 -12.08 -28.78
N PRO C 267 -24.33 -12.39 -27.88
CA PRO C 267 -24.98 -11.33 -27.12
C PRO C 267 -24.00 -10.59 -26.23
N MET C 268 -24.25 -9.28 -26.07
CA MET C 268 -23.46 -8.43 -25.20
C MET C 268 -24.40 -7.57 -24.37
N THR C 269 -24.10 -7.44 -23.08
CA THR C 269 -24.90 -6.65 -22.15
C THR C 269 -24.24 -5.27 -22.01
N GLU C 270 -24.94 -4.23 -22.48
CA GLU C 270 -24.37 -2.90 -22.49
C GLU C 270 -24.06 -2.44 -21.07
N GLY C 271 -22.94 -1.76 -20.92
CA GLY C 271 -22.48 -1.34 -19.60
C GLY C 271 -21.70 -2.40 -18.87
N ARG C 272 -22.28 -3.60 -18.73
CA ARG C 272 -21.63 -4.68 -18.02
C ARG C 272 -20.54 -5.33 -18.87
N ASP C 273 -20.83 -5.59 -20.14
CA ASP C 273 -19.91 -6.31 -21.01
C ASP C 273 -19.19 -5.34 -21.94
N LYS C 274 -17.86 -5.44 -22.00
CA LYS C 274 -17.05 -4.64 -22.90
C LYS C 274 -15.98 -5.54 -23.52
N TRP C 275 -15.52 -5.15 -24.71
CA TRP C 275 -14.61 -5.99 -25.47
C TRP C 275 -13.17 -5.83 -24.99
N TRP C 276 -12.45 -6.96 -24.97
CA TRP C 276 -11.05 -6.98 -24.56
C TRP C 276 -10.22 -5.99 -25.35
N ASP C 277 -10.27 -6.08 -26.69
CA ASP C 277 -9.42 -5.25 -27.52
C ASP C 277 -9.78 -3.77 -27.36
N GLU C 278 -11.07 -3.45 -27.30
CA GLU C 278 -11.49 -2.06 -27.17
C GLU C 278 -11.05 -1.48 -25.85
N GLU C 279 -11.25 -2.21 -24.76
CA GLU C 279 -10.84 -1.73 -23.44
C GLU C 279 -9.33 -1.55 -23.38
N CYS C 280 -8.57 -2.55 -23.83
CA CYS C 280 -7.12 -2.49 -23.75
C CYS C 280 -6.52 -1.41 -24.65
N ALA C 281 -7.24 -0.99 -25.69
CA ALA C 281 -6.72 0.06 -26.56
C ALA C 281 -6.69 1.41 -25.85
N LYS C 282 -7.46 1.58 -24.78
CA LYS C 282 -7.50 2.81 -24.01
C LYS C 282 -6.42 2.86 -22.95
N MET C 283 -5.64 1.81 -22.78
CA MET C 283 -4.73 1.70 -21.65
C MET C 283 -3.27 1.68 -22.12
N PRO C 284 -2.35 2.14 -21.29
CA PRO C 284 -0.93 2.04 -21.64
C PRO C 284 -0.48 0.59 -21.65
N ALA C 285 0.66 0.35 -22.27
CA ALA C 285 1.23 -0.99 -22.39
C ALA C 285 2.19 -1.33 -21.24
N TYR C 286 2.24 -0.51 -20.21
CA TYR C 286 2.90 -0.87 -18.96
C TYR C 286 2.00 -0.51 -17.79
N CYS C 287 2.15 -1.27 -16.70
CA CYS C 287 1.41 -1.10 -15.46
C CYS C 287 2.36 -1.43 -14.32
N PRO C 288 2.34 -0.64 -13.24
CA PRO C 288 3.22 -0.96 -12.11
C PRO C 288 2.85 -2.27 -11.44
N CYS C 289 3.85 -2.90 -10.82
CA CYS C 289 3.67 -4.16 -10.13
C CYS C 289 3.32 -3.91 -8.66
N GLU C 290 2.19 -4.44 -8.22
CA GLU C 290 1.83 -4.36 -6.81
C GLU C 290 2.82 -5.17 -5.99
N ARG C 291 3.32 -4.57 -4.92
CA ARG C 291 4.31 -5.21 -4.06
C ARG C 291 3.58 -6.06 -3.04
N MET C 292 3.59 -7.37 -3.26
CA MET C 292 2.80 -8.31 -2.48
C MET C 292 3.66 -8.98 -1.41
N ALA C 293 3.11 -9.09 -0.20
CA ALA C 293 3.73 -9.92 0.82
C ALA C 293 3.71 -11.38 0.38
N SER C 294 4.63 -12.17 0.94
CA SER C 294 4.73 -13.57 0.55
CA SER C 294 4.73 -13.57 0.55
C SER C 294 3.42 -14.31 0.75
N GLU C 295 2.75 -14.09 1.89
CA GLU C 295 1.54 -14.81 2.23
C GLU C 295 0.27 -14.14 1.72
N ASP C 296 0.38 -13.11 0.89
CA ASP C 296 -0.79 -12.61 0.20
C ASP C 296 -1.34 -13.69 -0.72
N PRO C 297 -2.66 -13.86 -0.80
CA PRO C 297 -3.20 -14.91 -1.67
C PRO C 297 -2.96 -14.59 -3.15
N LEU C 298 -2.49 -15.59 -3.89
CA LEU C 298 -2.25 -15.41 -5.31
C LEU C 298 -3.44 -15.79 -6.16
N PHE C 299 -4.11 -16.89 -5.85
CA PHE C 299 -5.26 -17.31 -6.65
C PHE C 299 -6.13 -18.26 -5.86
N ILE C 300 -7.39 -18.36 -6.31
CA ILE C 300 -8.32 -19.38 -5.85
C ILE C 300 -8.53 -20.33 -7.01
N LEU C 301 -8.62 -21.62 -6.71
CA LEU C 301 -8.86 -22.63 -7.75
C LEU C 301 -9.80 -23.68 -7.19
N TYR C 302 -11.03 -23.70 -7.70
CA TYR C 302 -12.02 -24.68 -7.28
C TYR C 302 -11.76 -26.00 -7.98
N THR C 303 -11.77 -27.09 -7.21
CA THR C 303 -11.48 -28.40 -7.75
C THR C 303 -12.76 -29.07 -8.24
N SER C 304 -12.66 -29.71 -9.40
CA SER C 304 -13.80 -30.38 -10.02
C SER C 304 -13.93 -31.81 -9.51
N GLY C 308 -19.02 -32.59 -2.60
CA GLY C 308 -19.98 -31.72 -1.95
C GLY C 308 -20.03 -30.33 -2.57
N LYS C 309 -19.89 -29.31 -1.74
CA LYS C 309 -19.87 -27.93 -2.21
C LYS C 309 -18.52 -27.61 -2.84
N PRO C 310 -18.49 -26.60 -3.72
CA PRO C 310 -17.23 -26.25 -4.40
C PRO C 310 -16.16 -25.78 -3.42
N LYS C 311 -14.97 -26.37 -3.55
CA LYS C 311 -13.84 -26.12 -2.64
C LYS C 311 -12.85 -25.16 -3.29
N GLY C 312 -12.83 -23.92 -2.81
CA GLY C 312 -11.91 -22.94 -3.34
C GLY C 312 -10.54 -22.99 -2.70
N VAL C 313 -9.61 -23.74 -3.31
CA VAL C 313 -8.27 -23.86 -2.77
C VAL C 313 -7.51 -22.57 -2.98
N VAL C 314 -6.97 -22.02 -1.90
CA VAL C 314 -6.27 -20.74 -1.91
C VAL C 314 -4.78 -20.98 -1.75
N HIS C 315 -3.98 -20.32 -2.59
CA HIS C 315 -2.53 -20.41 -2.52
C HIS C 315 -1.94 -19.03 -2.29
N SER C 316 -0.89 -18.99 -1.46
CA SER C 316 -0.15 -17.77 -1.23
C SER C 316 0.70 -17.49 -2.48
N THR C 317 1.59 -16.50 -2.38
CA THR C 317 2.36 -16.04 -3.53
C THR C 317 3.75 -16.66 -3.56
N ALA C 318 4.58 -16.39 -2.55
CA ALA C 318 5.98 -16.77 -2.62
C ALA C 318 6.15 -18.28 -2.54
N GLY C 319 5.44 -18.93 -1.62
CA GLY C 319 5.57 -20.38 -1.49
C GLY C 319 5.17 -21.10 -2.76
N TYR C 320 4.01 -20.76 -3.31
CA TYR C 320 3.56 -21.40 -4.53
C TYR C 320 4.52 -21.13 -5.69
N LEU C 321 4.91 -19.86 -5.87
CA LEU C 321 5.77 -19.52 -7.00
C LEU C 321 7.10 -20.25 -6.91
N LEU C 322 7.72 -20.26 -5.73
CA LEU C 322 8.98 -20.97 -5.56
C LEU C 322 8.81 -22.46 -5.83
N GLY C 323 7.73 -23.05 -5.31
CA GLY C 323 7.51 -24.47 -5.52
C GLY C 323 7.41 -24.84 -6.99
N THR C 324 6.55 -24.12 -7.73
CA THR C 324 6.39 -24.42 -9.14
C THR C 324 7.71 -24.25 -9.88
N ALA C 325 8.51 -23.26 -9.48
CA ALA C 325 9.77 -23.00 -10.17
C ALA C 325 10.77 -24.14 -9.95
N LEU C 326 10.90 -24.60 -8.70
CA LEU C 326 11.91 -25.61 -8.41
C LEU C 326 11.53 -26.97 -8.96
N THR C 327 10.26 -27.38 -8.79
CA THR C 327 9.83 -28.66 -9.35
C THR C 327 9.97 -28.67 -10.87
N LEU C 328 9.54 -27.59 -11.52
CA LEU C 328 9.70 -27.50 -12.98
C LEU C 328 11.17 -27.57 -13.36
N LYS C 329 12.04 -26.96 -12.54
CA LYS C 329 13.47 -26.96 -12.86
C LYS C 329 14.09 -28.34 -12.67
N TYR C 330 13.66 -29.07 -11.64
CA TYR C 330 14.29 -30.33 -11.25
C TYR C 330 13.53 -31.57 -11.70
N VAL C 331 12.20 -31.55 -11.65
CA VAL C 331 11.44 -32.74 -12.04
C VAL C 331 11.49 -32.94 -13.55
N PHE C 332 11.61 -31.86 -14.31
CA PHE C 332 11.71 -31.93 -15.76
C PHE C 332 13.07 -31.51 -16.28
N ASP C 333 14.03 -31.28 -15.38
CA ASP C 333 15.37 -30.83 -15.75
C ASP C 333 15.29 -29.69 -16.76
N ALA C 334 14.70 -28.59 -16.31
CA ALA C 334 14.48 -27.45 -17.18
C ALA C 334 15.77 -26.67 -17.34
N HIS C 335 16.04 -26.25 -18.57
CA HIS C 335 17.22 -25.46 -18.90
C HIS C 335 16.77 -24.25 -19.71
N PRO C 336 17.59 -23.19 -19.75
CA PRO C 336 17.11 -21.91 -20.28
C PRO C 336 16.45 -21.99 -21.65
N ASP C 337 17.00 -22.76 -22.57
CA ASP C 337 16.53 -22.77 -23.95
C ASP C 337 15.44 -23.82 -24.21
N ASP C 338 15.02 -24.55 -23.19
CA ASP C 338 14.04 -25.61 -23.39
C ASP C 338 12.69 -25.03 -23.79
N ARG C 339 11.88 -25.87 -24.45
CA ARG C 339 10.52 -25.51 -24.87
C ARG C 339 9.57 -26.50 -24.22
N PHE C 340 8.93 -26.08 -23.13
CA PHE C 340 8.08 -26.95 -22.34
C PHE C 340 6.69 -27.04 -22.94
N ALA C 341 6.20 -28.26 -23.14
CA ALA C 341 4.92 -28.52 -23.77
C ALA C 341 4.02 -29.28 -22.81
N CYS C 342 3.29 -28.54 -21.97
CA CYS C 342 2.24 -29.10 -21.12
C CYS C 342 0.90 -28.91 -21.83
N MET C 343 0.21 -30.02 -22.09
CA MET C 343 -1.01 -30.01 -22.88
C MET C 343 -2.26 -29.86 -22.02
N ALA C 344 -2.10 -29.64 -20.71
CA ALA C 344 -3.24 -29.55 -19.82
C ALA C 344 -4.00 -28.24 -20.08
N ASP C 345 -5.10 -28.08 -19.36
CA ASP C 345 -5.93 -26.89 -19.42
C ASP C 345 -5.67 -26.00 -18.21
N ILE C 346 -5.65 -24.70 -18.43
CA ILE C 346 -5.35 -23.76 -17.35
C ILE C 346 -6.41 -23.78 -16.25
N GLY C 347 -7.58 -24.37 -16.51
CA GLY C 347 -8.53 -24.60 -15.44
C GLY C 347 -8.10 -25.64 -14.43
N TRP C 348 -6.97 -26.32 -14.69
CA TRP C 348 -6.41 -27.35 -13.83
C TRP C 348 -5.18 -26.80 -13.13
N ILE C 349 -4.91 -27.31 -11.93
CA ILE C 349 -3.71 -26.85 -11.22
C ILE C 349 -2.47 -27.17 -12.03
N THR C 350 -2.50 -28.25 -12.81
CA THR C 350 -1.39 -28.55 -13.71
C THR C 350 -1.16 -27.40 -14.69
N GLY C 351 -2.24 -26.81 -15.19
CA GLY C 351 -2.11 -25.64 -16.04
C GLY C 351 -1.63 -24.43 -15.27
N HIS C 352 -2.16 -24.21 -14.07
CA HIS C 352 -1.69 -23.12 -13.23
C HIS C 352 -0.18 -23.21 -13.01
N SER C 353 0.29 -24.39 -12.58
CA SER C 353 1.65 -24.53 -12.08
C SER C 353 2.68 -24.83 -13.16
N TYR C 354 2.30 -25.58 -14.21
CA TYR C 354 3.27 -26.06 -15.19
C TYR C 354 2.91 -25.68 -16.62
N ILE C 355 1.99 -24.74 -16.82
CA ILE C 355 1.85 -24.02 -18.07
C ILE C 355 2.26 -22.56 -17.91
N ILE C 356 1.80 -21.91 -16.84
CA ILE C 356 1.97 -20.48 -16.66
C ILE C 356 3.09 -20.21 -15.67
N TYR C 357 2.84 -20.47 -14.39
CA TYR C 357 3.72 -19.97 -13.33
C TYR C 357 5.08 -20.65 -13.37
N GLY C 358 5.12 -21.97 -13.34
CA GLY C 358 6.36 -22.69 -13.34
C GLY C 358 7.29 -22.28 -14.47
N PRO C 359 6.86 -22.52 -15.71
CA PRO C 359 7.75 -22.20 -16.85
C PRO C 359 8.10 -20.72 -16.96
N LEU C 360 7.11 -19.84 -16.88
CA LEU C 360 7.40 -18.42 -17.08
C LEU C 360 8.27 -17.85 -15.98
N ALA C 361 8.14 -18.36 -14.75
CA ALA C 361 9.05 -17.95 -13.69
C ALA C 361 10.49 -18.26 -14.07
N ASN C 362 10.73 -19.47 -14.56
CA ASN C 362 12.07 -19.90 -14.96
C ASN C 362 12.54 -19.23 -16.26
N GLY C 363 11.67 -18.49 -16.94
CA GLY C 363 12.09 -17.75 -18.11
C GLY C 363 12.30 -18.59 -19.35
N ILE C 364 11.48 -19.61 -19.56
CA ILE C 364 11.60 -20.46 -20.74
C ILE C 364 10.38 -20.28 -21.62
N THR C 365 10.28 -21.08 -22.68
CA THR C 365 9.11 -21.10 -23.53
C THR C 365 8.14 -22.17 -23.05
N THR C 366 6.85 -21.84 -23.03
CA THR C 366 5.81 -22.76 -22.63
C THR C 366 4.76 -22.84 -23.72
N ALA C 367 3.99 -23.93 -23.71
CA ALA C 367 3.00 -24.20 -24.73
C ALA C 367 1.60 -24.02 -24.18
N VAL C 368 0.75 -23.38 -24.97
CA VAL C 368 -0.68 -23.24 -24.69
C VAL C 368 -1.40 -24.02 -25.79
N PHE C 369 -1.88 -25.22 -25.45
CA PHE C 369 -2.49 -26.13 -26.40
C PHE C 369 -4.00 -25.96 -26.35
N GLU C 370 -4.57 -25.49 -27.46
CA GLU C 370 -5.98 -25.12 -27.50
C GLU C 370 -6.90 -26.25 -27.94
N SER C 371 -6.37 -27.30 -28.56
CA SER C 371 -7.17 -28.34 -29.17
C SER C 371 -7.17 -29.61 -28.33
N THR C 372 -7.75 -30.67 -28.87
CA THR C 372 -7.72 -31.98 -28.24
C THR C 372 -6.57 -32.80 -28.80
N PRO C 373 -6.21 -33.91 -28.13
CA PRO C 373 -5.14 -34.77 -28.66
C PRO C 373 -5.53 -35.52 -29.92
N VAL C 374 -6.77 -35.41 -30.40
CA VAL C 374 -7.24 -36.20 -31.52
C VAL C 374 -7.78 -35.34 -32.65
N TYR C 375 -7.51 -34.03 -32.64
CA TYR C 375 -7.93 -33.14 -33.70
C TYR C 375 -6.71 -32.48 -34.33
N PRO C 376 -6.57 -32.51 -35.67
CA PRO C 376 -7.44 -33.14 -36.66
C PRO C 376 -7.43 -34.66 -36.57
N THR C 377 -6.29 -35.25 -36.22
CA THR C 377 -6.12 -36.69 -36.11
C THR C 377 -5.44 -37.03 -34.81
N PRO C 378 -5.43 -38.31 -34.42
CA PRO C 378 -4.72 -38.70 -33.19
C PRO C 378 -3.21 -38.52 -33.26
N SER C 379 -2.67 -37.99 -34.35
CA SER C 379 -1.26 -37.62 -34.45
C SER C 379 -1.00 -36.20 -33.99
N ARG C 380 -2.03 -35.48 -33.54
CA ARG C 380 -1.86 -34.05 -33.25
C ARG C 380 -0.75 -33.81 -32.24
N TYR C 381 -0.75 -34.56 -31.14
CA TYR C 381 0.32 -34.42 -30.15
C TYR C 381 1.69 -34.48 -30.82
N TRP C 382 1.90 -35.47 -31.68
CA TRP C 382 3.22 -35.72 -32.23
C TRP C 382 3.53 -34.80 -33.39
N ASP C 383 2.52 -34.40 -34.15
CA ASP C 383 2.71 -33.32 -35.11
C ASP C 383 3.21 -32.06 -34.42
N PHE C 384 2.62 -31.74 -33.26
CA PHE C 384 3.02 -30.56 -32.50
C PHE C 384 4.47 -30.67 -32.04
N VAL C 385 4.87 -31.82 -31.51
CA VAL C 385 6.21 -31.95 -30.94
C VAL C 385 7.28 -31.71 -31.98
N ASP C 386 7.11 -32.29 -33.18
CA ASP C 386 8.12 -32.14 -34.22
C ASP C 386 8.07 -30.76 -34.89
N LYS C 387 6.95 -30.06 -34.80
CA LYS C 387 6.88 -28.74 -35.42
C LYS C 387 7.67 -27.71 -34.62
N TRP C 388 7.50 -27.68 -33.31
CA TRP C 388 8.20 -26.74 -32.45
C TRP C 388 9.45 -27.33 -31.79
N LYS C 389 9.71 -28.63 -31.98
CA LYS C 389 10.83 -29.29 -31.33
C LYS C 389 10.73 -29.15 -29.81
N ALA C 390 9.61 -29.64 -29.27
CA ALA C 390 9.40 -29.60 -27.84
C ALA C 390 10.45 -30.45 -27.12
N THR C 391 10.97 -29.92 -26.02
CA THR C 391 11.99 -30.61 -25.23
C THR C 391 11.41 -31.41 -24.06
N GLN C 392 10.19 -31.09 -23.64
CA GLN C 392 9.46 -31.88 -22.66
C GLN C 392 7.99 -31.93 -23.05
N LEU C 393 7.33 -33.02 -22.68
CA LEU C 393 5.89 -33.16 -22.88
C LEU C 393 5.27 -33.62 -21.57
N TYR C 394 4.16 -32.98 -21.19
CA TYR C 394 3.50 -33.21 -19.91
C TYR C 394 2.01 -33.36 -20.21
N THR C 395 1.44 -34.49 -19.82
CA THR C 395 0.03 -34.75 -20.11
C THR C 395 -0.48 -35.76 -19.08
N ALA C 396 -1.75 -36.16 -19.26
CA ALA C 396 -2.46 -36.98 -18.30
C ALA C 396 -2.59 -38.42 -18.78
N PRO C 397 -2.75 -39.37 -17.85
CA PRO C 397 -2.96 -40.76 -18.28
C PRO C 397 -4.19 -40.91 -19.16
N THR C 398 -5.24 -40.10 -18.93
CA THR C 398 -6.43 -40.20 -19.75
C THR C 398 -6.11 -39.87 -21.21
N ALA C 399 -5.19 -38.95 -21.44
CA ALA C 399 -4.76 -38.66 -22.80
C ALA C 399 -3.90 -39.79 -23.36
N ILE C 400 -3.03 -40.36 -22.53
CA ILE C 400 -2.15 -41.43 -22.99
C ILE C 400 -2.98 -42.65 -23.38
N ARG C 401 -3.94 -43.03 -22.55
CA ARG C 401 -4.78 -44.19 -22.87
C ARG C 401 -5.60 -43.93 -24.13
N LEU C 402 -6.08 -42.71 -24.32
CA LEU C 402 -6.86 -42.41 -25.51
C LEU C 402 -6.05 -42.63 -26.79
N LEU C 403 -4.80 -42.12 -26.81
CA LEU C 403 -3.97 -42.29 -28.00
C LEU C 403 -3.50 -43.73 -28.17
N ARG C 404 -3.28 -44.44 -27.07
CA ARG C 404 -2.87 -45.85 -27.18
C ARG C 404 -3.91 -46.66 -27.95
N ARG C 405 -5.19 -46.35 -27.77
CA ARG C 405 -6.27 -47.10 -28.40
C ARG C 405 -6.64 -46.57 -29.78
N MET C 406 -5.90 -45.59 -30.31
CA MET C 406 -6.20 -44.98 -31.60
C MET C 406 -5.35 -45.53 -32.74
N GLY C 407 -4.27 -46.24 -32.43
CA GLY C 407 -3.40 -46.78 -33.46
C GLY C 407 -2.02 -46.16 -33.43
N GLU C 408 -0.99 -47.00 -33.50
CA GLU C 408 0.39 -46.53 -33.40
C GLU C 408 0.91 -45.94 -34.71
N ASP C 409 0.14 -46.01 -35.79
CA ASP C 409 0.55 -45.37 -37.04
C ASP C 409 0.67 -43.86 -36.87
N HIS C 410 -0.15 -43.27 -36.00
CA HIS C 410 -0.14 -41.82 -35.81
C HIS C 410 1.07 -41.33 -35.02
N VAL C 411 1.89 -42.23 -34.50
CA VAL C 411 3.02 -41.82 -33.66
C VAL C 411 4.31 -42.47 -34.16
N LYS C 412 4.19 -43.64 -34.77
CA LYS C 412 5.38 -44.42 -35.10
C LYS C 412 6.31 -43.65 -36.04
N ASN C 413 5.74 -42.98 -37.05
CA ASN C 413 6.52 -42.35 -38.11
C ASN C 413 6.81 -40.88 -37.86
N HIS C 414 7.03 -40.50 -36.59
CA HIS C 414 7.43 -39.16 -36.23
C HIS C 414 8.86 -39.18 -35.68
N ASP C 415 9.49 -38.01 -35.69
CA ASP C 415 10.87 -37.90 -35.19
C ASP C 415 10.89 -37.90 -33.66
N LEU C 416 10.35 -36.86 -33.05
CA LEU C 416 10.19 -36.76 -31.60
C LEU C 416 11.51 -36.86 -30.87
N SER C 417 12.63 -36.55 -31.52
CA SER C 417 13.93 -36.65 -30.88
C SER C 417 14.27 -35.42 -30.04
N SER C 418 13.54 -34.31 -30.19
CA SER C 418 13.79 -33.14 -29.36
C SER C 418 13.44 -33.41 -27.90
N LEU C 419 12.51 -34.32 -27.65
CA LEU C 419 12.06 -34.62 -26.30
C LEU C 419 13.15 -35.27 -25.47
N ARG C 420 13.16 -34.96 -24.17
CA ARG C 420 14.02 -35.62 -23.20
C ARG C 420 13.26 -36.18 -22.01
N VAL C 421 12.08 -35.66 -21.70
CA VAL C 421 11.32 -36.05 -20.52
C VAL C 421 9.84 -36.06 -20.87
N LEU C 422 9.15 -37.12 -20.49
CA LEU C 422 7.72 -37.25 -20.66
C LEU C 422 7.09 -37.37 -19.28
N GLY C 423 6.03 -36.62 -19.03
CA GLY C 423 5.40 -36.55 -17.73
C GLY C 423 3.96 -37.04 -17.77
N SER C 424 3.52 -37.63 -16.67
CA SER C 424 2.15 -38.07 -16.49
C SER C 424 1.63 -37.48 -15.19
N VAL C 425 0.39 -37.00 -15.21
CA VAL C 425 -0.19 -36.31 -14.06
C VAL C 425 -1.70 -36.45 -14.11
N GLY C 426 -2.31 -36.59 -12.92
CA GLY C 426 -3.75 -36.61 -12.76
C GLY C 426 -4.26 -37.87 -12.10
N GLU C 427 -3.60 -39.00 -12.33
CA GLU C 427 -4.03 -40.29 -11.82
C GLU C 427 -2.85 -41.26 -11.92
N PRO C 428 -2.92 -42.39 -11.24
CA PRO C 428 -1.88 -43.42 -11.43
C PRO C 428 -1.78 -43.80 -12.90
N ILE C 429 -0.55 -44.02 -13.36
CA ILE C 429 -0.30 -44.38 -14.75
C ILE C 429 -0.16 -45.90 -14.84
N ASN C 430 -1.04 -46.51 -15.64
CA ASN C 430 -1.00 -47.96 -15.80
C ASN C 430 0.30 -48.36 -16.49
N PRO C 431 0.97 -49.42 -16.01
CA PRO C 431 2.16 -49.91 -16.72
C PRO C 431 1.94 -50.12 -18.21
N GLU C 432 0.74 -50.49 -18.63
CA GLU C 432 0.46 -50.64 -20.06
C GLU C 432 0.58 -49.30 -20.77
N ALA C 433 -0.09 -48.26 -20.25
CA ALA C 433 0.04 -46.93 -20.83
C ALA C 433 1.45 -46.39 -20.66
N TRP C 434 2.06 -46.65 -19.50
CA TRP C 434 3.43 -46.20 -19.25
C TRP C 434 4.37 -46.69 -20.34
N HIS C 435 4.26 -47.97 -20.71
CA HIS C 435 5.14 -48.51 -21.75
C HIS C 435 4.81 -47.90 -23.11
N TRP C 436 3.51 -47.83 -23.46
CA TRP C 436 3.13 -47.17 -24.70
C TRP C 436 3.71 -45.76 -24.76
N TYR C 437 3.69 -45.06 -23.62
CA TYR C 437 4.30 -43.75 -23.54
C TYR C 437 5.80 -43.82 -23.83
N ASN C 438 6.51 -44.70 -23.13
CA ASN C 438 7.95 -44.82 -23.31
C ASN C 438 8.29 -45.41 -24.68
N ASP C 439 7.49 -46.38 -25.14
CA ASP C 439 7.85 -47.13 -26.34
C ASP C 439 7.72 -46.26 -27.60
N PHE C 440 6.58 -45.60 -27.78
CA PHE C 440 6.28 -44.91 -29.04
C PHE C 440 6.55 -43.41 -28.95
N ALA C 441 5.94 -42.73 -27.98
CA ALA C 441 6.14 -41.29 -27.84
C ALA C 441 7.60 -40.97 -27.52
N GLY C 442 8.22 -41.76 -26.66
CA GLY C 442 9.57 -41.49 -26.23
C GLY C 442 10.62 -42.27 -27.01
N LYS C 443 10.18 -43.32 -27.72
CA LYS C 443 11.08 -44.19 -28.46
C LYS C 443 12.20 -44.71 -27.56
N ASN C 444 11.85 -44.98 -26.31
CA ASN C 444 12.78 -45.55 -25.34
C ASN C 444 14.05 -44.71 -25.21
N GLN C 445 13.89 -43.39 -25.33
CA GLN C 445 15.00 -42.46 -25.14
C GLN C 445 14.63 -41.27 -24.27
N CYS C 446 13.46 -41.28 -23.64
CA CYS C 446 13.02 -40.23 -22.74
C CYS C 446 12.83 -40.80 -21.33
N ALA C 447 13.14 -39.99 -20.33
CA ALA C 447 12.86 -40.35 -18.95
C ALA C 447 11.39 -40.07 -18.65
N ILE C 448 10.73 -41.02 -18.00
CA ILE C 448 9.31 -40.91 -17.67
C ILE C 448 9.19 -40.48 -16.22
N VAL C 449 8.51 -39.36 -16.00
CA VAL C 449 8.33 -38.79 -14.66
C VAL C 449 6.85 -38.90 -14.31
N ASP C 450 6.51 -39.87 -13.47
CA ASP C 450 5.17 -40.01 -12.92
C ASP C 450 5.04 -39.04 -11.77
N THR C 451 4.43 -37.87 -12.02
CA THR C 451 4.39 -36.78 -11.05
C THR C 451 3.12 -36.88 -10.22
N TYR C 452 3.27 -37.15 -8.92
CA TYR C 452 2.14 -37.17 -8.01
C TYR C 452 2.07 -35.88 -7.20
N TRP C 453 0.89 -35.30 -7.12
CA TRP C 453 0.63 -34.13 -6.30
C TRP C 453 -0.87 -33.85 -6.37
N MET C 454 -1.29 -32.75 -5.76
CA MET C 454 -2.69 -32.35 -5.77
C MET C 454 -2.78 -30.84 -5.91
N THR C 455 -3.99 -30.38 -6.22
CA THR C 455 -4.27 -28.95 -6.21
C THR C 455 -3.91 -28.34 -4.85
N GLU C 456 -4.07 -29.09 -3.77
CA GLU C 456 -3.79 -28.60 -2.43
C GLU C 456 -2.31 -28.58 -2.10
N THR C 457 -1.45 -29.26 -2.88
CA THR C 457 -0.02 -29.22 -2.65
C THR C 457 0.67 -28.11 -3.43
N GLY C 458 0.03 -27.58 -4.45
CA GLY C 458 0.62 -26.51 -5.26
C GLY C 458 1.61 -26.95 -6.32
N SER C 459 2.60 -27.75 -5.94
CA SER C 459 3.63 -28.21 -6.85
C SER C 459 3.82 -29.72 -6.68
N ILE C 460 4.61 -30.30 -7.58
CA ILE C 460 4.81 -31.75 -7.59
C ILE C 460 5.39 -32.20 -6.26
N SER C 461 4.80 -33.26 -5.70
CA SER C 461 5.18 -33.78 -4.39
C SER C 461 6.10 -34.98 -4.49
N ILE C 462 5.77 -35.94 -5.36
CA ILE C 462 6.53 -37.16 -5.55
C ILE C 462 6.73 -37.37 -7.03
N ALA C 463 7.98 -37.44 -7.46
CA ALA C 463 8.32 -37.68 -8.86
C ALA C 463 9.79 -38.06 -8.98
N PRO C 464 10.16 -38.85 -9.97
CA PRO C 464 11.59 -39.17 -10.16
C PRO C 464 12.32 -38.00 -10.79
N LEU C 465 13.49 -37.71 -10.26
CA LEU C 465 14.36 -36.71 -10.89
C LEU C 465 14.97 -37.36 -12.13
N PRO C 466 14.70 -36.85 -13.33
CA PRO C 466 14.95 -37.66 -14.54
C PRO C 466 16.40 -38.06 -14.74
N GLY C 467 17.35 -37.23 -14.34
CA GLY C 467 18.74 -37.54 -14.54
C GLY C 467 19.41 -38.31 -13.41
N ALA C 468 18.63 -38.77 -12.42
CA ALA C 468 19.21 -39.40 -11.25
C ALA C 468 18.47 -40.68 -10.84
N ILE C 469 17.19 -40.77 -11.16
CA ILE C 469 16.32 -41.83 -10.67
C ILE C 469 15.99 -42.78 -11.80
N SER C 470 16.11 -44.09 -11.54
CA SER C 470 15.65 -45.13 -12.46
C SER C 470 14.20 -45.47 -12.13
N THR C 471 13.34 -45.39 -13.14
CA THR C 471 11.90 -45.42 -12.93
C THR C 471 11.33 -46.84 -12.98
N LYS C 472 10.10 -46.97 -12.48
CA LYS C 472 9.30 -48.18 -12.60
C LYS C 472 7.94 -47.80 -13.16
N PRO C 473 7.35 -48.61 -14.05
CA PRO C 473 6.04 -48.25 -14.60
C PRO C 473 4.95 -48.14 -13.55
N GLY C 474 4.44 -46.94 -13.35
CA GLY C 474 3.34 -46.70 -12.42
C GLY C 474 3.75 -46.21 -11.06
N SER C 475 5.04 -46.01 -10.80
CA SER C 475 5.54 -45.57 -9.51
C SER C 475 5.95 -44.11 -9.59
N ALA C 476 5.45 -43.31 -8.65
CA ALA C 476 5.94 -41.95 -8.50
C ALA C 476 7.35 -41.88 -7.94
N THR C 477 7.88 -43.02 -7.46
CA THR C 477 9.25 -43.12 -6.98
C THR C 477 9.45 -42.38 -5.68
N PHE C 478 10.11 -41.22 -5.73
CA PHE C 478 10.59 -40.59 -4.51
C PHE C 478 10.07 -39.16 -4.38
N PRO C 479 9.89 -38.68 -3.15
CA PRO C 479 9.29 -37.35 -2.96
C PRO C 479 10.23 -36.23 -3.36
N PHE C 480 9.64 -35.09 -3.69
CA PHE C 480 10.42 -33.95 -4.12
C PHE C 480 11.03 -33.25 -2.89
N PHE C 481 11.98 -32.36 -3.17
CA PHE C 481 12.59 -31.56 -2.12
C PHE C 481 11.53 -30.90 -1.24
N GLY C 482 11.77 -30.93 0.07
CA GLY C 482 10.87 -30.35 1.03
C GLY C 482 9.66 -31.21 1.37
N MET C 483 9.50 -32.37 0.73
CA MET C 483 8.37 -33.25 0.96
C MET C 483 8.85 -34.45 1.78
N ASP C 484 8.49 -34.48 3.06
CA ASP C 484 8.77 -35.61 3.94
C ASP C 484 7.45 -36.34 4.19
N VAL C 485 7.18 -37.34 3.37
CA VAL C 485 5.92 -38.06 3.43
C VAL C 485 6.15 -39.40 4.12
N ASP C 486 5.06 -39.97 4.64
CA ASP C 486 5.13 -41.23 5.36
C ASP C 486 3.86 -42.02 5.09
N ILE C 487 3.83 -43.25 5.59
CA ILE C 487 2.70 -44.15 5.48
C ILE C 487 2.11 -44.38 6.87
N ILE C 488 0.79 -44.27 6.98
CA ILE C 488 0.08 -44.46 8.24
C ILE C 488 -0.91 -45.60 8.05
N ASP C 489 -1.05 -46.44 9.07
CA ASP C 489 -2.11 -47.43 9.07
C ASP C 489 -3.44 -46.72 9.24
N PRO C 490 -4.37 -46.83 8.29
CA PRO C 490 -5.60 -46.02 8.37
C PRO C 490 -6.43 -46.29 9.61
N GLN C 491 -6.23 -47.44 10.27
CA GLN C 491 -7.00 -47.76 11.48
C GLN C 491 -6.29 -47.25 12.74
N THR C 492 -5.04 -47.70 12.95
CA THR C 492 -4.33 -47.32 14.17
C THR C 492 -4.01 -45.83 14.19
N GLY C 493 -3.67 -45.27 13.02
CA GLY C 493 -3.22 -43.90 12.94
C GLY C 493 -1.75 -43.72 13.24
N GLN C 494 -0.99 -44.80 13.31
CA GLN C 494 0.43 -44.78 13.62
C GLN C 494 1.24 -44.96 12.33
N VAL C 495 2.48 -44.48 12.38
CA VAL C 495 3.35 -44.49 11.20
C VAL C 495 3.88 -45.90 10.98
N LEU C 496 3.75 -46.38 9.75
CA LEU C 496 4.34 -47.67 9.34
C LEU C 496 5.76 -47.39 8.86
N GLU C 497 6.72 -47.49 9.79
CA GLU C 497 8.10 -47.23 9.45
C GLU C 497 8.68 -48.41 8.65
N GLY C 498 9.72 -48.10 7.87
CA GLY C 498 10.36 -49.11 7.05
C GLY C 498 9.77 -49.16 5.65
N ASN C 499 10.14 -50.23 4.94
CA ASN C 499 9.71 -50.47 3.58
C ASN C 499 8.71 -51.61 3.53
N ASP C 500 8.19 -51.88 2.33
CA ASP C 500 7.19 -52.91 2.12
C ASP C 500 5.96 -52.66 2.99
N VAL C 501 5.55 -51.40 3.06
CA VAL C 501 4.40 -50.99 3.86
C VAL C 501 3.36 -50.38 2.93
N GLU C 502 2.10 -50.56 3.30
CA GLU C 502 0.97 -50.05 2.52
C GLU C 502 -0.06 -49.44 3.45
N GLY C 503 -0.60 -48.30 3.04
CA GLY C 503 -1.57 -47.58 3.84
C GLY C 503 -2.00 -46.29 3.18
N VAL C 504 -2.13 -45.22 3.97
CA VAL C 504 -2.55 -43.91 3.47
C VAL C 504 -1.36 -42.97 3.54
N LEU C 505 -1.23 -42.10 2.54
CA LEU C 505 -0.11 -41.18 2.44
C LEU C 505 -0.37 -39.92 3.26
N VAL C 506 0.66 -39.47 3.98
CA VAL C 506 0.60 -38.25 4.76
C VAL C 506 1.95 -37.53 4.66
N ALA C 507 1.93 -36.24 4.98
CA ALA C 507 3.12 -35.40 5.05
C ALA C 507 3.32 -34.94 6.47
N ARG C 508 4.59 -34.92 6.91
CA ARG C 508 4.90 -34.60 8.30
C ARG C 508 5.08 -33.11 8.55
N ARG C 509 5.67 -32.39 7.58
CA ARG C 509 5.98 -30.99 7.76
C ARG C 509 5.44 -30.19 6.57
N PRO C 510 5.07 -28.92 6.80
CA PRO C 510 4.62 -28.09 5.69
C PRO C 510 5.73 -27.90 4.65
N TRP C 511 5.31 -27.64 3.42
CA TRP C 511 6.21 -27.30 2.34
C TRP C 511 5.77 -25.98 1.73
N PRO C 512 6.70 -25.23 1.11
CA PRO C 512 6.38 -23.87 0.68
C PRO C 512 5.06 -23.72 -0.08
N SER C 513 4.81 -24.57 -1.07
CA SER C 513 3.68 -24.39 -1.96
C SER C 513 2.38 -24.98 -1.42
N ILE C 514 2.34 -25.41 -0.16
CA ILE C 514 1.13 -25.99 0.38
C ILE C 514 0.00 -24.97 0.38
N ALA C 515 -1.21 -25.42 0.06
CA ALA C 515 -2.36 -24.53 0.08
C ALA C 515 -2.55 -23.97 1.49
N ARG C 516 -2.99 -22.72 1.56
CA ARG C 516 -3.08 -22.03 2.83
C ARG C 516 -4.46 -22.14 3.47
N THR C 517 -5.51 -22.31 2.68
CA THR C 517 -6.86 -22.39 3.22
C THR C 517 -7.81 -22.80 2.10
N VAL C 518 -9.08 -22.92 2.46
CA VAL C 518 -10.19 -23.00 1.52
C VAL C 518 -10.98 -21.70 1.65
N TYR C 519 -11.28 -21.08 0.50
CA TYR C 519 -11.79 -19.71 0.51
C TYR C 519 -13.02 -19.57 1.40
N ARG C 520 -12.87 -18.84 2.51
CA ARG C 520 -13.94 -18.58 3.47
C ARG C 520 -14.47 -19.87 4.10
N ASP C 521 -13.67 -20.93 4.09
CA ASP C 521 -14.04 -22.19 4.73
C ASP C 521 -12.80 -22.85 5.32
N HIS C 522 -12.08 -22.10 6.16
CA HIS C 522 -10.91 -22.65 6.81
C HIS C 522 -11.27 -23.83 7.70
N LYS C 523 -12.53 -23.91 8.13
CA LYS C 523 -12.99 -25.08 8.87
C LYS C 523 -12.93 -26.33 8.01
N ARG C 524 -13.45 -26.25 6.78
CA ARG C 524 -13.38 -27.39 5.87
C ARG C 524 -11.94 -27.74 5.53
N TYR C 525 -11.08 -26.72 5.44
CA TYR C 525 -9.67 -26.94 5.14
C TYR C 525 -9.00 -27.77 6.22
N LEU C 526 -9.28 -27.47 7.49
CA LEU C 526 -8.63 -28.21 8.57
C LEU C 526 -9.23 -29.61 8.71
N GLU C 527 -10.54 -29.74 8.52
CA GLU C 527 -11.19 -31.03 8.71
C GLU C 527 -10.83 -32.02 7.62
N THR C 528 -10.49 -31.54 6.42
CA THR C 528 -10.23 -32.43 5.30
C THR C 528 -8.80 -32.94 5.27
N TYR C 529 -7.82 -32.11 5.67
CA TYR C 529 -6.41 -32.44 5.50
C TYR C 529 -5.62 -32.47 6.80
N MET C 530 -6.10 -31.85 7.87
CA MET C 530 -5.32 -31.69 9.09
C MET C 530 -5.88 -32.45 10.29
N LYS C 531 -7.20 -32.67 10.34
CA LYS C 531 -7.86 -33.33 11.45
C LYS C 531 -7.77 -34.86 11.39
N PRO C 532 -7.98 -35.48 10.23
CA PRO C 532 -8.09 -36.95 10.21
C PRO C 532 -6.92 -37.66 10.85
N TYR C 533 -5.69 -37.18 10.62
CA TYR C 533 -4.49 -37.71 11.25
C TYR C 533 -3.75 -36.51 11.83
N PRO C 534 -4.09 -36.11 13.05
CA PRO C 534 -3.51 -34.87 13.60
C PRO C 534 -1.99 -34.95 13.69
N GLY C 535 -1.35 -33.85 13.33
CA GLY C 535 0.09 -33.81 13.19
C GLY C 535 0.59 -34.07 11.80
N TYR C 536 -0.29 -34.36 10.85
CA TYR C 536 0.10 -34.69 9.49
C TYR C 536 -0.86 -34.02 8.51
N PHE C 537 -0.44 -33.96 7.26
CA PHE C 537 -1.31 -33.58 6.14
C PHE C 537 -1.84 -34.85 5.50
N PHE C 538 -3.15 -34.91 5.31
CA PHE C 538 -3.82 -36.12 4.81
C PHE C 538 -4.14 -35.93 3.33
N PHE C 539 -3.34 -36.57 2.47
CA PHE C 539 -3.55 -36.44 1.03
C PHE C 539 -4.90 -37.03 0.60
N GLY C 540 -5.36 -38.07 1.27
CA GLY C 540 -6.55 -38.78 0.84
C GLY C 540 -6.30 -39.89 -0.14
N ASP C 541 -5.05 -40.34 -0.28
CA ASP C 541 -4.67 -41.37 -1.23
C ASP C 541 -4.12 -42.58 -0.51
N GLY C 542 -4.52 -43.76 -0.96
CA GLY C 542 -3.83 -44.97 -0.56
C GLY C 542 -2.45 -45.01 -1.20
N ALA C 543 -1.46 -45.42 -0.41
CA ALA C 543 -0.08 -45.44 -0.87
C ALA C 543 0.64 -46.65 -0.31
N ALA C 544 1.74 -47.01 -0.96
CA ALA C 544 2.56 -48.14 -0.54
C ALA C 544 4.01 -47.84 -0.88
N ARG C 545 4.91 -48.21 0.04
CA ARG C 545 6.35 -48.05 -0.15
C ARG C 545 6.99 -49.43 -0.21
N ASP C 546 7.39 -49.85 -1.40
CA ASP C 546 7.90 -51.20 -1.59
C ASP C 546 9.31 -51.32 -0.99
N TYR C 547 9.91 -52.50 -1.17
CA TYR C 547 11.17 -52.79 -0.52
C TYR C 547 12.32 -51.93 -1.04
N ASP C 548 12.15 -51.29 -2.20
CA ASP C 548 13.17 -50.43 -2.77
C ASP C 548 13.05 -48.98 -2.30
N GLY C 549 12.06 -48.68 -1.47
CA GLY C 549 11.80 -47.30 -1.06
C GLY C 549 10.92 -46.54 -2.02
N TYR C 550 10.61 -47.10 -3.19
CA TYR C 550 9.75 -46.44 -4.15
C TYR C 550 8.34 -46.30 -3.58
N MET C 551 7.71 -45.17 -3.89
CA MET C 551 6.35 -44.88 -3.44
CA MET C 551 6.34 -44.90 -3.44
C MET C 551 5.37 -45.21 -4.56
N TRP C 552 4.28 -45.90 -4.22
CA TRP C 552 3.25 -46.29 -5.17
C TRP C 552 1.92 -45.69 -4.71
N ILE C 553 1.38 -44.78 -5.52
CA ILE C 553 0.09 -44.16 -5.23
C ILE C 553 -0.99 -44.94 -5.98
N LYS C 554 -1.79 -45.71 -5.24
CA LYS C 554 -2.68 -46.70 -5.83
C LYS C 554 -4.13 -46.24 -5.94
N GLY C 555 -4.43 -44.99 -5.60
CA GLY C 555 -5.76 -44.42 -5.79
C GLY C 555 -6.25 -43.72 -4.55
N ARG C 556 -7.46 -43.17 -4.68
CA ARG C 556 -8.08 -42.44 -3.57
C ARG C 556 -8.48 -43.42 -2.47
N VAL C 557 -8.41 -42.94 -1.23
CA VAL C 557 -8.84 -43.77 -0.09
C VAL C 557 -10.33 -44.05 -0.20
N ASP C 558 -11.12 -43.07 -0.65
CA ASP C 558 -12.55 -43.28 -0.80
C ASP C 558 -12.86 -44.39 -1.78
N ASP C 559 -11.96 -44.63 -2.75
CA ASP C 559 -12.18 -45.66 -3.75
C ASP C 559 -11.76 -47.05 -3.29
N VAL C 560 -11.10 -47.16 -2.14
CA VAL C 560 -10.58 -48.45 -1.70
C VAL C 560 -11.74 -49.39 -1.41
N ILE C 561 -11.53 -50.67 -1.72
CA ILE C 561 -12.53 -51.71 -1.53
C ILE C 561 -11.96 -52.73 -0.56
N ASN C 562 -12.71 -53.01 0.50
CA ASN C 562 -12.25 -53.90 1.56
C ASN C 562 -13.01 -55.21 1.42
N VAL C 563 -12.43 -56.15 0.68
CA VAL C 563 -13.04 -57.46 0.45
C VAL C 563 -12.51 -58.41 1.51
N SER C 564 -13.37 -58.78 2.45
CA SER C 564 -13.02 -59.74 3.49
C SER C 564 -11.73 -59.33 4.19
N GLY C 565 -11.66 -58.06 4.57
CA GLY C 565 -10.47 -57.55 5.25
C GLY C 565 -9.24 -57.48 4.38
N HIS C 566 -9.40 -57.22 3.10
CA HIS C 566 -8.29 -57.06 2.16
C HIS C 566 -8.43 -55.72 1.46
N ARG C 567 -7.42 -54.87 1.59
CA ARG C 567 -7.49 -53.52 1.04
C ARG C 567 -7.20 -53.59 -0.46
N LEU C 568 -8.23 -53.38 -1.27
CA LEU C 568 -8.09 -53.36 -2.72
C LEU C 568 -8.08 -51.91 -3.19
N SER C 569 -7.02 -51.52 -3.88
CA SER C 569 -6.90 -50.20 -4.48
C SER C 569 -7.29 -50.28 -5.95
N THR C 570 -7.94 -49.23 -6.45
CA THR C 570 -8.48 -49.27 -7.80
C THR C 570 -7.40 -49.34 -8.86
N ALA C 571 -6.17 -48.95 -8.53
CA ALA C 571 -5.10 -48.96 -9.53
C ALA C 571 -4.73 -50.39 -9.93
N GLU C 572 -4.46 -51.25 -8.94
CA GLU C 572 -4.04 -52.61 -9.26
C GLU C 572 -5.15 -53.42 -9.91
N VAL C 573 -6.41 -53.13 -9.57
CA VAL C 573 -7.52 -53.86 -10.18
C VAL C 573 -7.73 -53.41 -11.61
N GLU C 574 -7.77 -52.09 -11.83
CA GLU C 574 -7.96 -51.57 -13.18
C GLU C 574 -6.75 -51.84 -14.06
N SER C 575 -5.54 -51.82 -13.48
CA SER C 575 -4.36 -52.20 -14.23
C SER C 575 -4.44 -53.65 -14.68
N ALA C 576 -5.00 -54.52 -13.84
CA ALA C 576 -5.20 -55.91 -14.23
C ALA C 576 -6.18 -56.02 -15.38
N LEU C 577 -7.28 -55.27 -15.32
CA LEU C 577 -8.28 -55.34 -16.39
C LEU C 577 -7.69 -54.85 -17.71
N ILE C 578 -6.90 -53.77 -17.65
CA ILE C 578 -6.32 -53.24 -18.88
C ILE C 578 -5.28 -54.19 -19.47
N LEU C 579 -4.75 -55.12 -18.66
CA LEU C 579 -3.81 -56.11 -19.20
C LEU C 579 -4.48 -57.08 -20.15
N HIS C 580 -5.81 -57.22 -20.09
CA HIS C 580 -6.52 -58.06 -21.04
C HIS C 580 -6.69 -57.30 -22.34
N LYS C 581 -6.40 -57.97 -23.45
CA LYS C 581 -6.44 -57.31 -24.75
C LYS C 581 -7.85 -56.83 -25.06
N GLY C 582 -7.94 -55.70 -25.77
CA GLY C 582 -9.20 -55.10 -26.13
C GLY C 582 -9.72 -54.07 -25.15
N VAL C 583 -9.21 -54.08 -23.92
CA VAL C 583 -9.69 -53.14 -22.90
C VAL C 583 -9.05 -51.78 -23.17
N ALA C 584 -9.88 -50.74 -23.18
CA ALA C 584 -9.41 -49.37 -23.34
C ALA C 584 -9.33 -48.63 -22.02
N GLU C 585 -10.31 -48.80 -21.15
CA GLU C 585 -10.33 -48.12 -19.86
C GLU C 585 -11.27 -48.87 -18.94
N THR C 586 -10.96 -48.87 -17.65
CA THR C 586 -11.78 -49.54 -16.65
C THR C 586 -11.91 -48.67 -15.41
N ALA C 587 -12.86 -49.04 -14.57
CA ALA C 587 -13.09 -48.36 -13.30
C ALA C 587 -13.83 -49.32 -12.38
N VAL C 588 -13.23 -49.64 -11.24
CA VAL C 588 -13.78 -50.60 -10.30
C VAL C 588 -14.25 -49.85 -9.06
N VAL C 589 -15.44 -50.20 -8.58
CA VAL C 589 -16.05 -49.56 -7.42
C VAL C 589 -16.30 -50.62 -6.36
N GLY C 590 -16.74 -50.16 -5.19
CA GLY C 590 -17.00 -51.01 -4.06
C GLY C 590 -18.49 -51.21 -3.87
N CYS C 591 -18.86 -52.38 -3.36
CA CYS C 591 -20.25 -52.68 -3.08
C CYS C 591 -20.39 -53.42 -1.77
N ALA C 592 -21.43 -53.07 -1.02
CA ALA C 592 -21.72 -53.77 0.23
C ALA C 592 -22.17 -55.18 -0.10
N ASP C 593 -21.50 -56.18 0.46
CA ASP C 593 -21.88 -57.57 0.28
C ASP C 593 -22.13 -58.21 1.63
N ASP C 594 -23.12 -59.10 1.68
CA ASP C 594 -23.45 -59.77 2.93
C ASP C 594 -22.30 -60.68 3.37
N LEU C 595 -21.66 -61.37 2.43
CA LEU C 595 -20.68 -62.38 2.75
C LEU C 595 -19.26 -61.83 2.85
N THR C 596 -18.80 -61.11 1.83
CA THR C 596 -17.43 -60.61 1.78
C THR C 596 -17.29 -59.22 2.38
N GLY C 597 -18.35 -58.68 2.98
CA GLY C 597 -18.29 -57.33 3.52
C GLY C 597 -18.38 -56.30 2.42
N GLN C 598 -17.42 -56.32 1.50
CA GLN C 598 -17.43 -55.45 0.33
C GLN C 598 -17.05 -56.28 -0.90
N ALA C 599 -17.80 -56.09 -1.99
CA ALA C 599 -17.54 -56.79 -3.24
C ALA C 599 -17.12 -55.80 -4.33
N VAL C 600 -16.52 -56.35 -5.38
CA VAL C 600 -15.95 -55.56 -6.46
C VAL C 600 -16.88 -55.60 -7.67
N TYR C 601 -17.19 -54.42 -8.21
CA TYR C 601 -17.89 -54.27 -9.48
C TYR C 601 -17.00 -53.49 -10.43
N ALA C 602 -16.92 -53.96 -11.68
CA ALA C 602 -16.02 -53.38 -12.67
C ALA C 602 -16.82 -52.81 -13.83
N PHE C 603 -16.38 -51.65 -14.32
CA PHE C 603 -16.90 -51.04 -15.52
C PHE C 603 -15.77 -51.00 -16.54
N VAL C 604 -16.00 -51.63 -17.69
CA VAL C 604 -14.96 -51.84 -18.70
C VAL C 604 -15.40 -51.19 -19.99
N THR C 605 -14.51 -50.36 -20.56
CA THR C 605 -14.74 -49.68 -21.83
C THR C 605 -13.91 -50.35 -22.91
N MET C 606 -14.58 -51.04 -23.83
CA MET C 606 -13.91 -51.65 -24.96
C MET C 606 -13.81 -50.66 -26.11
N LYS C 607 -12.80 -50.83 -26.94
CA LYS C 607 -12.59 -49.94 -28.08
C LYS C 607 -13.82 -49.94 -28.98
N PRO C 608 -14.17 -48.81 -29.59
CA PRO C 608 -15.38 -48.79 -30.45
C PRO C 608 -15.30 -49.78 -31.59
N GLU C 609 -14.10 -50.09 -32.08
CA GLU C 609 -13.92 -51.06 -33.15
C GLU C 609 -13.62 -52.45 -32.60
N PHE C 610 -14.27 -52.81 -31.50
CA PHE C 610 -14.25 -54.16 -30.98
C PHE C 610 -15.56 -54.82 -31.39
N ASP C 611 -15.50 -56.08 -31.81
CA ASP C 611 -16.69 -56.78 -32.29
C ASP C 611 -17.35 -57.50 -31.12
N LEU C 612 -17.87 -56.69 -30.19
CA LEU C 612 -18.59 -57.23 -29.04
C LEU C 612 -19.80 -58.06 -29.46
N LYS C 613 -20.33 -57.83 -30.66
CA LYS C 613 -21.44 -58.66 -31.13
C LYS C 613 -21.00 -60.10 -31.34
N ALA C 614 -19.75 -60.32 -31.75
CA ALA C 614 -19.24 -61.67 -31.96
C ALA C 614 -18.90 -62.35 -30.65
N THR C 615 -18.20 -61.66 -29.76
CA THR C 615 -17.86 -62.18 -28.45
C THR C 615 -19.02 -62.00 -27.49
N LYS C 616 -19.51 -63.11 -26.92
CA LYS C 616 -20.64 -63.06 -26.01
C LYS C 616 -20.28 -62.29 -24.75
N GLU C 617 -21.25 -61.51 -24.25
CA GLU C 617 -21.00 -60.66 -23.09
C GLU C 617 -20.51 -61.48 -21.89
N ALA C 618 -21.17 -62.61 -21.61
CA ALA C 618 -20.78 -63.41 -20.46
C ALA C 618 -19.37 -63.99 -20.62
N ASP C 619 -18.98 -64.34 -21.85
CA ASP C 619 -17.63 -64.86 -22.07
C ASP C 619 -16.57 -63.82 -21.75
N LEU C 620 -16.80 -62.58 -22.17
CA LEU C 620 -15.83 -61.52 -21.91
C LEU C 620 -15.70 -61.25 -20.41
N SER C 621 -16.81 -61.28 -19.68
CA SER C 621 -16.77 -61.02 -18.25
C SER C 621 -15.93 -62.07 -17.51
N LYS C 622 -16.11 -63.34 -17.85
CA LYS C 622 -15.35 -64.39 -17.18
C LYS C 622 -13.85 -64.23 -17.44
N GLU C 623 -13.47 -63.90 -18.66
CA GLU C 623 -12.06 -63.72 -18.98
C GLU C 623 -11.45 -62.60 -18.14
N LEU C 624 -12.15 -61.48 -18.03
CA LEU C 624 -11.66 -60.38 -17.20
C LEU C 624 -11.61 -60.78 -15.73
N ALA C 625 -12.63 -61.48 -15.24
CA ALA C 625 -12.66 -61.87 -13.84
C ALA C 625 -11.50 -62.79 -13.51
N ILE C 626 -11.25 -63.79 -14.36
CA ILE C 626 -10.12 -64.69 -14.13
C ILE C 626 -8.82 -63.92 -14.22
N GLN C 627 -8.74 -62.96 -15.15
CA GLN C 627 -7.53 -62.15 -15.30
C GLN C 627 -7.15 -61.48 -13.98
N VAL C 628 -8.14 -60.92 -13.28
CA VAL C 628 -7.87 -60.31 -11.98
C VAL C 628 -7.44 -61.38 -10.99
N ARG C 629 -8.07 -62.56 -11.04
CA ARG C 629 -7.70 -63.65 -10.14
C ARG C 629 -6.26 -64.07 -10.33
N LYS C 630 -5.74 -63.96 -11.56
CA LYS C 630 -4.40 -64.46 -11.85
C LYS C 630 -3.31 -63.53 -11.31
N VAL C 631 -3.55 -62.22 -11.31
CA VAL C 631 -2.50 -61.26 -11.01
C VAL C 631 -2.62 -60.65 -9.61
N ILE C 632 -3.80 -60.68 -8.99
CA ILE C 632 -3.98 -60.10 -7.67
C ILE C 632 -4.35 -61.19 -6.68
N GLY C 633 -5.48 -61.85 -6.90
CA GLY C 633 -5.92 -62.92 -6.04
C GLY C 633 -7.40 -63.24 -6.21
N PRO C 634 -7.83 -64.37 -5.65
CA PRO C 634 -9.24 -64.74 -5.78
C PRO C 634 -10.21 -63.70 -5.22
N PHE C 635 -9.84 -63.02 -4.14
CA PHE C 635 -10.78 -62.10 -3.51
C PHE C 635 -11.07 -60.89 -4.39
N ALA C 636 -10.15 -60.54 -5.29
CA ALA C 636 -10.27 -59.33 -6.10
C ALA C 636 -11.14 -59.52 -7.33
N ALA C 637 -11.70 -60.69 -7.56
CA ALA C 637 -12.50 -60.91 -8.75
C ALA C 637 -13.76 -60.08 -8.70
N PRO C 638 -14.11 -59.35 -9.77
CA PRO C 638 -15.37 -58.61 -9.76
C PRO C 638 -16.56 -59.55 -9.69
N LYS C 639 -17.60 -59.14 -8.96
CA LYS C 639 -18.81 -59.96 -8.91
C LYS C 639 -19.71 -59.73 -10.11
N LYS C 640 -19.76 -58.51 -10.64
CA LYS C 640 -20.48 -58.22 -11.87
C LYS C 640 -19.69 -57.21 -12.66
N ILE C 641 -19.60 -57.41 -13.96
CA ILE C 641 -18.88 -56.52 -14.86
C ILE C 641 -19.89 -55.92 -15.83
N TYR C 642 -19.77 -54.61 -16.06
CA TYR C 642 -20.69 -53.87 -16.92
C TYR C 642 -19.92 -53.29 -18.09
N LEU C 643 -20.47 -53.49 -19.29
CA LEU C 643 -19.87 -52.99 -20.52
C LEU C 643 -20.46 -51.61 -20.83
N VAL C 644 -19.57 -50.62 -20.95
CA VAL C 644 -19.99 -49.24 -21.22
C VAL C 644 -19.08 -48.64 -22.28
N SER C 645 -19.63 -47.68 -23.03
CA SER C 645 -18.86 -47.04 -24.09
C SER C 645 -17.74 -46.18 -23.52
N ASP C 646 -18.01 -45.49 -22.42
CA ASP C 646 -17.01 -44.64 -21.78
C ASP C 646 -17.30 -44.59 -20.29
N LEU C 647 -16.39 -43.97 -19.53
CA LEU C 647 -16.51 -43.85 -18.09
C LEU C 647 -16.79 -42.40 -17.68
N PRO C 648 -17.45 -42.17 -16.55
CA PRO C 648 -17.62 -40.79 -16.07
C PRO C 648 -16.28 -40.16 -15.73
N LYS C 649 -16.03 -38.98 -16.33
CA LYS C 649 -14.75 -38.33 -16.24
C LYS C 649 -14.94 -36.83 -16.05
N THR C 650 -14.00 -36.22 -15.33
CA THR C 650 -13.96 -34.77 -15.21
C THR C 650 -13.26 -34.18 -16.43
N ARG C 651 -13.21 -32.85 -16.48
CA ARG C 651 -12.46 -32.17 -17.53
C ARG C 651 -10.95 -32.30 -17.34
N SER C 652 -10.49 -32.60 -16.13
CA SER C 652 -9.07 -32.82 -15.89
C SER C 652 -8.64 -34.23 -16.27
N GLY C 653 -9.56 -35.18 -16.33
CA GLY C 653 -9.27 -36.54 -16.74
C GLY C 653 -9.41 -37.59 -15.65
N LYS C 654 -9.75 -37.19 -14.42
CA LYS C 654 -9.92 -38.16 -13.36
C LYS C 654 -11.22 -38.93 -13.55
N ILE C 655 -11.18 -40.23 -13.25
CA ILE C 655 -12.35 -41.08 -13.36
C ILE C 655 -13.22 -40.90 -12.12
N MET C 656 -14.51 -40.68 -12.33
CA MET C 656 -15.43 -40.38 -11.23
C MET C 656 -16.02 -41.68 -10.69
N ARG C 657 -15.22 -42.33 -9.85
CA ARG C 657 -15.62 -43.61 -9.28
C ARG C 657 -16.75 -43.46 -8.28
N ARG C 658 -16.81 -42.33 -7.56
CA ARG C 658 -17.91 -42.10 -6.63
C ARG C 658 -19.25 -42.15 -7.36
N VAL C 659 -19.31 -41.65 -8.59
CA VAL C 659 -20.54 -41.68 -9.36
C VAL C 659 -21.01 -43.13 -9.53
N LEU C 660 -20.12 -44.00 -10.00
CA LEU C 660 -20.48 -45.40 -10.22
C LEU C 660 -20.85 -46.09 -8.91
N ARG C 661 -20.13 -45.78 -7.82
CA ARG C 661 -20.37 -46.46 -6.55
C ARG C 661 -21.79 -46.25 -6.05
N LYS C 662 -22.28 -45.00 -6.07
CA LYS C 662 -23.66 -44.76 -5.68
C LYS C 662 -24.65 -45.29 -6.73
N ILE C 663 -24.24 -45.37 -7.99
CA ILE C 663 -25.15 -45.86 -9.02
C ILE C 663 -25.49 -47.32 -8.76
N VAL C 664 -24.53 -48.09 -8.26
CA VAL C 664 -24.78 -49.49 -7.94
C VAL C 664 -25.44 -49.56 -6.56
N ALA C 665 -25.80 -48.41 -6.02
CA ALA C 665 -26.50 -48.29 -4.75
C ALA C 665 -27.81 -47.53 -4.98
N GLY C 666 -28.45 -47.14 -3.89
CA GLY C 666 -29.69 -46.38 -3.98
C GLY C 666 -29.57 -45.10 -4.76
N PRO C 680 -20.52 -36.21 -20.61
CA PRO C 680 -21.50 -35.99 -19.53
C PRO C 680 -22.78 -36.82 -19.73
N GLN C 681 -23.03 -37.23 -20.98
CA GLN C 681 -24.15 -38.12 -21.27
C GLN C 681 -23.91 -39.54 -20.78
N ILE C 682 -22.70 -39.86 -20.34
CA ILE C 682 -22.36 -41.21 -19.92
C ILE C 682 -23.19 -41.65 -18.73
N VAL C 683 -23.71 -40.71 -17.94
CA VAL C 683 -24.49 -41.08 -16.76
C VAL C 683 -25.75 -41.84 -17.15
N GLU C 684 -26.44 -41.40 -18.20
CA GLU C 684 -27.66 -42.07 -18.63
C GLU C 684 -27.38 -43.50 -19.08
N GLU C 685 -26.25 -43.72 -19.75
CA GLU C 685 -25.92 -45.06 -20.22
C GLU C 685 -25.61 -46.01 -19.06
N VAL C 686 -24.90 -45.51 -18.05
CA VAL C 686 -24.44 -46.38 -16.97
C VAL C 686 -25.62 -46.90 -16.14
N LYS C 687 -26.56 -46.02 -15.81
CA LYS C 687 -27.65 -46.42 -14.94
C LYS C 687 -28.60 -47.42 -15.60
N GLN C 688 -28.76 -47.32 -16.92
CA GLN C 688 -29.67 -48.23 -17.63
C GLN C 688 -29.16 -49.66 -17.68
N LYS C 689 -27.84 -49.85 -17.79
CA LYS C 689 -27.31 -51.20 -17.96
C LYS C 689 -27.39 -52.04 -16.69
N VAL C 690 -27.09 -51.44 -15.53
CA VAL C 690 -27.08 -52.22 -14.29
C VAL C 690 -28.46 -52.76 -13.94
N THR C 691 -29.51 -52.18 -14.48
CA THR C 691 -30.87 -52.64 -14.20
C THR C 691 -31.12 -53.97 -14.90
C1 EDO D . -2.56 30.04 4.72
O1 EDO D . -3.47 28.95 4.50
C2 EDO D . -1.66 29.75 5.91
O2 EDO D . -0.44 29.15 5.47
C1 EDO E . 15.28 5.76 2.87
O1 EDO E . 15.80 5.61 4.20
C2 EDO E . 14.58 7.10 2.74
O2 EDO E . 15.08 7.79 1.58
C1 YHK F . 5.89 23.24 -29.11
C10 YHK F . 4.79 23.43 -26.81
C11 YHK F . 4.92 24.14 -23.54
C12 YHK F . 6.38 24.36 -23.82
C13 YHK F . 5.93 24.02 -22.44
C2 YHK F . 6.08 24.32 -30.18
C3 YHK F . 6.06 25.58 -29.31
C4 YHK F . 7.61 25.80 -27.31
C5 YHK F . 9.35 26.63 -28.21
C6 YHK F . 8.43 26.47 -29.23
C7 YHK F . 9.84 27.28 -30.72
C8 YHK F . 10.60 27.19 -28.54
C9 YHK F . 4.82 23.90 -28.24
N1 YHK F . 7.32 25.92 -28.64
N2 YHK F . 8.81 26.22 -27.00
N3 YHK F . 8.62 26.78 -30.52
N4 YHK F . 10.81 27.51 -29.84
N5 YHK F . 11.58 27.40 -27.66
O1 YHK F . 5.39 22.01 -29.61
O2 YHK F . 5.09 25.32 -28.30
O3 YHK F . 5.02 24.33 -31.11
O4 YHK F . 3.62 23.94 -26.16
O5 YHK F . 2.55 21.85 -25.30
O6 YHK F . 4.39 22.92 -23.97
O7 YHK F . 2.14 24.06 -24.14
P1 YHK F . 3.07 23.16 -24.86
C1 EDO G . 11.80 -7.69 9.51
O1 EDO G . 10.61 -7.01 9.92
C2 EDO G . 12.11 -7.34 8.06
O2 EDO G . 13.24 -8.09 7.60
C1 YHK H . -2.66 13.66 34.67
C10 YHK H . -3.73 11.77 33.30
C11 YHK H . -3.37 8.35 32.87
C12 YHK H . -2.08 8.51 33.63
C13 YHK H . -2.23 7.39 32.66
C2 YHK H . -2.74 13.96 36.17
C3 YHK H . -3.15 12.60 36.74
C4 YHK H . -1.70 10.55 36.51
C5 YHK H . -0.35 10.77 38.13
C6 YHK H . -1.19 11.86 38.18
C7 YHK H . -0.17 12.67 39.95
C8 YHK H . 0.65 10.67 39.11
C9 YHK H . -3.84 12.71 34.49
N1 YHK H . -2.05 11.71 37.12
N2 YHK H . -0.68 9.94 37.07
N3 YHK H . -1.14 12.86 39.07
N4 YHK H . 0.71 11.67 40.03
N5 YHK H . 1.53 9.67 39.19
O1 YHK H . -2.86 14.79 33.82
O2 YHK H . -3.90 11.95 35.71
O3 YHK H . -3.72 14.93 36.47
O4 YHK H . -4.84 10.86 33.28
O5 YHK H . -6.09 9.00 32.17
O6 YHK H . -3.58 9.25 31.82
O7 YHK H . -5.13 10.90 30.80
P1 YHK H . -5.00 9.98 31.96
C1 YHK I . -4.72 -36.96 -6.16
C10 YHK I . -5.27 -34.79 -7.41
C11 YHK I . -3.97 -32.84 -10.03
C12 YHK I . -2.70 -33.62 -9.83
C13 YHK I . -2.64 -32.25 -10.41
C2 YHK I . -4.80 -38.41 -6.65
C3 YHK I . -4.75 -38.23 -8.16
C4 YHK I . -2.85 -37.06 -9.37
C5 YHK I . -1.39 -38.60 -9.48
C6 YHK I . -2.47 -39.14 -8.81
C7 YHK I . -1.45 -41.08 -8.58
C8 YHK I . -0.26 -39.42 -9.68
C9 YHK I . -5.60 -36.25 -7.18
N1 YHK I . -3.41 -38.15 -8.75
N2 YHK I . -1.64 -37.28 -9.82
N3 YHK I . -2.57 -40.40 -8.34
N4 YHK I . -0.34 -40.69 -9.21
N5 YHK I . 0.84 -39.03 -10.30
O1 YHK I . -5.23 -36.78 -4.85
O2 YHK I . -5.42 -36.99 -8.41
O3 YHK I . -6.01 -39.04 -6.27
O4 YHK I . -6.04 -34.29 -8.52
O5 YHK I . -6.80 -32.39 -9.97
O6 YHK I . -4.53 -32.30 -8.86
O7 YHK I . -6.59 -32.10 -7.48
P1 YHK I . -6.07 -32.70 -8.72
#